data_7B6X
#
_entry.id   7B6X
#
_cell.length_a   1.00
_cell.length_b   1.00
_cell.length_c   1.00
_cell.angle_alpha   90.00
_cell.angle_beta   90.00
_cell.angle_gamma   90.00
#
_symmetry.space_group_name_H-M   'P 1'
#
loop_
_entity.id
_entity.type
_entity.pdbx_description
1 polymer 'Trafficking protein particle complex subunit'
2 polymer GEO08327p1
3 polymer 'Trafficking protein particle complex subunit'
4 polymer 'Trafficking protein particle complex subunit'
5 polymer 'Probable trafficking protein particle complex subunit 2'
6 polymer 'Trafficking protein particle complex subunit 5'
7 polymer TRAPPC2L
#
loop_
_entity_poly.entity_id
_entity_poly.type
_entity_poly.pdbx_seq_one_letter_code
_entity_poly.pdbx_strand_id
1 'polypeptide(L)'
;MSRQASRLDAKKVNSEFLTLTYGALVTQMLRDFENAEDVNKQLERIGYNMGMRLIEDFLARTSAPRCLEMRETADRIQQA
FRIYLNIQPTISNWSPASDEFSLVFDSNPLTEFVELPPDLTNLRYSAILSGCIRGALEMVQLEVQCWFVQDQLKGDNVTE
LRVKFVRRLEEVIPAGED
;
A,G
2 'polypeptide(L)'
;MSEEILFDCLHAEIVNYCLDSNKEHDLATLEYIGFTTGYRLIERLTREVSRFKDELETMKFICTDFWMLIYKKQVDNLRT
NNHGMYVVQDKAFRFLTRISPGTKQLEHAPKFVAFTCGLVRGALSNLGINSTVTAEVQSIPACKFHIEVNRN
;
B
3 'polypeptide(L)'
;MTIFNLYIFDKFGTLLHYAEWNRTKKSGITREEEAKLTYGMLFSIKSFVSKISPHDPKEGFLYYKTNRYALHYLETPSGL
KFVLNTDTTAINVKELLQQLYAKVWVEFVVRDPLWTPGTVVTSELFQSKLDEFVRQSPIFGIRNI
;
C
4 'polypeptide(L)'
;MIIYGVYIVSKSGGLIFNLDNNVPRIEHEKTFTYPLDLVLDYDSKKVSVSFNRKDGINVGHVLVAVNGMPVNGVTLDDGR
DVRTTLDAPENYPINLKFSRPKMTTNEKIFLASMFYPLFAIASQLSPEPKSSGIEILEADTFTLHCFQTLTGIKFIIISE
TGLNGIDLLLRKVYELYSDYVLKNPFYSLEMPIRCELFDNKLQELLAQVEKTGISNIDK
;
D
5 'polypeptide(L)'
;MSTYYFVIVGQNDNPIYEKEFSTVNKELRKEDHRHLTQFIAHAALDLVDEHKWKTANMQLKSIDRFNQWFVSAFITASQI
RFIIVHDNKNDEGIKNFFNEMYDTYIKNSMNAFYRINTPIKSPMFEKKSEIFGRKYLLS
;
E
6 'polypeptide(L)'
;MEKLEALKISSMRPRSNILDRPLSKGKTEVSQSIVALLFSEIVQYSQSRVFTVPELQTRLHDLGQDVGTRIIDLYFVRER
SSKRETKLTQMLLFVKTTVWKNLFGKEAEKLEHANDDERTYYIIEKEPLVNTFISVPKDKGSLNCANFTAGIVEAVLTNC
GFPCKVTAHWHKGTTYMVKFEDFVIARDKQMEEK
;
F
7 'polypeptide(L)'
;MAFCIAVIGKDNAPLYLTTSDMEQELELQYHVNAALDVVEEKCLIGKGAPESKELYLGLLYSTENHKIYGFVTNTRVKFI
VVIDSSNVALRENEVRAIFRNLHLLYTDAICNPFYIPGESLTSKKFDRAVQKLMSGTA
;
H
#
# COMPACT_ATOMS: atom_id res chain seq x y z
N ALA A 10 12.31 -19.31 51.06
CA ALA A 10 11.87 -17.97 50.72
C ALA A 10 11.53 -17.84 49.24
N LYS A 11 10.30 -17.40 48.98
CA LYS A 11 9.82 -17.02 47.65
C LYS A 11 9.79 -18.21 46.69
N LYS A 12 9.04 -19.25 47.09
CA LYS A 12 8.55 -20.19 46.09
C LYS A 12 7.50 -19.52 45.22
N VAL A 13 6.61 -18.76 45.84
CA VAL A 13 5.53 -18.07 45.16
C VAL A 13 5.54 -16.62 45.61
N ASN A 14 5.94 -15.73 44.71
CA ASN A 14 5.84 -14.30 44.96
C ASN A 14 4.38 -13.89 45.14
N SER A 15 3.53 -14.33 44.22
CA SER A 15 2.13 -13.93 44.22
C SER A 15 1.24 -15.07 44.69
N GLU A 16 1.44 -15.44 45.95
CA GLU A 16 0.38 -16.06 46.73
C GLU A 16 -0.46 -15.00 47.42
N PHE A 17 0.03 -13.78 47.43
CA PHE A 17 -0.69 -12.61 47.88
C PHE A 17 -2.04 -12.46 47.18
N LEU A 18 -2.06 -12.71 45.88
CA LEU A 18 -3.25 -12.44 45.09
C LEU A 18 -4.45 -13.24 45.58
N THR A 19 -4.25 -14.53 45.84
CA THR A 19 -5.39 -15.37 46.22
C THR A 19 -6.01 -14.91 47.54
N LEU A 20 -5.19 -14.47 48.49
CA LEU A 20 -5.75 -13.92 49.71
C LEU A 20 -6.46 -12.59 49.45
N THR A 21 -5.94 -11.76 48.55
CA THR A 21 -6.70 -10.56 48.24
C THR A 21 -8.06 -10.92 47.66
N TYR A 22 -8.08 -11.91 46.77
CA TYR A 22 -9.33 -12.35 46.17
C TYR A 22 -10.29 -12.87 47.22
N GLY A 23 -9.79 -13.66 48.17
CA GLY A 23 -10.65 -14.12 49.25
C GLY A 23 -11.22 -12.96 50.06
N ALA A 24 -10.40 -11.93 50.29
CA ALA A 24 -10.92 -10.75 50.96
C ALA A 24 -12.05 -10.12 50.15
N LEU A 25 -11.87 -9.97 48.85
CA LEU A 25 -12.90 -9.35 48.03
C LEU A 25 -14.18 -10.18 48.02
N VAL A 26 -14.05 -11.51 47.92
CA VAL A 26 -15.25 -12.33 47.87
C VAL A 26 -16.00 -12.25 49.19
N THR A 27 -15.30 -12.29 50.32
CA THR A 27 -16.04 -12.21 51.57
C THR A 27 -16.59 -10.81 51.81
N GLN A 28 -15.90 -9.78 51.32
CA GLN A 28 -16.39 -8.42 51.51
C GLN A 28 -17.69 -8.21 50.75
N MET A 29 -17.71 -8.55 49.47
CA MET A 29 -18.97 -8.54 48.75
C MET A 29 -20.01 -9.40 49.43
N LEU A 30 -19.66 -10.64 49.76
CA LEU A 30 -20.63 -11.57 50.27
C LEU A 30 -21.29 -11.02 51.53
N ARG A 31 -20.52 -10.34 52.38
CA ARG A 31 -21.13 -9.60 53.48
C ARG A 31 -22.01 -8.46 52.95
N ASP A 32 -21.51 -7.72 51.95
CA ASP A 32 -22.28 -6.60 51.43
C ASP A 32 -23.55 -7.07 50.75
N PHE A 33 -23.42 -7.90 49.73
CA PHE A 33 -24.56 -8.38 48.97
C PHE A 33 -24.86 -9.78 49.47
N GLU A 34 -26.08 -10.01 49.92
CA GLU A 34 -26.37 -11.31 50.52
C GLU A 34 -26.29 -12.42 49.48
N ASN A 35 -26.61 -12.12 48.23
CA ASN A 35 -26.85 -13.18 47.26
C ASN A 35 -25.57 -13.61 46.58
N ALA A 36 -25.45 -14.92 46.38
CA ALA A 36 -24.37 -15.42 45.55
C ALA A 36 -24.48 -14.86 44.14
N GLU A 37 -25.69 -14.59 43.70
CA GLU A 37 -25.89 -14.10 42.34
C GLU A 37 -25.32 -12.69 42.16
N ASP A 38 -25.61 -11.80 43.11
CA ASP A 38 -25.08 -10.45 42.99
C ASP A 38 -23.57 -10.46 42.91
N VAL A 39 -22.92 -11.17 43.83
CA VAL A 39 -21.48 -11.21 43.77
C VAL A 39 -21.02 -11.94 42.52
N ASN A 40 -21.84 -12.83 41.98
CA ASN A 40 -21.47 -13.43 40.70
C ASN A 40 -21.33 -12.36 39.63
N LYS A 41 -22.30 -11.46 39.55
CA LYS A 41 -22.17 -10.39 38.56
C LYS A 41 -20.97 -9.48 38.85
N GLN A 42 -20.74 -9.13 40.12
CA GLN A 42 -19.55 -8.33 40.39
C GLN A 42 -18.27 -9.06 40.00
N LEU A 43 -18.17 -10.34 40.32
CA LEU A 43 -16.97 -11.08 39.93
C LEU A 43 -16.82 -11.10 38.41
N GLU A 44 -17.91 -11.32 37.70
CA GLU A 44 -17.84 -11.41 36.25
C GLU A 44 -17.38 -10.09 35.65
N ARG A 45 -17.99 -8.99 36.07
CA ARG A 45 -17.62 -7.70 35.48
C ARG A 45 -16.22 -7.29 35.91
N ILE A 46 -15.83 -7.62 37.14
CA ILE A 46 -14.51 -7.21 37.56
C ILE A 46 -13.45 -8.04 36.86
N GLY A 47 -13.74 -9.31 36.62
CA GLY A 47 -12.91 -10.09 35.73
C GLY A 47 -12.89 -9.50 34.34
N TYR A 48 -14.02 -8.98 33.88
CA TYR A 48 -14.08 -8.34 32.58
C TYR A 48 -13.07 -7.22 32.47
N ASN A 49 -13.11 -6.29 33.43
CA ASN A 49 -12.17 -5.17 33.38
C ASN A 49 -10.74 -5.65 33.55
N MET A 50 -10.53 -6.63 34.43
CA MET A 50 -9.18 -7.15 34.64
C MET A 50 -8.64 -7.81 33.38
N GLY A 51 -9.44 -8.64 32.72
CA GLY A 51 -9.01 -9.28 31.50
C GLY A 51 -8.79 -8.30 30.39
N MET A 52 -9.56 -7.22 30.36
CA MET A 52 -9.29 -6.15 29.42
C MET A 52 -7.92 -5.55 29.69
N ARG A 53 -7.59 -5.36 30.98
CA ARG A 53 -6.25 -4.91 31.32
C ARG A 53 -5.18 -5.91 30.90
N LEU A 54 -5.43 -7.21 31.09
CA LEU A 54 -4.41 -8.24 30.95
C LEU A 54 -4.15 -8.71 29.53
N ILE A 55 -5.16 -8.65 28.65
CA ILE A 55 -4.98 -9.22 27.33
C ILE A 55 -3.96 -8.43 26.53
N GLU A 56 -3.94 -7.11 26.69
CA GLU A 56 -2.97 -6.30 25.97
C GLU A 56 -1.55 -6.65 26.38
N ASP A 57 -1.32 -6.90 27.67
CA ASP A 57 0.01 -7.30 28.10
C ASP A 57 0.34 -8.70 27.60
N PHE A 58 -0.66 -9.59 27.59
CA PHE A 58 -0.42 -10.92 27.05
C PHE A 58 -0.04 -10.86 25.59
N LEU A 59 -0.58 -9.90 24.86
CA LEU A 59 -0.21 -9.75 23.46
C LEU A 59 1.05 -8.89 23.27
N ALA A 60 1.48 -8.18 24.31
CA ALA A 60 2.79 -7.54 24.26
C ALA A 60 3.89 -8.56 24.46
N ARG A 61 3.64 -9.58 25.27
CA ARG A 61 4.64 -10.61 25.50
C ARG A 61 4.55 -11.72 24.46
N THR A 62 3.44 -12.45 24.43
CA THR A 62 3.34 -13.55 23.49
C THR A 62 3.26 -13.05 22.06
N SER A 63 2.86 -11.80 21.86
CA SER A 63 2.90 -11.15 20.54
C SER A 63 2.23 -12.02 19.49
N ALA A 64 1.05 -12.49 19.84
CA ALA A 64 0.25 -13.33 18.96
C ALA A 64 -0.29 -12.51 17.80
N PRO A 65 -0.49 -13.13 16.65
CA PRO A 65 -0.98 -12.37 15.50
C PRO A 65 -2.38 -11.82 15.70
N ARG A 66 -3.33 -12.72 15.89
CA ARG A 66 -4.66 -12.59 16.48
C ARG A 66 -5.33 -13.94 16.25
N CYS A 67 -6.38 -14.19 17.01
CA CYS A 67 -6.99 -15.51 17.02
C CYS A 67 -8.08 -15.58 15.96
N LEU A 68 -7.85 -16.39 14.93
CA LEU A 68 -8.85 -16.66 13.93
C LEU A 68 -9.34 -18.09 13.95
N GLU A 69 -8.98 -18.86 14.97
CA GLU A 69 -9.29 -20.28 14.99
C GLU A 69 -9.28 -20.74 16.44
N MET A 70 -10.28 -21.54 16.85
CA MET A 70 -10.39 -21.89 18.26
C MET A 70 -9.23 -22.73 18.78
N ARG A 71 -8.59 -23.56 17.96
CA ARG A 71 -7.40 -24.22 18.47
C ARG A 71 -6.34 -23.18 18.85
N GLU A 72 -6.18 -22.15 18.03
CA GLU A 72 -5.27 -21.06 18.37
C GLU A 72 -5.71 -20.36 19.65
N THR A 73 -7.02 -20.09 19.78
CA THR A 73 -7.50 -19.44 20.98
C THR A 73 -7.15 -20.27 22.22
N ALA A 74 -7.36 -21.57 22.14
CA ALA A 74 -7.07 -22.44 23.28
C ALA A 74 -5.60 -22.39 23.63
N ASP A 75 -4.73 -22.52 22.63
CA ASP A 75 -3.30 -22.47 22.92
C ASP A 75 -2.91 -21.13 23.52
N ARG A 76 -3.45 -20.05 22.98
CA ARG A 76 -3.11 -18.73 23.48
C ARG A 76 -3.52 -18.56 24.93
N ILE A 77 -4.76 -18.90 25.26
CA ILE A 77 -5.22 -18.63 26.62
C ILE A 77 -4.54 -19.56 27.61
N GLN A 78 -4.32 -20.82 27.25
CA GLN A 78 -3.62 -21.68 28.20
C GLN A 78 -2.18 -21.21 28.38
N GLN A 79 -1.58 -20.64 27.33
CA GLN A 79 -0.28 -20.01 27.47
C GLN A 79 -0.35 -18.83 28.41
N ALA A 80 -1.41 -18.03 28.33
CA ALA A 80 -1.55 -16.91 29.25
C ALA A 80 -1.66 -17.40 30.69
N PHE A 81 -2.41 -18.47 30.91
CA PHE A 81 -2.47 -19.09 32.24
C PHE A 81 -1.09 -19.53 32.70
N ARG A 82 -0.32 -20.11 31.80
CA ARG A 82 1.06 -20.44 32.09
C ARG A 82 1.83 -19.20 32.54
N ILE A 83 1.63 -18.08 31.86
CA ILE A 83 2.50 -16.94 32.09
C ILE A 83 1.91 -15.98 33.12
N TYR A 84 0.63 -16.10 33.45
CA TYR A 84 0.03 -15.16 34.40
C TYR A 84 -0.24 -15.80 35.75
N LEU A 85 -0.92 -16.93 35.78
CA LEU A 85 -1.16 -17.63 37.03
C LEU A 85 -0.25 -18.83 37.23
N ASN A 86 0.79 -18.97 36.40
CA ASN A 86 1.74 -20.06 36.51
C ASN A 86 1.03 -21.41 36.61
N ILE A 87 0.04 -21.62 35.76
CA ILE A 87 -0.68 -22.88 35.77
C ILE A 87 -0.66 -23.45 34.36
N GLN A 88 -0.92 -24.75 34.28
CA GLN A 88 -0.83 -25.49 33.02
C GLN A 88 -2.17 -26.13 32.77
N PRO A 89 -3.15 -25.38 32.27
CA PRO A 89 -4.42 -25.98 31.87
C PRO A 89 -4.20 -26.78 30.60
N THR A 90 -4.83 -27.95 30.51
CA THR A 90 -4.67 -28.80 29.35
C THR A 90 -5.95 -28.81 28.54
N ILE A 91 -5.87 -28.35 27.29
CA ILE A 91 -7.04 -28.23 26.45
C ILE A 91 -7.62 -29.61 26.20
N SER A 92 -8.94 -29.73 26.30
CA SER A 92 -9.58 -31.01 26.04
C SER A 92 -11.05 -30.78 25.72
N ASN A 93 -11.71 -31.87 25.35
CA ASN A 93 -13.15 -31.89 25.11
C ASN A 93 -13.55 -30.83 24.09
N TRP A 94 -13.06 -31.02 22.88
CA TRP A 94 -13.42 -30.11 21.80
C TRP A 94 -14.85 -30.37 21.35
N SER A 95 -15.49 -29.31 20.86
CA SER A 95 -16.76 -29.45 20.18
C SER A 95 -16.57 -30.13 18.83
N PRO A 96 -17.55 -30.91 18.39
CA PRO A 96 -17.53 -31.35 16.98
C PRO A 96 -17.40 -30.16 16.07
N ALA A 97 -18.08 -29.07 16.42
CA ALA A 97 -17.94 -27.83 15.70
C ALA A 97 -16.76 -27.01 16.19
N SER A 98 -15.96 -27.53 17.11
CA SER A 98 -14.78 -26.88 17.63
C SER A 98 -15.10 -25.62 18.43
N ASP A 99 -16.34 -25.47 18.89
CA ASP A 99 -16.69 -24.30 19.69
C ASP A 99 -16.28 -24.48 21.14
N GLU A 100 -16.61 -25.61 21.75
CA GLU A 100 -16.26 -25.84 23.15
C GLU A 100 -14.88 -26.47 23.29
N PHE A 101 -14.20 -26.08 24.35
CA PHE A 101 -13.01 -26.79 24.81
C PHE A 101 -12.87 -26.57 26.31
N SER A 102 -12.13 -27.46 26.94
CA SER A 102 -12.08 -27.55 28.40
C SER A 102 -10.65 -27.38 28.89
N LEU A 103 -10.50 -26.66 30.00
CA LEU A 103 -9.21 -26.26 30.55
C LEU A 103 -9.02 -26.92 31.90
N VAL A 104 -8.10 -27.89 31.96
CA VAL A 104 -8.02 -28.81 33.09
C VAL A 104 -7.11 -28.19 34.14
N PHE A 105 -7.70 -27.63 35.19
CA PHE A 105 -6.97 -27.10 36.34
C PHE A 105 -7.03 -28.11 37.47
N ASP A 106 -5.92 -28.80 37.71
CA ASP A 106 -5.84 -29.67 38.88
C ASP A 106 -5.92 -28.85 40.16
N SER A 107 -5.14 -27.79 40.23
CA SER A 107 -5.21 -26.83 41.32
C SER A 107 -5.63 -25.51 40.72
N ASN A 108 -6.85 -25.08 40.99
CA ASN A 108 -7.15 -23.70 40.73
C ASN A 108 -6.12 -22.90 41.50
N PRO A 109 -5.18 -22.25 40.80
CA PRO A 109 -4.09 -21.59 41.51
C PRO A 109 -4.59 -20.50 42.42
N LEU A 110 -5.62 -19.78 41.99
CA LEU A 110 -6.10 -18.61 42.69
C LEU A 110 -6.85 -18.97 43.96
N THR A 111 -6.98 -20.25 44.28
CA THR A 111 -7.56 -20.70 45.53
C THR A 111 -6.66 -21.74 46.20
N GLU A 112 -6.35 -21.52 47.47
CA GLU A 112 -5.65 -22.48 48.33
C GLU A 112 -6.49 -22.70 49.58
N PHE A 113 -7.41 -23.67 49.50
CA PHE A 113 -8.46 -23.89 50.49
C PHE A 113 -9.07 -22.56 50.92
N VAL A 114 -9.66 -21.87 49.94
CA VAL A 114 -10.44 -20.68 50.26
C VAL A 114 -11.52 -21.05 51.27
N GLU A 115 -12.30 -22.09 50.96
CA GLU A 115 -13.18 -22.85 51.84
C GLU A 115 -13.86 -23.98 51.09
N LEU A 116 -13.74 -25.21 51.58
CA LEU A 116 -14.43 -26.24 50.82
C LEU A 116 -15.93 -26.15 51.11
N PRO A 117 -16.41 -26.33 52.34
CA PRO A 117 -17.77 -25.88 52.66
C PRO A 117 -17.76 -24.48 53.25
N PRO A 118 -18.28 -23.48 52.53
CA PRO A 118 -18.80 -22.27 53.19
C PRO A 118 -20.29 -22.31 53.44
N ASP A 119 -20.93 -23.47 53.22
CA ASP A 119 -22.37 -23.68 53.29
C ASP A 119 -23.12 -22.89 52.23
N LEU A 120 -22.53 -22.71 51.06
CA LEU A 120 -23.07 -21.77 50.07
C LEU A 120 -22.82 -22.31 48.66
N THR A 121 -23.78 -23.05 48.14
CA THR A 121 -23.79 -23.26 46.70
C THR A 121 -24.24 -21.97 46.03
N ASN A 122 -24.11 -21.92 44.69
CA ASN A 122 -24.33 -20.73 43.86
C ASN A 122 -23.17 -19.76 43.98
N LEU A 123 -22.34 -19.88 45.00
CA LEU A 123 -21.18 -19.01 45.12
C LEU A 123 -20.07 -19.67 44.32
N ARG A 124 -19.81 -19.15 43.13
CA ARG A 124 -18.77 -19.68 42.26
C ARG A 124 -17.56 -18.77 42.28
N TYR A 125 -16.38 -19.36 42.44
CA TYR A 125 -15.16 -18.61 42.66
C TYR A 125 -14.52 -18.18 41.35
N SER A 126 -14.40 -19.11 40.42
CA SER A 126 -13.72 -18.90 39.16
C SER A 126 -14.42 -17.88 38.27
N ALA A 127 -15.52 -17.30 38.74
CA ALA A 127 -16.19 -16.28 37.94
C ALA A 127 -15.24 -15.15 37.60
N ILE A 128 -14.24 -14.89 38.44
CA ILE A 128 -13.23 -13.91 38.11
C ILE A 128 -12.48 -14.32 36.85
N LEU A 129 -12.14 -15.60 36.74
CA LEU A 129 -11.50 -16.10 35.53
C LEU A 129 -12.42 -15.93 34.33
N SER A 130 -13.70 -16.25 34.52
CA SER A 130 -14.65 -16.15 33.41
C SER A 130 -14.71 -14.72 32.89
N GLY A 131 -14.81 -13.76 33.82
CA GLY A 131 -14.80 -12.36 33.41
C GLY A 131 -13.52 -11.99 32.70
N CYS A 132 -12.38 -12.44 33.22
CA CYS A 132 -11.11 -12.09 32.59
C CYS A 132 -11.03 -12.64 31.18
N ILE A 133 -11.44 -13.89 31.00
CA ILE A 133 -11.32 -14.53 29.69
C ILE A 133 -12.22 -13.83 28.69
N ARG A 134 -13.45 -13.47 29.11
CA ARG A 134 -14.36 -12.83 28.17
C ARG A 134 -13.91 -11.42 27.82
N GLY A 135 -13.51 -10.63 28.82
CA GLY A 135 -13.08 -9.27 28.53
C GLY A 135 -11.84 -9.24 27.68
N ALA A 136 -10.89 -10.11 27.99
CA ALA A 136 -9.75 -10.30 27.11
C ALA A 136 -10.21 -10.60 25.69
N LEU A 137 -11.09 -11.59 25.54
CA LEU A 137 -11.45 -12.04 24.20
C LEU A 137 -12.12 -10.93 23.40
N GLU A 138 -13.03 -10.18 24.02
CA GLU A 138 -13.67 -9.11 23.28
C GLU A 138 -12.69 -7.99 22.93
N MET A 139 -11.65 -7.75 23.73
CA MET A 139 -10.57 -6.91 23.19
C MET A 139 -10.05 -7.40 21.84
N VAL A 140 -9.99 -8.71 21.63
CA VAL A 140 -9.46 -9.24 20.38
C VAL A 140 -10.58 -9.68 19.44
N GLN A 141 -11.79 -9.15 19.62
CA GLN A 141 -12.89 -9.37 18.69
C GLN A 141 -13.26 -10.84 18.63
N LEU A 142 -13.67 -11.38 19.77
CA LEU A 142 -14.10 -12.75 19.89
C LEU A 142 -15.12 -12.80 21.02
N GLU A 143 -16.40 -12.68 20.68
CA GLU A 143 -17.43 -12.77 21.70
C GLU A 143 -17.72 -14.24 21.94
N VAL A 144 -17.18 -14.75 23.03
CA VAL A 144 -17.40 -16.11 23.46
C VAL A 144 -17.92 -16.07 24.89
N GLN A 145 -18.98 -16.82 25.15
CA GLN A 145 -19.50 -16.96 26.49
C GLN A 145 -18.60 -17.88 27.29
N CYS A 146 -18.59 -17.72 28.61
CA CYS A 146 -17.75 -18.52 29.46
C CYS A 146 -18.51 -18.99 30.69
N TRP A 147 -18.29 -20.24 31.08
CA TRP A 147 -18.87 -20.79 32.29
C TRP A 147 -17.98 -21.94 32.76
N PHE A 148 -18.50 -22.76 33.68
CA PHE A 148 -17.65 -23.70 34.40
C PHE A 148 -18.34 -25.05 34.57
N VAL A 149 -17.98 -26.00 33.72
CA VAL A 149 -18.63 -27.30 33.71
C VAL A 149 -18.33 -28.07 34.99
N GLN A 150 -17.09 -28.02 35.46
CA GLN A 150 -16.73 -28.65 36.73
C GLN A 150 -15.94 -27.66 37.57
N ASP A 151 -16.05 -27.82 38.89
CA ASP A 151 -15.40 -26.90 39.82
C ASP A 151 -15.15 -27.65 41.12
N GLN A 152 -13.88 -27.81 41.47
CA GLN A 152 -13.51 -28.58 42.65
C GLN A 152 -14.26 -28.11 43.87
N LEU A 153 -14.28 -26.81 44.09
CA LEU A 153 -14.86 -26.25 45.30
C LEU A 153 -16.31 -26.66 45.45
N LYS A 154 -17.04 -26.69 44.37
CA LYS A 154 -18.44 -27.08 44.48
C LYS A 154 -18.62 -28.59 44.60
N GLY A 155 -17.58 -29.31 44.97
CA GLY A 155 -17.65 -30.75 45.14
C GLY A 155 -16.96 -31.57 44.09
N ASP A 156 -16.26 -30.95 43.15
CA ASP A 156 -15.63 -31.72 42.06
C ASP A 156 -14.19 -32.04 42.40
N ASN A 157 -13.58 -32.82 41.51
CA ASN A 157 -12.18 -33.20 41.65
C ASN A 157 -11.27 -32.38 40.76
N VAL A 158 -11.79 -31.82 39.69
CA VAL A 158 -11.03 -30.94 38.82
C VAL A 158 -11.91 -29.74 38.48
N THR A 159 -11.33 -28.56 38.49
CA THR A 159 -12.08 -27.36 38.13
C THR A 159 -11.91 -27.11 36.65
N GLU A 160 -13.03 -27.07 35.93
CA GLU A 160 -13.02 -27.06 34.47
C GLU A 160 -13.84 -25.91 33.95
N LEU A 161 -13.17 -24.94 33.35
CA LEU A 161 -13.82 -23.83 32.66
C LEU A 161 -14.29 -24.32 31.31
N ARG A 162 -15.39 -23.75 30.82
CA ARG A 162 -15.90 -24.05 29.49
C ARG A 162 -16.14 -22.76 28.72
N VAL A 163 -15.70 -22.73 27.47
CA VAL A 163 -16.02 -21.66 26.55
C VAL A 163 -16.45 -22.28 25.22
N LYS A 164 -17.47 -21.68 24.61
CA LYS A 164 -18.04 -22.12 23.35
C LYS A 164 -18.11 -20.94 22.41
N PHE A 165 -17.64 -21.11 21.17
CA PHE A 165 -17.58 -19.97 20.26
C PHE A 165 -18.98 -19.56 19.87
N VAL A 166 -19.41 -18.40 20.35
CA VAL A 166 -20.77 -17.95 20.10
C VAL A 166 -20.85 -17.08 18.86
N ARG A 167 -19.99 -16.08 18.76
CA ARG A 167 -20.06 -15.18 17.63
C ARG A 167 -18.69 -14.61 17.34
N ARG A 168 -18.46 -14.34 16.06
CA ARG A 168 -17.25 -13.67 15.61
C ARG A 168 -17.57 -12.19 15.48
N LEU A 169 -17.17 -11.40 16.48
CA LEU A 169 -17.34 -9.97 16.36
C LEU A 169 -16.48 -9.45 15.21
N GLU A 170 -16.95 -8.39 14.59
CA GLU A 170 -16.19 -7.73 13.55
C GLU A 170 -16.21 -6.23 13.75
N GLU A 171 -15.06 -5.61 13.54
CA GLU A 171 -14.97 -4.16 13.50
C GLU A 171 -15.83 -3.62 12.38
N VAL A 172 -16.56 -2.54 12.66
CA VAL A 172 -17.49 -1.93 11.72
C VAL A 172 -17.36 -0.41 11.88
N ILE A 173 -18.18 0.34 11.14
CA ILE A 173 -18.38 1.78 11.25
C ILE A 173 -17.03 2.49 11.31
N PRO A 174 -16.34 2.61 10.17
CA PRO A 174 -14.96 3.06 9.96
C PRO A 174 -14.64 4.37 10.66
N SER B 2 6.04 -12.24 35.29
CA SER B 2 5.65 -10.86 35.60
C SER B 2 4.36 -10.87 36.40
N GLU B 3 4.39 -11.57 37.53
CA GLU B 3 3.20 -11.85 38.30
C GLU B 3 2.58 -10.61 38.93
N GLU B 4 3.29 -9.49 38.96
CA GLU B 4 2.76 -8.31 39.64
C GLU B 4 1.54 -7.75 38.94
N ILE B 5 1.44 -7.96 37.62
CA ILE B 5 0.45 -7.22 36.84
C ILE B 5 -0.94 -7.52 37.33
N LEU B 6 -1.19 -8.77 37.73
CA LEU B 6 -2.46 -9.10 38.34
C LEU B 6 -2.76 -8.18 39.51
N PHE B 7 -1.82 -8.05 40.44
CA PHE B 7 -2.13 -7.29 41.63
C PHE B 7 -2.24 -5.80 41.32
N ASP B 8 -1.41 -5.29 40.40
CA ASP B 8 -1.55 -3.88 40.05
C ASP B 8 -2.93 -3.60 39.49
N CYS B 9 -3.40 -4.44 38.57
CA CYS B 9 -4.73 -4.23 38.00
C CYS B 9 -5.82 -4.36 39.06
N LEU B 10 -5.70 -5.37 39.93
CA LEU B 10 -6.76 -5.63 40.91
C LEU B 10 -6.85 -4.52 41.94
N HIS B 11 -5.71 -4.09 42.47
CA HIS B 11 -5.75 -2.94 43.37
C HIS B 11 -6.21 -1.70 42.63
N ALA B 12 -5.90 -1.56 41.34
CA ALA B 12 -6.38 -0.43 40.58
C ALA B 12 -7.91 -0.40 40.58
N GLU B 13 -8.52 -1.55 40.28
CA GLU B 13 -9.98 -1.56 40.23
C GLU B 13 -10.58 -1.37 41.62
N ILE B 14 -9.90 -1.78 42.68
CA ILE B 14 -10.35 -1.41 44.02
C ILE B 14 -10.30 0.10 44.20
N VAL B 15 -9.22 0.73 43.75
CA VAL B 15 -9.18 2.20 43.77
C VAL B 15 -10.38 2.74 43.03
N ASN B 16 -10.84 2.02 42.01
CA ASN B 16 -12.03 2.45 41.30
C ASN B 16 -13.26 2.45 42.19
N TYR B 17 -13.77 1.30 42.59
CA TYR B 17 -15.09 1.34 43.21
C TYR B 17 -14.93 1.54 44.71
N CYS B 18 -15.61 2.55 45.21
CA CYS B 18 -15.75 2.81 46.63
C CYS B 18 -17.21 3.16 46.84
N LEU B 19 -17.96 2.23 47.41
CA LEU B 19 -19.38 2.48 47.64
C LEU B 19 -19.54 3.38 48.85
N ASP B 20 -20.59 4.19 48.84
CA ASP B 20 -20.67 5.29 49.78
C ASP B 20 -20.99 4.87 51.20
N SER B 21 -21.26 3.58 51.45
CA SER B 21 -21.61 3.14 52.80
C SER B 21 -20.47 3.40 53.77
N ASN B 22 -19.28 2.94 53.44
CA ASN B 22 -18.06 3.22 54.20
C ASN B 22 -17.00 3.66 53.20
N LYS B 23 -16.07 4.49 53.68
CA LYS B 23 -14.93 4.76 52.83
C LYS B 23 -14.19 3.45 52.56
N GLU B 24 -13.55 2.89 53.57
CA GLU B 24 -12.74 1.70 53.38
C GLU B 24 -13.52 0.53 53.90
N HIS B 25 -14.21 -0.14 52.98
CA HIS B 25 -14.79 -1.43 53.31
C HIS B 25 -13.71 -2.47 53.53
N ASP B 26 -12.45 -2.15 53.19
CA ASP B 26 -11.37 -3.13 53.25
C ASP B 26 -11.08 -3.54 54.68
N LEU B 27 -11.51 -4.74 55.03
CA LEU B 27 -11.05 -5.34 56.26
C LEU B 27 -9.60 -5.82 56.07
N ALA B 28 -8.97 -6.18 57.17
CA ALA B 28 -7.53 -6.41 57.17
C ALA B 28 -7.15 -7.88 57.04
N THR B 29 -8.11 -8.80 56.84
CA THR B 29 -7.75 -10.21 56.77
C THR B 29 -6.69 -10.44 55.71
N LEU B 30 -6.68 -9.60 54.67
CA LEU B 30 -5.58 -9.60 53.74
C LEU B 30 -4.26 -9.43 54.49
N GLU B 31 -4.18 -8.40 55.33
CA GLU B 31 -2.95 -8.14 56.05
C GLU B 31 -2.61 -9.27 57.02
N TYR B 32 -3.58 -9.74 57.80
CA TYR B 32 -3.32 -10.80 58.76
C TYR B 32 -2.76 -12.05 58.06
N ILE B 33 -3.56 -12.64 57.17
CA ILE B 33 -3.12 -13.86 56.52
C ILE B 33 -1.86 -13.62 55.71
N GLY B 34 -1.67 -12.41 55.19
CA GLY B 34 -0.48 -12.12 54.41
C GLY B 34 0.79 -12.15 55.23
N PHE B 35 0.77 -11.52 56.42
CA PHE B 35 1.99 -11.58 57.23
C PHE B 35 2.21 -12.99 57.73
N THR B 36 1.13 -13.74 57.99
CA THR B 36 1.34 -15.14 58.37
C THR B 36 1.99 -15.92 57.25
N THR B 37 1.61 -15.65 56.01
CA THR B 37 2.26 -16.29 54.86
C THR B 37 3.73 -15.90 54.77
N GLY B 38 4.00 -14.59 54.77
CA GLY B 38 5.38 -14.14 54.71
C GLY B 38 6.21 -14.76 55.80
N TYR B 39 5.62 -14.95 56.97
CA TYR B 39 6.33 -15.56 58.08
C TYR B 39 6.42 -17.07 57.92
N ARG B 40 5.56 -17.67 57.11
CA ARG B 40 5.85 -19.03 56.66
C ARG B 40 7.14 -19.04 55.87
N LEU B 41 7.34 -18.01 55.04
CA LEU B 41 8.65 -17.84 54.42
C LEU B 41 9.68 -17.32 55.43
N ILE B 42 9.27 -16.56 56.44
CA ILE B 42 10.18 -16.21 57.55
C ILE B 42 10.05 -17.34 58.57
N GLU B 43 10.63 -18.48 58.24
CA GLU B 43 10.76 -19.55 59.21
C GLU B 43 12.03 -19.37 60.02
N ARG B 44 12.72 -18.24 59.81
CA ARG B 44 13.90 -17.87 60.55
C ARG B 44 13.93 -16.36 60.65
N LEU B 45 14.01 -15.82 61.86
CA LEU B 45 14.34 -14.42 62.03
C LEU B 45 15.22 -14.28 63.25
N THR B 46 16.01 -13.20 63.25
CA THR B 46 17.10 -13.04 64.21
C THR B 46 16.58 -12.82 65.62
N ARG B 47 16.13 -13.89 66.26
CA ARG B 47 15.83 -13.87 67.68
C ARG B 47 16.40 -15.14 68.28
N GLU B 48 16.97 -15.01 69.47
CA GLU B 48 17.80 -16.06 70.04
C GLU B 48 16.97 -17.32 70.33
N VAL B 49 17.68 -18.44 70.38
CA VAL B 49 17.03 -19.74 70.58
C VAL B 49 16.40 -19.82 71.97
N SER B 50 17.01 -19.20 72.97
CA SER B 50 16.47 -19.25 74.33
C SER B 50 15.31 -18.29 74.50
N ARG B 51 14.27 -18.74 75.22
CA ARG B 51 13.01 -18.02 75.28
C ARG B 51 13.04 -16.79 76.19
N PHE B 52 13.76 -16.82 77.31
CA PHE B 52 13.73 -15.71 78.26
C PHE B 52 14.32 -14.43 77.69
N LYS B 53 15.51 -14.47 77.10
CA LYS B 53 16.15 -13.25 76.63
C LYS B 53 15.35 -12.70 75.46
N ASP B 54 14.52 -11.70 75.74
CA ASP B 54 13.56 -11.17 74.78
C ASP B 54 14.20 -10.05 73.97
N GLU B 55 14.33 -10.27 72.66
CA GLU B 55 14.83 -9.27 71.73
C GLU B 55 13.70 -8.82 70.82
N LEU B 56 13.56 -7.51 70.71
CA LEU B 56 12.54 -6.90 69.87
C LEU B 56 13.14 -6.53 68.53
N GLU B 57 12.40 -6.82 67.46
CA GLU B 57 12.85 -6.52 66.11
C GLU B 57 12.09 -5.31 65.60
N THR B 58 12.82 -4.24 65.30
CA THR B 58 12.10 -3.06 64.87
C THR B 58 11.22 -3.42 63.68
N MET B 59 9.90 -3.37 63.89
CA MET B 59 8.96 -3.60 62.80
C MET B 59 9.24 -2.66 61.64
N LYS B 60 10.02 -1.61 61.88
CA LYS B 60 10.60 -0.86 60.78
C LYS B 60 11.41 -1.77 59.89
N PHE B 61 12.35 -2.52 60.48
CA PHE B 61 13.15 -3.46 59.71
C PHE B 61 12.29 -4.57 59.13
N ILE B 62 11.37 -5.10 59.92
CA ILE B 62 10.55 -6.19 59.41
C ILE B 62 9.67 -5.68 58.28
N CYS B 63 9.30 -4.40 58.34
CA CYS B 63 8.59 -3.75 57.26
C CYS B 63 9.45 -3.65 56.03
N THR B 64 10.73 -3.33 56.20
CA THR B 64 11.67 -3.36 55.08
C THR B 64 11.62 -4.73 54.40
N ASP B 65 11.77 -5.78 55.21
CA ASP B 65 11.83 -7.14 54.66
C ASP B 65 10.51 -7.53 54.01
N PHE B 66 9.39 -7.15 54.63
CA PHE B 66 8.08 -7.49 54.07
C PHE B 66 7.86 -6.78 52.74
N TRP B 67 8.36 -5.56 52.61
CA TRP B 67 8.34 -4.91 51.32
C TRP B 67 9.16 -5.70 50.30
N MET B 68 10.35 -6.14 50.69
CA MET B 68 11.12 -6.96 49.76
C MET B 68 10.36 -8.24 49.39
N LEU B 69 9.53 -8.75 50.29
CA LEU B 69 8.73 -9.90 49.96
C LEU B 69 7.53 -9.55 49.09
N ILE B 70 7.06 -8.31 49.17
CA ILE B 70 5.87 -7.90 48.44
C ILE B 70 6.15 -6.65 47.62
N TYR B 71 6.45 -5.55 48.31
CA TYR B 71 6.62 -4.26 47.66
C TYR B 71 7.94 -4.14 46.93
N LYS B 72 8.92 -4.99 47.27
CA LYS B 72 10.13 -5.23 46.51
C LYS B 72 11.14 -4.09 46.54
N LYS B 73 10.72 -2.91 46.93
CA LYS B 73 11.60 -1.75 46.91
C LYS B 73 11.65 -1.19 48.32
N GLN B 74 12.82 -0.67 48.70
CA GLN B 74 13.17 -0.52 50.09
C GLN B 74 12.61 0.76 50.69
N VAL B 75 12.24 0.70 51.97
CA VAL B 75 11.82 1.90 52.67
C VAL B 75 13.05 2.74 53.02
N ASP B 76 12.96 4.05 52.75
CA ASP B 76 14.15 4.88 52.62
C ASP B 76 14.44 5.72 53.87
N ASN B 77 13.51 6.60 54.24
CA ASN B 77 13.76 7.61 55.25
C ASN B 77 12.91 7.32 56.47
N LEU B 78 13.55 6.89 57.55
CA LEU B 78 12.89 6.20 58.64
C LEU B 78 13.13 7.01 59.92
N ARG B 79 12.21 7.95 60.18
CA ARG B 79 12.29 8.82 61.34
C ARG B 79 11.38 8.27 62.42
N THR B 80 11.85 8.31 63.67
CA THR B 80 11.16 7.61 64.75
C THR B 80 11.24 8.42 66.04
N ASN B 81 10.08 8.63 66.66
CA ASN B 81 10.04 9.24 67.97
C ASN B 81 10.44 8.21 69.02
N ASN B 82 10.51 8.66 70.27
CA ASN B 82 10.92 7.78 71.35
C ASN B 82 9.98 6.60 71.50
N HIS B 83 8.69 6.86 71.58
CA HIS B 83 7.72 5.81 71.86
C HIS B 83 7.12 5.29 70.56
N GLY B 84 6.07 4.47 70.69
CA GLY B 84 5.60 3.67 69.57
C GLY B 84 5.15 4.48 68.38
N MET B 85 4.95 5.78 68.57
CA MET B 85 4.64 6.65 67.44
C MET B 85 5.91 6.91 66.63
N TYR B 86 5.77 6.82 65.32
CA TYR B 86 6.85 7.16 64.40
C TYR B 86 6.28 7.11 62.99
N VAL B 87 7.17 7.09 62.00
CA VAL B 87 6.80 7.27 60.59
C VAL B 87 7.86 6.65 59.69
N VAL B 88 7.47 6.41 58.45
CA VAL B 88 8.39 6.16 57.35
C VAL B 88 8.19 7.25 56.32
N GLN B 89 9.30 7.71 55.75
CA GLN B 89 9.30 8.62 54.61
C GLN B 89 9.92 7.90 53.44
N ASP B 90 9.13 7.62 52.43
CA ASP B 90 9.57 6.84 51.28
C ASP B 90 9.44 7.69 50.03
N LYS B 91 10.52 7.77 49.25
CA LYS B 91 10.48 8.58 48.04
C LYS B 91 9.62 7.94 46.96
N ALA B 92 9.57 6.61 46.90
CA ALA B 92 8.85 5.91 45.85
C ALA B 92 7.84 4.97 46.46
N PHE B 93 6.64 4.93 45.89
CA PHE B 93 5.64 3.93 46.23
C PHE B 93 5.06 3.31 44.98
N ARG B 94 5.02 1.98 44.96
CA ARG B 94 4.80 1.26 43.70
C ARG B 94 3.47 1.63 43.06
N PHE B 95 2.40 1.65 43.85
CA PHE B 95 1.11 1.97 43.26
C PHE B 95 1.05 3.42 42.85
N LEU B 96 1.82 4.27 43.52
CA LEU B 96 1.91 5.65 43.10
C LEU B 96 3.11 5.91 42.19
N THR B 97 3.86 4.87 41.82
CA THR B 97 4.84 5.02 40.75
C THR B 97 4.16 5.13 39.40
N ARG B 98 2.99 4.50 39.24
CA ARG B 98 2.26 4.52 37.98
C ARG B 98 1.43 5.78 37.81
N ILE B 99 1.23 6.54 38.84
CA ILE B 99 0.46 7.76 38.71
C ILE B 99 1.45 8.87 38.43
N SER B 100 0.97 9.95 37.83
CA SER B 100 1.84 11.06 37.52
C SER B 100 2.48 11.59 38.80
N PRO B 101 3.78 11.86 38.81
CA PRO B 101 4.43 12.37 40.03
C PRO B 101 3.89 13.71 40.50
N GLY B 102 3.28 14.50 39.62
CA GLY B 102 2.73 15.77 40.02
C GLY B 102 1.67 15.62 41.10
N THR B 103 1.81 16.36 42.19
CA THR B 103 1.00 16.16 43.39
C THR B 103 -0.44 16.57 43.10
N LYS B 104 -1.15 15.71 42.37
CA LYS B 104 -2.50 16.04 41.90
C LYS B 104 -3.49 14.94 42.23
N GLN B 105 -3.02 13.76 42.54
CA GLN B 105 -3.88 12.60 42.77
C GLN B 105 -3.45 11.98 44.09
N LEU B 106 -4.04 12.48 45.17
CA LEU B 106 -3.53 12.24 46.51
C LEU B 106 -4.41 11.31 47.32
N GLU B 107 -5.69 11.29 46.98
CA GLU B 107 -6.73 10.57 47.71
C GLU B 107 -6.52 9.07 47.76
N HIS B 108 -5.75 8.52 46.84
CA HIS B 108 -5.75 7.08 46.67
C HIS B 108 -4.93 6.35 47.72
N ALA B 109 -4.63 6.99 48.84
CA ALA B 109 -3.68 6.43 49.80
C ALA B 109 -4.29 5.42 50.78
N PRO B 110 -5.47 5.65 51.36
CA PRO B 110 -5.90 4.77 52.46
C PRO B 110 -5.98 3.30 52.10
N LYS B 111 -6.33 2.97 50.87
CA LYS B 111 -6.19 1.61 50.38
C LYS B 111 -4.75 1.15 50.50
N PHE B 112 -3.82 2.08 50.45
CA PHE B 112 -2.42 1.74 50.50
C PHE B 112 -2.03 1.46 51.95
N VAL B 113 -2.47 2.34 52.84
CA VAL B 113 -1.98 2.38 54.22
C VAL B 113 -2.68 1.34 55.08
N ALA B 114 -3.88 0.91 54.69
CA ALA B 114 -4.52 -0.16 55.43
C ALA B 114 -3.71 -1.42 55.32
N PHE B 115 -3.09 -1.63 54.17
CA PHE B 115 -2.40 -2.88 53.91
C PHE B 115 -1.20 -3.04 54.85
N THR B 116 -0.63 -1.93 55.33
CA THR B 116 0.42 -2.03 56.33
C THR B 116 -0.10 -2.04 57.76
N CYS B 117 -1.39 -1.80 57.96
CA CYS B 117 -2.01 -2.00 59.27
C CYS B 117 -2.32 -3.48 59.40
N GLY B 118 -3.11 -3.83 60.40
CA GLY B 118 -3.72 -5.14 60.45
C GLY B 118 -2.74 -6.28 60.43
N LEU B 119 -1.66 -6.13 61.18
CA LEU B 119 -0.71 -7.19 61.37
C LEU B 119 -0.59 -7.43 62.87
N VAL B 120 -0.82 -8.67 63.27
CA VAL B 120 -0.98 -8.99 64.70
C VAL B 120 0.23 -8.50 65.48
N ARG B 121 0.01 -8.19 66.75
CA ARG B 121 1.01 -7.56 67.60
C ARG B 121 1.95 -8.58 68.20
N GLY B 122 2.93 -8.08 68.95
CA GLY B 122 3.71 -8.89 69.87
C GLY B 122 3.72 -8.28 71.26
N ALA B 123 3.87 -9.14 72.28
CA ALA B 123 3.86 -8.66 73.66
C ALA B 123 5.01 -7.71 73.93
N LEU B 124 6.24 -8.14 73.64
CA LEU B 124 7.36 -7.22 73.69
C LEU B 124 7.23 -6.18 72.59
N SER B 125 7.34 -4.91 72.95
CA SER B 125 7.13 -3.85 71.97
C SER B 125 8.29 -3.82 70.98
N ASN B 126 8.04 -3.20 69.81
CA ASN B 126 9.03 -3.07 68.76
C ASN B 126 9.62 -4.42 68.37
N LEU B 127 8.77 -5.46 68.43
CA LEU B 127 9.17 -6.83 68.13
C LEU B 127 9.06 -7.20 66.66
N GLY B 128 8.32 -6.42 65.87
CA GLY B 128 8.36 -6.57 64.43
C GLY B 128 7.09 -6.85 63.66
N ILE B 129 5.91 -6.84 64.30
CA ILE B 129 4.71 -7.39 63.66
C ILE B 129 3.45 -6.53 63.84
N ASN B 130 3.44 -5.69 64.88
CA ASN B 130 2.28 -4.85 65.19
C ASN B 130 2.03 -3.83 64.06
N SER B 131 0.79 -3.32 64.00
CA SER B 131 0.42 -2.45 62.87
C SER B 131 -0.88 -1.69 63.15
N THR B 132 -0.85 -0.37 62.97
CA THR B 132 -2.04 0.49 62.91
C THR B 132 -1.58 1.80 62.28
N VAL B 133 -1.86 2.03 61.00
CA VAL B 133 -1.05 3.00 60.29
C VAL B 133 -1.91 3.96 59.47
N THR B 134 -1.52 5.23 59.49
CA THR B 134 -2.13 6.28 58.68
C THR B 134 -1.09 6.76 57.68
N ALA B 135 -1.55 7.32 56.56
CA ALA B 135 -0.67 7.79 55.51
C ALA B 135 -0.97 9.24 55.14
N GLU B 136 0.08 9.98 54.76
CA GLU B 136 -0.07 11.37 54.34
C GLU B 136 0.79 11.62 53.09
N VAL B 137 0.28 11.20 51.93
CA VAL B 137 1.07 11.19 50.71
C VAL B 137 1.08 12.61 50.14
N GLN B 138 2.16 13.35 50.40
CA GLN B 138 2.29 14.67 49.80
C GLN B 138 2.64 14.58 48.33
N SER B 139 3.81 14.01 48.02
CA SER B 139 4.22 13.80 46.64
C SER B 139 3.81 12.41 46.19
N ILE B 140 3.39 12.30 44.93
CA ILE B 140 2.73 11.11 44.42
C ILE B 140 3.56 9.85 44.67
N PRO B 141 4.74 9.70 44.08
CA PRO B 141 5.50 8.48 44.36
C PRO B 141 5.85 8.37 45.82
N ALA B 142 5.95 9.51 46.50
CA ALA B 142 6.43 9.56 47.88
C ALA B 142 5.25 9.36 48.82
N CYS B 143 5.00 8.12 49.17
CA CYS B 143 4.09 7.83 50.26
C CYS B 143 4.70 8.25 51.58
N LYS B 144 3.85 8.57 52.55
CA LYS B 144 4.26 8.88 53.90
C LYS B 144 3.38 8.10 54.86
N PHE B 145 3.79 6.90 55.20
CA PHE B 145 3.04 6.04 56.11
C PHE B 145 3.36 6.48 57.52
N HIS B 146 2.40 7.10 58.18
CA HIS B 146 2.61 7.61 59.52
C HIS B 146 2.12 6.53 60.48
N ILE B 147 3.02 6.04 61.31
CA ILE B 147 2.72 4.86 62.12
C ILE B 147 2.09 5.32 63.43
N GLU B 148 1.15 4.54 63.94
CA GLU B 148 0.78 4.61 65.35
C GLU B 148 0.63 3.20 65.87
N VAL B 149 1.40 2.85 66.90
CA VAL B 149 1.22 1.53 67.47
C VAL B 149 -0.19 1.40 68.03
N ASN B 150 -0.64 0.15 68.17
CA ASN B 150 -1.92 -0.09 68.81
C ASN B 150 -1.88 0.35 70.27
N ARG B 151 -0.73 0.24 70.91
CA ARG B 151 -0.56 0.77 72.25
C ARG B 151 -0.35 2.28 72.15
N ASN B 152 0.00 2.90 73.27
CA ASN B 152 0.40 4.31 73.30
C ASN B 152 1.45 4.62 72.25
N MET C 1 17.23 15.76 14.31
CA MET C 1 16.13 15.65 13.35
C MET C 1 15.23 14.48 13.71
N THR C 2 14.50 14.62 14.81
CA THR C 2 13.73 13.51 15.38
C THR C 2 12.43 13.32 14.59
N ILE C 3 11.68 12.27 14.99
CA ILE C 3 10.41 11.93 14.38
C ILE C 3 9.47 13.12 14.32
N PHE C 4 8.55 13.08 13.36
CA PHE C 4 7.50 14.09 13.27
C PHE C 4 6.46 13.89 14.36
N ASN C 5 5.71 12.79 14.30
CA ASN C 5 4.61 12.61 15.23
C ASN C 5 4.29 11.13 15.39
N LEU C 6 3.23 10.86 16.17
CA LEU C 6 2.88 9.51 16.57
C LEU C 6 1.40 9.45 16.98
N TYR C 7 0.70 8.43 16.47
CA TYR C 7 -0.75 8.32 16.64
C TYR C 7 -1.14 7.00 17.27
N ILE C 8 -2.28 7.02 17.96
CA ILE C 8 -2.86 5.86 18.60
C ILE C 8 -4.36 5.85 18.30
N PHE C 9 -4.90 4.66 18.05
CA PHE C 9 -6.32 4.55 17.75
C PHE C 9 -6.84 3.21 18.25
N ASP C 10 -7.95 3.24 18.99
CA ASP C 10 -8.49 2.02 19.57
C ASP C 10 -9.15 1.15 18.52
N LYS C 11 -9.52 -0.07 18.94
CA LYS C 11 -10.27 -0.96 18.06
C LYS C 11 -11.65 -0.41 17.75
N PHE C 12 -12.03 0.69 18.37
CA PHE C 12 -13.24 1.41 17.97
C PHE C 12 -12.92 2.63 17.13
N GLY C 13 -11.65 2.86 16.83
CA GLY C 13 -11.28 3.95 15.96
C GLY C 13 -11.19 5.31 16.60
N THR C 14 -10.91 5.40 17.89
CA THR C 14 -10.83 6.69 18.55
C THR C 14 -9.39 7.08 18.85
N LEU C 15 -9.07 8.34 18.59
CA LEU C 15 -7.73 8.86 18.83
C LEU C 15 -7.44 8.86 20.32
N LEU C 16 -6.42 8.11 20.73
CA LEU C 16 -6.02 8.12 22.12
C LEU C 16 -5.09 9.29 22.43
N HIS C 17 -4.04 9.43 21.64
CA HIS C 17 -3.10 10.52 21.88
C HIS C 17 -2.34 10.84 20.61
N TYR C 18 -1.87 12.08 20.56
CA TYR C 18 -1.02 12.55 19.48
C TYR C 18 0.13 13.31 20.09
N ALA C 19 1.36 12.87 19.83
CA ALA C 19 2.54 13.59 20.26
C ALA C 19 3.32 14.00 19.03
N GLU C 20 3.69 15.27 18.98
CA GLU C 20 4.38 15.85 17.84
C GLU C 20 5.76 16.31 18.29
N TRP C 21 6.72 16.20 17.40
CA TRP C 21 8.05 16.75 17.65
C TRP C 21 8.48 17.70 16.55
N ASN C 22 8.40 17.27 15.29
CA ASN C 22 9.04 17.98 14.20
C ASN C 22 8.16 18.17 12.98
N ARG C 23 6.87 17.83 13.05
CA ARG C 23 5.96 18.18 11.98
C ARG C 23 5.93 19.69 11.79
N THR C 24 6.02 20.13 10.54
CA THR C 24 6.12 21.55 10.23
C THR C 24 4.97 22.08 9.39
N LYS C 25 4.46 21.30 8.44
CA LYS C 25 3.35 21.78 7.63
C LYS C 25 2.13 22.03 8.50
N LYS C 26 1.86 23.30 8.81
CA LYS C 26 0.90 23.65 9.84
C LYS C 26 -0.52 23.35 9.35
N SER C 27 -1.22 22.51 10.11
CA SER C 27 -2.40 21.84 9.61
C SER C 27 -3.58 22.81 9.50
N GLY C 28 -4.26 22.77 8.35
CA GLY C 28 -5.50 23.51 8.21
C GLY C 28 -6.65 22.84 8.94
N ILE C 29 -6.50 21.56 9.25
CA ILE C 29 -7.53 20.80 9.94
C ILE C 29 -7.20 20.68 11.42
N THR C 30 -8.20 20.93 12.27
CA THR C 30 -8.01 20.67 13.69
C THR C 30 -7.78 19.18 13.89
N ARG C 31 -6.88 18.87 14.83
CA ARG C 31 -6.21 17.58 14.84
C ARG C 31 -7.21 16.43 14.96
N GLU C 32 -8.35 16.66 15.61
CA GLU C 32 -9.27 15.56 15.87
C GLU C 32 -9.88 15.04 14.59
N GLU C 33 -10.35 15.94 13.72
CA GLU C 33 -10.90 15.51 12.45
C GLU C 33 -9.82 14.84 11.62
N GLU C 34 -8.59 15.35 11.72
CA GLU C 34 -7.49 14.74 10.99
C GLU C 34 -7.27 13.31 11.44
N ALA C 35 -7.30 13.08 12.75
CA ALA C 35 -7.14 11.73 13.27
C ALA C 35 -8.27 10.84 12.79
N LYS C 36 -9.49 11.37 12.77
CA LYS C 36 -10.59 10.59 12.24
C LYS C 36 -10.35 10.23 10.78
N LEU C 37 -9.94 11.21 9.97
CA LEU C 37 -9.65 10.98 8.56
C LEU C 37 -8.59 9.91 8.37
N THR C 38 -7.52 9.99 9.17
CA THR C 38 -6.47 9.01 9.05
C THR C 38 -6.95 7.62 9.47
N TYR C 39 -7.74 7.52 10.53
CA TYR C 39 -8.21 6.20 10.91
C TYR C 39 -9.08 5.60 9.83
N GLY C 40 -9.96 6.40 9.25
CA GLY C 40 -10.77 5.91 8.15
C GLY C 40 -9.93 5.48 6.97
N MET C 41 -8.91 6.28 6.62
CA MET C 41 -8.03 5.93 5.52
C MET C 41 -7.36 4.59 5.78
N LEU C 42 -6.84 4.40 6.98
CA LEU C 42 -6.14 3.16 7.28
C LEU C 42 -7.10 1.99 7.19
N PHE C 43 -8.32 2.17 7.69
CA PHE C 43 -9.34 1.13 7.55
C PHE C 43 -9.58 0.83 6.07
N SER C 44 -9.63 1.87 5.25
CA SER C 44 -9.84 1.70 3.83
C SER C 44 -8.74 0.86 3.22
N ILE C 45 -7.49 1.13 3.61
CA ILE C 45 -6.38 0.38 3.08
C ILE C 45 -6.43 -1.07 3.55
N LYS C 46 -6.89 -1.29 4.77
CA LYS C 46 -7.05 -2.66 5.24
C LYS C 46 -8.02 -3.42 4.36
N SER C 47 -9.18 -2.81 4.08
CA SER C 47 -10.14 -3.43 3.17
C SER C 47 -9.52 -3.59 1.78
N PHE C 48 -8.76 -2.59 1.36
CA PHE C 48 -8.14 -2.55 0.04
C PHE C 48 -7.25 -3.75 -0.18
N VAL C 49 -6.35 -4.01 0.76
CA VAL C 49 -5.47 -5.16 0.62
C VAL C 49 -6.26 -6.45 0.82
N SER C 50 -7.12 -6.50 1.83
CA SER C 50 -7.80 -7.75 2.14
C SER C 50 -8.65 -8.23 0.98
N LYS C 51 -9.05 -7.31 0.11
CA LYS C 51 -9.65 -7.74 -1.14
C LYS C 51 -8.59 -8.11 -2.17
N ILE C 52 -7.65 -7.19 -2.45
CA ILE C 52 -6.80 -7.38 -3.61
C ILE C 52 -5.54 -8.20 -3.30
N SER C 53 -5.53 -8.85 -2.15
CA SER C 53 -4.41 -9.70 -1.78
C SER C 53 -4.31 -10.90 -2.71
N PRO C 54 -3.12 -11.23 -3.21
CA PRO C 54 -2.97 -12.51 -3.92
C PRO C 54 -3.20 -13.73 -3.05
N HIS C 55 -2.85 -13.64 -1.76
CA HIS C 55 -3.00 -14.75 -0.82
C HIS C 55 -3.27 -14.17 0.55
N ASP C 56 -3.12 -14.99 1.59
CA ASP C 56 -3.39 -14.59 2.96
C ASP C 56 -2.57 -13.36 3.30
N PRO C 57 -3.17 -12.24 3.64
CA PRO C 57 -2.38 -11.20 4.31
C PRO C 57 -2.33 -11.46 5.81
N LYS C 58 -1.23 -12.04 6.29
CA LYS C 58 -1.17 -12.45 7.69
C LYS C 58 -1.11 -11.24 8.60
N GLU C 59 -0.25 -10.29 8.28
CA GLU C 59 -0.21 -9.01 8.94
C GLU C 59 -0.76 -7.89 8.08
N GLY C 60 -1.18 -8.20 6.86
CA GLY C 60 -1.83 -7.19 6.04
C GLY C 60 -0.93 -5.99 5.81
N PHE C 61 -1.50 -4.81 5.97
CA PHE C 61 -0.82 -3.58 5.64
C PHE C 61 0.46 -3.44 6.45
N LEU C 62 1.46 -2.81 5.84
CA LEU C 62 2.68 -2.50 6.57
C LEU C 62 2.92 -1.00 6.67
N TYR C 63 2.97 -0.28 5.56
CA TYR C 63 3.26 1.15 5.60
C TYR C 63 3.16 1.69 4.19
N TYR C 64 3.25 3.01 4.07
CA TYR C 64 3.33 3.65 2.77
C TYR C 64 4.45 4.68 2.78
N LYS C 65 4.87 5.10 1.60
CA LYS C 65 6.00 5.99 1.45
C LYS C 65 5.73 7.12 0.48
N THR C 66 6.31 8.27 0.76
CA THR C 66 6.39 9.35 -0.20
C THR C 66 7.84 9.53 -0.63
N ASN C 67 8.06 10.39 -1.62
CA ASN C 67 9.44 10.67 -2.02
C ASN C 67 10.14 11.54 -1.00
N ARG C 68 9.41 12.40 -0.29
CA ARG C 68 10.06 13.35 0.60
C ARG C 68 9.77 13.16 2.08
N TYR C 69 8.80 12.33 2.46
CA TYR C 69 8.85 11.81 3.82
C TYR C 69 8.40 10.36 3.74
N ALA C 70 8.07 9.78 4.88
CA ALA C 70 7.48 8.45 4.89
C ALA C 70 6.68 8.28 6.16
N LEU C 71 5.90 7.20 6.20
CA LEU C 71 5.10 6.86 7.36
C LEU C 71 5.06 5.36 7.54
N HIS C 72 4.82 4.91 8.76
CA HIS C 72 4.70 3.49 9.04
C HIS C 72 3.52 3.24 9.96
N TYR C 73 3.04 2.00 9.94
CA TYR C 73 1.85 1.55 10.62
C TYR C 73 2.13 0.31 11.44
N LEU C 74 1.48 0.21 12.59
CA LEU C 74 1.54 -0.98 13.43
C LEU C 74 0.14 -1.40 13.83
N GLU C 75 -0.12 -2.70 13.73
CA GLU C 75 -1.41 -3.28 14.06
C GLU C 75 -1.29 -4.12 15.33
N THR C 76 -2.14 -3.82 16.29
CA THR C 76 -2.24 -4.57 17.52
C THR C 76 -3.47 -5.46 17.48
N PRO C 77 -3.32 -6.76 17.74
CA PRO C 77 -4.44 -7.67 17.53
C PRO C 77 -5.69 -7.29 18.31
N SER C 78 -5.53 -6.61 19.45
CA SER C 78 -6.69 -6.07 20.13
C SER C 78 -7.41 -5.02 19.32
N GLY C 79 -6.76 -4.51 18.28
CA GLY C 79 -7.38 -3.51 17.45
C GLY C 79 -6.89 -2.11 17.70
N LEU C 80 -6.02 -1.91 18.67
CA LEU C 80 -5.36 -0.61 18.75
C LEU C 80 -4.48 -0.43 17.53
N LYS C 81 -4.28 0.82 17.15
CA LYS C 81 -3.49 1.18 15.97
C LYS C 81 -2.36 2.10 16.38
N PHE C 82 -1.22 1.96 15.72
CA PHE C 82 -0.05 2.78 15.94
C PHE C 82 0.40 3.38 14.63
N VAL C 83 0.58 4.70 14.62
CA VAL C 83 1.02 5.42 13.44
C VAL C 83 2.05 6.44 13.87
N LEU C 84 3.16 6.52 13.13
CA LEU C 84 4.09 7.63 13.29
C LEU C 84 4.61 8.02 11.91
N ASN C 85 5.12 9.24 11.85
CA ASN C 85 5.75 9.77 10.64
C ASN C 85 7.26 9.75 10.82
N THR C 86 7.98 9.32 9.80
CA THR C 86 9.43 9.34 9.83
C THR C 86 9.98 9.88 8.51
N ASP C 87 11.30 9.97 8.39
CA ASP C 87 11.89 10.30 7.11
C ASP C 87 11.78 9.08 6.19
N THR C 88 12.23 9.24 4.94
CA THR C 88 12.09 8.17 3.97
C THR C 88 13.05 7.01 4.26
N THR C 89 14.31 7.31 4.57
CA THR C 89 15.36 6.31 4.48
C THR C 89 16.22 6.31 5.74
N ALA C 90 16.03 5.29 6.55
CA ALA C 90 16.92 4.82 7.61
C ALA C 90 16.42 3.44 7.99
N ILE C 91 16.95 2.85 9.06
CA ILE C 91 16.56 1.49 9.45
C ILE C 91 15.05 1.38 9.55
N ASN C 92 14.54 0.16 9.51
CA ASN C 92 13.12 -0.06 9.72
C ASN C 92 12.73 0.34 11.14
N VAL C 93 11.43 0.56 11.33
CA VAL C 93 10.87 1.00 12.60
C VAL C 93 9.63 0.22 13.00
N LYS C 94 9.28 -0.80 12.23
CA LYS C 94 8.20 -1.70 12.66
C LYS C 94 8.51 -2.29 14.01
N GLU C 95 9.74 -2.76 14.18
CA GLU C 95 10.17 -3.32 15.46
C GLU C 95 10.19 -2.25 16.55
N LEU C 96 10.59 -1.03 16.21
CA LEU C 96 10.67 0.03 17.21
C LEU C 96 9.30 0.35 17.76
N LEU C 97 8.29 0.39 16.89
CA LEU C 97 6.91 0.54 17.35
C LEU C 97 6.43 -0.67 18.15
N GLN C 98 6.77 -1.89 17.74
CA GLN C 98 6.41 -3.04 18.58
C GLN C 98 6.96 -2.86 19.98
N GLN C 99 8.22 -2.44 20.08
CA GLN C 99 8.85 -2.25 21.37
C GLN C 99 8.13 -1.17 22.17
N LEU C 100 7.81 -0.05 21.52
CA LEU C 100 7.15 1.05 22.21
C LEU C 100 5.81 0.60 22.77
N TYR C 101 5.06 -0.19 22.01
CA TYR C 101 3.83 -0.78 22.52
C TYR C 101 4.12 -1.65 23.72
N ALA C 102 4.91 -2.69 23.54
CA ALA C 102 5.08 -3.72 24.56
C ALA C 102 5.71 -3.20 25.83
N LYS C 103 6.45 -2.09 25.77
CA LYS C 103 7.03 -1.49 26.96
C LYS C 103 6.29 -0.23 27.39
N VAL C 104 6.35 0.83 26.60
CA VAL C 104 5.92 2.14 27.09
C VAL C 104 4.42 2.17 27.31
N TRP C 105 3.66 1.68 26.33
CA TRP C 105 2.20 1.70 26.47
C TRP C 105 1.72 0.72 27.53
N VAL C 106 2.20 -0.53 27.46
CA VAL C 106 1.73 -1.54 28.41
C VAL C 106 2.18 -1.18 29.83
N GLU C 107 3.25 -0.40 29.95
CA GLU C 107 3.64 0.04 31.28
C GLU C 107 2.91 1.32 31.69
N PHE C 108 3.16 2.42 30.99
CA PHE C 108 2.76 3.72 31.45
C PHE C 108 1.35 4.09 31.03
N VAL C 109 0.54 3.13 30.57
CA VAL C 109 -0.85 3.41 30.30
C VAL C 109 -1.77 2.44 31.03
N VAL C 110 -1.75 1.19 30.62
CA VAL C 110 -2.72 0.24 31.15
C VAL C 110 -2.43 -0.03 32.62
N ARG C 111 -1.15 -0.10 32.97
CA ARG C 111 -0.75 -0.21 34.36
C ARG C 111 -0.85 1.12 35.10
N ASP C 112 -1.53 2.09 34.53
CA ASP C 112 -1.91 3.29 35.26
C ASP C 112 -3.35 3.16 35.73
N PRO C 113 -3.61 3.09 37.04
CA PRO C 113 -5.00 3.03 37.50
C PRO C 113 -5.82 4.25 37.13
N LEU C 114 -5.21 5.44 37.12
CA LEU C 114 -5.97 6.65 36.81
C LEU C 114 -6.03 6.95 35.33
N TRP C 115 -5.87 5.95 34.47
CA TRP C 115 -6.35 6.08 33.12
C TRP C 115 -7.51 5.12 32.90
N THR C 116 -8.68 5.66 32.83
CA THR C 116 -9.85 4.86 32.55
C THR C 116 -9.77 4.31 31.13
N PRO C 117 -10.29 3.10 30.90
CA PRO C 117 -10.14 2.47 29.59
C PRO C 117 -10.80 3.31 28.49
N GLY C 118 -10.20 3.25 27.30
CA GLY C 118 -10.82 3.89 26.17
C GLY C 118 -11.04 5.38 26.31
N THR C 119 -10.03 6.12 26.73
CA THR C 119 -10.08 7.58 26.75
C THR C 119 -8.74 8.15 26.29
N VAL C 120 -8.60 9.46 26.46
CA VAL C 120 -7.34 10.12 26.16
C VAL C 120 -6.38 9.95 27.34
N VAL C 121 -5.17 9.50 27.05
CA VAL C 121 -4.14 9.48 28.08
C VAL C 121 -3.69 10.91 28.34
N THR C 122 -3.51 11.25 29.61
CA THR C 122 -3.08 12.59 30.00
C THR C 122 -2.08 12.50 31.13
N SER C 123 -1.36 11.39 31.18
CA SER C 123 -0.34 11.16 32.21
C SER C 123 0.92 11.93 31.84
N GLU C 124 1.39 12.75 32.78
CA GLU C 124 2.69 13.39 32.58
C GLU C 124 3.81 12.37 32.55
N LEU C 125 3.64 11.23 33.23
CA LEU C 125 4.69 10.22 33.12
C LEU C 125 4.62 9.50 31.78
N PHE C 126 3.43 9.20 31.29
CA PHE C 126 3.36 8.60 29.96
C PHE C 126 3.84 9.57 28.91
N GLN C 127 3.50 10.85 29.05
CA GLN C 127 4.03 11.86 28.14
C GLN C 127 5.55 11.89 28.19
N SER C 128 6.13 12.04 29.37
CA SER C 128 7.56 12.22 29.47
C SER C 128 8.30 10.95 29.08
N LYS C 129 7.71 9.80 29.36
CA LYS C 129 8.33 8.54 29.00
C LYS C 129 8.26 8.30 27.50
N LEU C 130 7.18 8.74 26.86
CA LEU C 130 7.15 8.73 25.41
C LEU C 130 8.25 9.62 24.85
N ASP C 131 8.37 10.82 25.43
CA ASP C 131 9.40 11.75 24.99
C ASP C 131 10.78 11.11 25.06
N GLU C 132 11.05 10.41 26.16
CA GLU C 132 12.35 9.78 26.32
C GLU C 132 12.54 8.54 25.46
N PHE C 133 11.49 7.75 25.26
CA PHE C 133 11.65 6.58 24.40
C PHE C 133 11.83 6.97 22.95
N VAL C 134 11.25 8.10 22.55
CA VAL C 134 11.54 8.64 21.22
C VAL C 134 12.95 9.19 21.18
N ARG C 135 13.35 9.91 22.22
CA ARG C 135 14.71 10.41 22.31
C ARG C 135 15.73 9.29 22.41
N GLN C 136 15.27 8.05 22.59
CA GLN C 136 16.18 6.91 22.56
C GLN C 136 16.96 6.89 21.25
N SER C 137 16.26 6.73 20.13
CA SER C 137 16.86 6.74 18.80
C SER C 137 16.11 7.80 17.98
N PRO C 138 16.43 9.08 18.16
CA PRO C 138 15.75 10.13 17.38
C PRO C 138 16.08 10.01 15.91
N ILE C 139 15.76 8.86 15.35
CA ILE C 139 16.21 8.46 14.04
C ILE C 139 15.08 8.73 13.05
N PHE C 140 15.44 9.28 11.90
CA PHE C 140 14.45 9.72 10.92
C PHE C 140 14.74 9.04 9.59
N GLY C 141 13.83 8.15 9.18
CA GLY C 141 14.02 7.36 7.98
C GLY C 141 13.66 5.91 8.25
N ILE C 142 13.12 5.25 7.22
CA ILE C 142 12.40 4.01 7.44
C ILE C 142 12.81 2.86 6.51
N ARG C 143 12.74 3.09 5.19
CA ARG C 143 12.94 2.07 4.16
C ARG C 143 12.34 0.72 4.55
N ASN C 144 11.17 0.72 5.18
CA ASN C 144 10.65 -0.49 5.83
C ASN C 144 10.40 -1.60 4.82
N ILE C 145 10.59 -2.84 5.28
CA ILE C 145 10.22 -4.02 4.52
C ILE C 145 8.70 -4.17 4.51
N MET D 1 10.13 -11.70 -8.69
CA MET D 1 9.90 -10.71 -9.73
C MET D 1 8.48 -10.80 -10.27
N ILE D 2 7.82 -11.93 -10.00
CA ILE D 2 6.55 -12.21 -10.65
C ILE D 2 5.56 -11.09 -10.35
N ILE D 3 4.94 -10.57 -11.39
CA ILE D 3 3.99 -9.48 -11.26
C ILE D 3 2.59 -10.06 -11.19
N TYR D 4 1.87 -9.70 -10.13
CA TYR D 4 0.51 -10.19 -9.98
C TYR D 4 -0.45 -9.43 -10.89
N GLY D 5 -0.23 -8.14 -11.08
CA GLY D 5 -1.11 -7.34 -11.92
C GLY D 5 -0.52 -6.00 -12.24
N VAL D 6 -1.06 -5.38 -13.29
CA VAL D 6 -0.59 -4.11 -13.81
C VAL D 6 -1.79 -3.21 -14.08
N TYR D 7 -1.62 -1.92 -13.81
CA TYR D 7 -2.74 -0.98 -13.80
C TYR D 7 -2.27 0.43 -14.13
N ILE D 8 -3.21 1.24 -14.60
CA ILE D 8 -3.00 2.66 -14.83
C ILE D 8 -4.34 3.36 -14.71
N VAL D 9 -4.34 4.57 -14.17
CA VAL D 9 -5.58 5.31 -13.96
C VAL D 9 -5.38 6.75 -14.41
N SER D 10 -6.49 7.46 -14.55
CA SER D 10 -6.54 8.71 -15.26
C SER D 10 -6.62 9.90 -14.30
N LYS D 11 -6.68 11.10 -14.87
CA LYS D 11 -6.93 12.28 -14.06
C LYS D 11 -8.22 12.14 -13.26
N SER D 12 -9.22 11.49 -13.86
CA SER D 12 -10.42 11.13 -13.12
C SER D 12 -10.09 10.19 -11.97
N GLY D 13 -9.02 9.42 -12.10
CA GLY D 13 -8.79 8.32 -11.20
C GLY D 13 -9.48 7.04 -11.59
N GLY D 14 -10.26 7.05 -12.67
CA GLY D 14 -10.89 5.83 -13.12
C GLY D 14 -9.86 4.83 -13.59
N LEU D 15 -10.16 3.55 -13.35
CA LEU D 15 -9.28 2.49 -13.80
C LEU D 15 -9.30 2.44 -15.33
N ILE D 16 -8.23 2.90 -15.95
CA ILE D 16 -8.19 2.91 -17.41
C ILE D 16 -7.72 1.58 -17.97
N PHE D 17 -6.95 0.81 -17.22
CA PHE D 17 -6.38 -0.42 -17.75
C PHE D 17 -5.95 -1.35 -16.62
N ASN D 18 -6.38 -2.61 -16.69
CA ASN D 18 -6.23 -3.54 -15.59
C ASN D 18 -5.81 -4.93 -16.05
N LEU D 19 -4.75 -5.01 -16.85
CA LEU D 19 -4.23 -6.32 -17.20
C LEU D 19 -3.75 -7.05 -15.96
N ASP D 20 -4.11 -8.33 -15.85
CA ASP D 20 -3.67 -9.16 -14.74
C ASP D 20 -2.70 -10.20 -15.23
N ASN D 21 -1.60 -10.38 -14.51
CA ASN D 21 -0.65 -11.42 -14.83
C ASN D 21 -0.90 -12.65 -13.96
N ASN D 22 -2.02 -13.31 -14.30
CA ASN D 22 -2.30 -14.73 -14.04
C ASN D 22 -1.75 -15.24 -12.70
N VAL D 23 -2.26 -14.66 -11.62
CA VAL D 23 -1.88 -15.12 -10.28
C VAL D 23 -3.08 -15.76 -9.59
N PRO D 24 -3.18 -17.08 -9.61
CA PRO D 24 -4.40 -17.74 -9.14
C PRO D 24 -4.56 -17.66 -7.64
N ARG D 25 -5.78 -17.88 -7.16
CA ARG D 25 -6.07 -17.94 -5.73
C ARG D 25 -6.00 -19.39 -5.28
N ILE D 26 -5.70 -19.59 -4.00
CA ILE D 26 -5.58 -20.93 -3.48
C ILE D 26 -6.95 -21.61 -3.42
N GLU D 27 -6.93 -22.93 -3.48
CA GLU D 27 -8.12 -23.74 -3.48
C GLU D 27 -7.96 -24.85 -2.45
N HIS D 28 -9.09 -25.32 -1.92
CA HIS D 28 -9.06 -26.44 -0.98
C HIS D 28 -10.31 -27.29 -1.12
N GLU D 29 -10.12 -28.60 -0.92
CA GLU D 29 -11.20 -29.57 -0.87
C GLU D 29 -10.90 -30.58 0.23
N LYS D 30 -11.93 -30.96 0.97
CA LYS D 30 -11.73 -31.98 1.98
C LYS D 30 -13.07 -32.62 2.32
N THR D 31 -13.03 -33.92 2.57
CA THR D 31 -14.23 -34.77 2.61
C THR D 31 -14.98 -34.47 3.90
N PHE D 32 -15.84 -33.45 3.82
CA PHE D 32 -16.41 -32.89 5.03
C PHE D 32 -17.32 -33.87 5.73
N THR D 33 -17.19 -33.92 7.04
CA THR D 33 -17.96 -34.77 7.93
C THR D 33 -19.16 -33.96 8.45
N TYR D 34 -19.79 -34.43 9.53
CA TYR D 34 -20.88 -33.76 10.21
C TYR D 34 -20.48 -32.33 10.55
N PRO D 35 -21.44 -31.44 10.91
CA PRO D 35 -21.24 -29.99 10.78
C PRO D 35 -19.83 -29.47 11.01
N LEU D 36 -19.39 -28.64 10.08
CA LEU D 36 -17.98 -28.37 9.93
C LEU D 36 -17.50 -27.27 10.85
N ASP D 37 -16.29 -27.46 11.37
CA ASP D 37 -15.68 -26.46 12.23
C ASP D 37 -15.45 -25.16 11.49
N LEU D 38 -15.36 -25.20 10.16
CA LEU D 38 -15.45 -23.99 9.39
C LEU D 38 -16.75 -23.29 9.75
N VAL D 39 -16.65 -22.04 10.17
CA VAL D 39 -17.80 -21.29 10.65
C VAL D 39 -18.39 -20.56 9.46
N LEU D 40 -19.34 -21.23 8.80
CA LEU D 40 -19.96 -20.69 7.59
C LEU D 40 -20.94 -19.58 7.96
N ASP D 41 -20.79 -18.43 7.28
CA ASP D 41 -21.63 -17.27 7.53
C ASP D 41 -22.09 -16.69 6.20
N TYR D 42 -23.40 -16.45 6.09
CA TYR D 42 -23.95 -15.78 4.91
C TYR D 42 -23.85 -14.28 5.10
N ASP D 43 -23.19 -13.61 4.16
CA ASP D 43 -23.07 -12.16 4.13
C ASP D 43 -23.22 -11.67 2.69
N SER D 44 -24.47 -11.45 2.25
CA SER D 44 -24.76 -10.60 1.11
C SER D 44 -24.03 -11.08 -0.15
N LYS D 45 -24.49 -12.22 -0.66
CA LYS D 45 -24.04 -12.86 -1.91
C LYS D 45 -22.72 -13.60 -1.68
N LYS D 46 -22.17 -13.54 -0.47
CA LYS D 46 -20.97 -14.26 -0.11
C LYS D 46 -21.37 -15.42 0.77
N VAL D 47 -20.95 -16.62 0.42
CA VAL D 47 -21.12 -17.77 1.28
C VAL D 47 -19.73 -18.21 1.70
N SER D 48 -19.32 -17.73 2.87
CA SER D 48 -17.93 -17.78 3.30
C SER D 48 -17.82 -18.49 4.64
N VAL D 49 -16.66 -18.36 5.25
CA VAL D 49 -16.39 -18.86 6.59
C VAL D 49 -15.85 -17.71 7.42
N SER D 50 -16.24 -17.66 8.70
CA SER D 50 -15.78 -16.56 9.53
C SER D 50 -14.68 -16.98 10.50
N PHE D 51 -14.45 -18.27 10.67
CA PHE D 51 -13.53 -18.69 11.71
C PHE D 51 -13.09 -20.11 11.45
N ASN D 52 -12.08 -20.54 12.21
CA ASN D 52 -11.50 -21.88 12.09
C ASN D 52 -10.86 -22.09 10.73
N ARG D 53 -9.99 -21.16 10.35
CA ARG D 53 -9.32 -21.28 9.07
C ARG D 53 -8.30 -22.40 9.18
N LYS D 54 -8.76 -23.61 8.89
CA LYS D 54 -7.92 -24.79 9.02
C LYS D 54 -7.56 -25.32 7.64
N ASP D 55 -6.50 -26.12 7.61
CA ASP D 55 -6.15 -26.92 6.45
C ASP D 55 -5.89 -26.05 5.23
N GLY D 56 -5.53 -24.80 5.44
CA GLY D 56 -5.47 -23.88 4.32
C GLY D 56 -6.81 -23.57 3.68
N ILE D 57 -7.83 -23.30 4.50
CA ILE D 57 -9.04 -22.63 4.04
C ILE D 57 -9.14 -21.32 4.79
N ASN D 58 -8.62 -20.25 4.20
CA ASN D 58 -8.67 -18.94 4.82
C ASN D 58 -10.10 -18.55 5.15
N VAL D 59 -10.23 -17.57 6.05
CA VAL D 59 -11.54 -17.00 6.37
C VAL D 59 -12.21 -16.47 5.11
N GLY D 60 -11.48 -15.72 4.30
CA GLY D 60 -12.03 -15.11 3.11
C GLY D 60 -12.30 -16.06 1.97
N HIS D 61 -11.99 -17.34 2.14
CA HIS D 61 -12.24 -18.35 1.12
C HIS D 61 -13.73 -18.51 0.89
N VAL D 62 -14.24 -17.91 -0.13
CA VAL D 62 -15.65 -18.02 -0.42
C VAL D 62 -15.94 -19.41 -0.98
N LEU D 63 -17.08 -19.96 -0.59
CA LEU D 63 -17.55 -21.21 -1.18
C LEU D 63 -17.66 -21.02 -2.69
N VAL D 64 -17.01 -21.91 -3.45
CA VAL D 64 -16.90 -21.77 -4.89
C VAL D 64 -17.64 -22.87 -5.62
N ALA D 65 -17.57 -24.10 -5.12
CA ALA D 65 -18.34 -25.19 -5.69
C ALA D 65 -18.68 -26.19 -4.61
N VAL D 66 -19.85 -26.79 -4.73
CA VAL D 66 -20.38 -27.68 -3.71
C VAL D 66 -20.49 -29.07 -4.33
N ASN D 67 -19.76 -30.04 -3.76
CA ASN D 67 -19.86 -31.43 -4.16
C ASN D 67 -19.67 -31.59 -5.65
N GLY D 68 -18.77 -30.83 -6.24
CA GLY D 68 -18.64 -30.75 -7.67
C GLY D 68 -19.66 -29.85 -8.33
N MET D 69 -20.89 -29.83 -7.85
CA MET D 69 -21.89 -28.92 -8.38
C MET D 69 -21.51 -27.48 -8.04
N PRO D 70 -21.54 -26.56 -9.00
CA PRO D 70 -21.19 -25.16 -8.68
C PRO D 70 -22.21 -24.50 -7.79
N VAL D 71 -21.75 -23.50 -7.04
CA VAL D 71 -22.58 -22.77 -6.10
C VAL D 71 -22.45 -21.29 -6.40
N ASN D 72 -23.58 -20.58 -6.43
CA ASN D 72 -23.67 -19.27 -7.07
C ASN D 72 -24.18 -18.18 -6.14
N GLY D 73 -23.25 -17.42 -5.58
CA GLY D 73 -23.60 -16.28 -4.75
C GLY D 73 -24.13 -16.69 -3.40
N VAL D 74 -25.37 -17.16 -3.35
CA VAL D 74 -25.97 -17.66 -2.13
C VAL D 74 -26.44 -19.11 -2.26
N THR D 75 -27.13 -19.44 -3.35
CA THR D 75 -27.55 -20.82 -3.59
C THR D 75 -26.56 -21.51 -4.51
N LEU D 76 -26.96 -22.66 -5.03
CA LEU D 76 -26.13 -23.53 -5.84
C LEU D 76 -26.55 -23.49 -7.30
N ASP D 77 -25.91 -24.34 -8.09
CA ASP D 77 -26.30 -24.50 -9.48
C ASP D 77 -27.68 -25.14 -9.60
N ASP D 78 -27.90 -26.25 -8.91
CA ASP D 78 -29.10 -27.04 -9.12
C ASP D 78 -30.33 -26.39 -8.51
N GLY D 79 -30.17 -25.31 -7.77
CA GLY D 79 -31.26 -24.68 -7.07
C GLY D 79 -31.22 -24.86 -5.58
N ARG D 80 -30.55 -25.91 -5.10
CA ARG D 80 -30.30 -26.02 -3.66
C ARG D 80 -29.59 -24.76 -3.18
N ASP D 81 -29.82 -24.43 -1.92
CA ASP D 81 -29.05 -23.35 -1.29
C ASP D 81 -28.05 -23.92 -0.31
N VAL D 82 -27.00 -23.13 -0.05
CA VAL D 82 -25.94 -23.59 0.83
C VAL D 82 -26.51 -24.02 2.17
N ARG D 83 -27.43 -23.25 2.74
CA ARG D 83 -27.97 -23.58 4.04
C ARG D 83 -28.68 -24.92 4.01
N THR D 84 -29.59 -25.11 3.06
CA THR D 84 -30.36 -26.34 3.01
C THR D 84 -29.46 -27.52 2.77
N THR D 85 -28.49 -27.34 1.87
CA THR D 85 -27.52 -28.39 1.63
C THR D 85 -26.76 -28.75 2.89
N LEU D 86 -26.23 -27.74 3.57
CA LEU D 86 -25.38 -27.94 4.73
C LEU D 86 -26.14 -28.66 5.83
N ASP D 87 -27.18 -28.00 6.34
CA ASP D 87 -27.74 -28.42 7.61
C ASP D 87 -28.46 -29.75 7.50
N ALA D 88 -28.74 -30.21 6.29
CA ALA D 88 -29.20 -31.57 6.10
C ALA D 88 -28.04 -32.52 6.38
N PRO D 89 -28.13 -33.41 7.37
CA PRO D 89 -26.96 -34.19 7.75
C PRO D 89 -26.62 -35.30 6.77
N GLU D 90 -27.60 -36.14 6.44
CA GLU D 90 -27.29 -37.43 5.86
C GLU D 90 -26.61 -37.33 4.50
N ASN D 91 -26.63 -36.15 3.89
CA ASN D 91 -25.79 -35.92 2.73
C ASN D 91 -24.33 -36.20 3.06
N TYR D 92 -23.88 -35.75 4.23
CA TYR D 92 -22.51 -35.98 4.66
C TYR D 92 -22.23 -37.47 4.73
N PRO D 93 -20.96 -37.89 4.58
CA PRO D 93 -19.73 -37.12 4.39
C PRO D 93 -19.54 -36.66 2.96
N ILE D 94 -19.09 -35.42 2.75
CA ILE D 94 -19.11 -34.81 1.43
C ILE D 94 -17.88 -33.94 1.22
N ASN D 95 -17.63 -33.60 -0.04
CA ASN D 95 -16.56 -32.67 -0.42
C ASN D 95 -17.16 -31.31 -0.69
N LEU D 96 -16.42 -30.27 -0.30
CA LEU D 96 -16.78 -28.88 -0.58
C LEU D 96 -15.58 -28.17 -1.16
N LYS D 97 -15.78 -27.50 -2.29
CA LYS D 97 -14.75 -26.65 -2.85
C LYS D 97 -14.78 -25.30 -2.14
N PHE D 98 -13.61 -24.69 -1.99
CA PHE D 98 -13.54 -23.37 -1.40
C PHE D 98 -12.36 -22.63 -2.02
N SER D 99 -12.53 -21.34 -2.24
CA SER D 99 -11.43 -20.51 -2.67
C SER D 99 -11.79 -19.06 -2.46
N ARG D 100 -10.90 -18.17 -2.85
CA ARG D 100 -11.16 -16.78 -2.58
C ARG D 100 -11.86 -16.13 -3.77
N PRO D 101 -12.66 -15.10 -3.53
CA PRO D 101 -13.42 -14.50 -4.63
C PRO D 101 -12.49 -13.67 -5.50
N LYS D 102 -12.19 -14.20 -6.68
CA LYS D 102 -11.51 -13.37 -7.67
C LYS D 102 -12.46 -12.23 -7.97
N MET D 103 -12.18 -11.04 -7.46
CA MET D 103 -13.13 -9.95 -7.57
C MET D 103 -13.45 -9.70 -9.03
N THR D 104 -14.69 -9.96 -9.41
CA THR D 104 -15.10 -9.75 -10.79
C THR D 104 -14.80 -8.32 -11.20
N THR D 105 -14.51 -8.16 -12.50
CA THR D 105 -13.94 -6.94 -13.04
C THR D 105 -14.54 -5.70 -12.40
N ASN D 106 -15.86 -5.61 -12.40
CA ASN D 106 -16.57 -4.47 -11.81
C ASN D 106 -16.10 -4.18 -10.39
N GLU D 107 -15.91 -5.23 -9.59
CA GLU D 107 -15.41 -5.02 -8.24
C GLU D 107 -14.01 -4.42 -8.27
N LYS D 108 -13.18 -4.86 -9.20
CA LYS D 108 -11.87 -4.26 -9.34
C LYS D 108 -11.98 -2.78 -9.71
N ILE D 109 -12.96 -2.45 -10.54
CA ILE D 109 -13.20 -1.05 -10.88
C ILE D 109 -13.49 -0.26 -9.61
N PHE D 110 -14.37 -0.81 -8.79
CA PHE D 110 -14.71 -0.17 -7.52
C PHE D 110 -13.48 -0.03 -6.63
N LEU D 111 -12.61 -1.05 -6.63
CA LEU D 111 -11.44 -1.03 -5.78
C LEU D 111 -10.51 0.10 -6.19
N ALA D 112 -10.24 0.22 -7.50
CA ALA D 112 -9.40 1.30 -7.99
C ALA D 112 -10.04 2.64 -7.68
N SER D 113 -11.36 2.72 -7.83
CA SER D 113 -12.07 3.95 -7.55
C SER D 113 -11.83 4.39 -6.12
N MET D 114 -12.08 3.49 -5.17
CA MET D 114 -11.90 3.83 -3.76
C MET D 114 -10.44 4.09 -3.41
N PHE D 115 -9.50 3.46 -4.13
CA PHE D 115 -8.11 3.72 -3.79
C PHE D 115 -7.67 5.10 -4.23
N TYR D 116 -8.17 5.60 -5.36
CA TYR D 116 -7.67 6.88 -5.87
C TYR D 116 -7.60 7.98 -4.82
N PRO D 117 -8.61 8.21 -3.99
CA PRO D 117 -8.46 9.26 -2.98
C PRO D 117 -7.26 9.05 -2.06
N LEU D 118 -7.01 7.82 -1.62
CA LEU D 118 -5.84 7.57 -0.79
C LEU D 118 -4.57 8.09 -1.45
N PHE D 119 -4.49 7.91 -2.77
CA PHE D 119 -3.38 8.49 -3.51
C PHE D 119 -3.42 10.01 -3.39
N ALA D 120 -4.57 10.59 -3.70
CA ALA D 120 -4.69 12.05 -3.72
C ALA D 120 -4.83 12.65 -2.34
N ILE D 121 -5.14 11.84 -1.33
CA ILE D 121 -5.31 12.33 0.04
C ILE D 121 -4.32 11.59 0.95
N ALA D 122 -3.16 11.24 0.40
CA ALA D 122 -2.15 10.61 1.23
C ALA D 122 -1.61 11.63 2.24
N SER D 123 -2.41 11.94 3.24
CA SER D 123 -2.12 12.99 4.22
C SER D 123 -1.51 14.21 3.55
N GLN D 124 -2.31 14.83 2.68
CA GLN D 124 -1.90 16.09 2.09
C GLN D 124 -1.65 17.12 3.17
N LEU D 125 -2.27 16.94 4.34
CA LEU D 125 -1.84 17.61 5.57
C LEU D 125 -0.75 16.77 6.24
N SER D 126 0.39 16.71 5.56
CA SER D 126 1.56 15.99 6.03
C SER D 126 2.30 16.75 7.12
N PRO D 127 3.16 16.07 7.87
CA PRO D 127 4.17 16.78 8.64
C PRO D 127 5.07 17.63 7.77
N GLU D 128 5.80 16.96 6.87
CA GLU D 128 6.80 17.63 6.07
C GLU D 128 6.14 18.67 5.18
N PRO D 129 6.71 19.87 5.06
CA PRO D 129 6.01 20.94 4.36
C PRO D 129 6.08 20.75 2.86
N LYS D 130 5.17 21.45 2.16
CA LYS D 130 5.07 21.46 0.71
C LYS D 130 5.33 20.07 0.15
N SER D 131 4.74 19.07 0.81
CA SER D 131 5.17 17.69 0.65
C SER D 131 4.80 17.15 -0.72
N SER D 132 5.02 15.86 -0.87
CA SER D 132 4.55 15.11 -2.03
C SER D 132 3.84 13.86 -1.53
N GLY D 133 2.97 13.33 -2.37
CA GLY D 133 2.11 12.25 -1.96
C GLY D 133 2.81 10.91 -1.96
N ILE D 134 2.03 9.90 -1.60
CA ILE D 134 2.37 8.50 -1.81
C ILE D 134 3.09 8.18 -3.11
N GLU D 135 4.07 7.29 -3.02
CA GLU D 135 4.65 6.62 -4.17
C GLU D 135 4.80 5.12 -3.95
N ILE D 136 5.16 4.67 -2.76
CA ILE D 136 5.43 3.27 -2.48
C ILE D 136 4.59 2.83 -1.30
N LEU D 137 3.80 1.78 -1.50
CA LEU D 137 2.96 1.20 -0.45
C LEU D 137 3.26 -0.30 -0.38
N GLU D 138 4.11 -0.69 0.56
CA GLU D 138 4.33 -2.10 0.81
C GLU D 138 3.14 -2.69 1.55
N ALA D 139 2.98 -4.01 1.44
CA ALA D 139 1.85 -4.69 2.04
C ALA D 139 2.28 -6.11 2.41
N ASP D 140 1.31 -6.90 2.89
CA ASP D 140 1.63 -8.22 3.43
C ASP D 140 2.28 -9.10 2.38
N THR D 141 1.53 -9.46 1.33
CA THR D 141 2.04 -10.31 0.28
C THR D 141 1.94 -9.67 -1.11
N PHE D 142 1.87 -8.34 -1.17
CA PHE D 142 2.13 -7.62 -2.40
C PHE D 142 2.72 -6.26 -2.03
N THR D 143 3.25 -5.57 -3.02
CA THR D 143 3.75 -4.23 -2.83
C THR D 143 3.33 -3.36 -4.00
N LEU D 144 2.85 -2.18 -3.68
CA LEU D 144 2.34 -1.26 -4.68
C LEU D 144 3.40 -0.19 -4.92
N HIS D 145 3.78 -0.01 -6.18
CA HIS D 145 4.66 1.07 -6.60
C HIS D 145 3.88 1.92 -7.59
N CYS D 146 3.82 3.21 -7.34
CA CYS D 146 3.19 4.10 -8.29
C CYS D 146 4.20 5.08 -8.86
N PHE D 147 3.99 5.44 -10.12
CA PHE D 147 4.75 6.48 -10.77
C PHE D 147 3.78 7.55 -11.21
N GLN D 148 3.75 8.67 -10.50
CA GLN D 148 3.12 9.85 -11.03
C GLN D 148 3.82 10.27 -12.30
N THR D 149 3.05 10.68 -13.30
CA THR D 149 3.65 11.25 -14.50
C THR D 149 4.29 12.60 -14.24
N LEU D 150 4.29 13.05 -12.99
CA LEU D 150 4.81 14.32 -12.50
C LEU D 150 3.88 15.43 -12.92
N THR D 151 2.96 15.15 -13.87
CA THR D 151 1.82 15.98 -14.20
C THR D 151 0.74 15.08 -14.81
N GLY D 152 -0.22 14.66 -13.99
CA GLY D 152 -1.36 13.99 -14.57
C GLY D 152 -1.53 12.54 -14.15
N ILE D 153 -1.18 11.65 -15.09
CA ILE D 153 -1.58 10.25 -15.02
C ILE D 153 -0.85 9.55 -13.89
N LYS D 154 -1.45 8.48 -13.38
CA LYS D 154 -0.85 7.66 -12.33
C LYS D 154 -0.54 6.27 -12.88
N PHE D 155 0.59 5.72 -12.44
CA PHE D 155 1.07 4.42 -12.94
C PHE D 155 1.34 3.49 -11.77
N ILE D 156 0.42 2.57 -11.50
CA ILE D 156 0.53 1.68 -10.34
C ILE D 156 0.60 0.24 -10.84
N ILE D 157 1.52 -0.53 -10.28
CA ILE D 157 1.61 -1.95 -10.60
C ILE D 157 1.76 -2.75 -9.32
N ILE D 158 1.48 -4.04 -9.44
CA ILE D 158 1.44 -4.96 -8.32
C ILE D 158 2.47 -6.05 -8.54
N SER D 159 3.49 -6.06 -7.70
CA SER D 159 4.67 -6.89 -7.89
C SER D 159 4.85 -7.80 -6.69
N GLU D 160 5.79 -8.74 -6.82
CA GLU D 160 6.21 -9.51 -5.67
C GLU D 160 6.74 -8.57 -4.61
N THR D 161 6.42 -8.85 -3.35
CA THR D 161 6.69 -7.89 -2.27
C THR D 161 8.18 -7.63 -2.13
N GLY D 162 8.97 -8.67 -1.97
CA GLY D 162 10.40 -8.54 -1.78
C GLY D 162 11.14 -8.30 -3.08
N LEU D 163 11.25 -7.04 -3.49
CA LEU D 163 11.89 -6.74 -4.76
C LEU D 163 12.26 -5.27 -4.82
N ASN D 164 13.31 -4.99 -5.58
CA ASN D 164 13.66 -3.62 -5.92
C ASN D 164 13.82 -3.53 -7.43
N GLY D 165 14.24 -2.35 -7.90
CA GLY D 165 14.42 -2.15 -9.33
C GLY D 165 13.14 -2.26 -10.13
N ILE D 166 12.07 -1.61 -9.69
CA ILE D 166 10.80 -1.69 -10.40
C ILE D 166 10.39 -0.31 -10.90
N ASP D 167 10.90 0.76 -10.28
CA ASP D 167 10.50 2.09 -10.72
C ASP D 167 11.00 2.40 -12.12
N LEU D 168 12.17 1.88 -12.49
CA LEU D 168 12.60 1.95 -13.88
C LEU D 168 11.64 1.17 -14.78
N LEU D 169 11.15 0.03 -14.29
CA LEU D 169 10.15 -0.71 -15.05
C LEU D 169 8.88 0.12 -15.25
N LEU D 170 8.52 0.89 -14.23
CA LEU D 170 7.42 1.84 -14.38
C LEU D 170 7.74 2.87 -15.45
N ARG D 171 8.97 3.38 -15.46
CA ARG D 171 9.35 4.32 -16.51
C ARG D 171 9.19 3.70 -17.88
N LYS D 172 9.52 2.42 -18.02
CA LYS D 172 9.37 1.78 -19.31
C LYS D 172 7.89 1.56 -19.67
N VAL D 173 7.05 1.27 -18.68
CA VAL D 173 5.63 1.19 -18.98
C VAL D 173 5.09 2.57 -19.35
N TYR D 174 5.70 3.61 -18.80
CA TYR D 174 5.42 4.97 -19.25
C TYR D 174 5.80 5.15 -20.71
N GLU D 175 6.94 4.56 -21.11
CA GLU D 175 7.33 4.62 -22.52
C GLU D 175 6.31 3.92 -23.39
N LEU D 176 5.82 2.76 -22.95
CA LEU D 176 4.76 2.08 -23.68
C LEU D 176 3.52 2.96 -23.78
N TYR D 177 3.22 3.68 -22.70
CA TYR D 177 2.11 4.62 -22.71
C TYR D 177 2.27 5.65 -23.81
N SER D 178 3.46 6.22 -23.92
CA SER D 178 3.70 7.20 -24.97
C SER D 178 3.52 6.56 -26.34
N ASP D 179 4.10 5.37 -26.52
CA ASP D 179 3.95 4.63 -27.76
C ASP D 179 2.49 4.53 -28.16
N TYR D 180 1.63 4.17 -27.21
CA TYR D 180 0.23 3.97 -27.56
C TYR D 180 -0.51 5.28 -27.76
N VAL D 181 -0.30 6.27 -26.89
CA VAL D 181 -1.01 7.53 -27.10
C VAL D 181 -0.60 8.20 -28.39
N LEU D 182 0.51 7.75 -29.01
CA LEU D 182 0.76 8.13 -30.40
C LEU D 182 -0.34 7.62 -31.34
N LYS D 183 -1.00 6.52 -30.99
CA LYS D 183 -2.02 5.94 -31.86
C LYS D 183 -3.10 6.94 -32.23
N ASN D 184 -3.80 7.42 -31.23
CA ASN D 184 -4.79 8.44 -31.46
C ASN D 184 -4.85 9.29 -30.21
N PRO D 185 -4.31 10.51 -30.23
CA PRO D 185 -4.44 11.40 -29.07
C PRO D 185 -5.89 11.72 -28.76
N PHE D 186 -6.78 11.61 -29.76
CA PHE D 186 -8.20 11.63 -29.47
C PHE D 186 -8.60 10.43 -28.62
N TYR D 187 -7.93 9.29 -28.82
CA TYR D 187 -8.16 8.15 -27.96
C TYR D 187 -7.55 8.47 -26.61
N SER D 188 -8.26 9.25 -25.81
CA SER D 188 -7.73 9.92 -24.65
C SER D 188 -8.17 9.22 -23.37
N LEU D 189 -7.88 9.86 -22.25
CA LEU D 189 -8.21 9.30 -20.95
C LEU D 189 -9.69 8.94 -20.86
N GLU D 190 -10.55 9.74 -21.47
CA GLU D 190 -11.99 9.58 -21.32
C GLU D 190 -12.41 8.16 -21.65
N MET D 191 -11.98 7.64 -22.78
CA MET D 191 -12.15 6.23 -23.01
C MET D 191 -10.96 5.47 -22.44
N PRO D 192 -11.18 4.23 -22.02
CA PRO D 192 -10.08 3.40 -21.51
C PRO D 192 -9.34 2.73 -22.66
N ILE D 193 -8.08 2.36 -22.41
CA ILE D 193 -7.18 1.87 -23.45
C ILE D 193 -7.28 0.35 -23.48
N ARG D 194 -7.93 -0.19 -24.50
CA ARG D 194 -8.10 -1.64 -24.65
C ARG D 194 -7.72 -2.09 -26.04
N CYS D 195 -6.54 -1.67 -26.49
CA CYS D 195 -6.15 -1.86 -27.88
C CYS D 195 -5.06 -2.93 -27.97
N GLU D 196 -5.43 -4.11 -28.50
CA GLU D 196 -4.73 -5.36 -28.22
C GLU D 196 -3.27 -5.33 -28.69
N LEU D 197 -2.98 -4.52 -29.70
CA LEU D 197 -1.60 -4.27 -30.14
C LEU D 197 -0.67 -3.73 -29.05
N PHE D 198 -0.96 -2.56 -28.50
CA PHE D 198 -0.16 -2.04 -27.40
C PHE D 198 -0.19 -3.00 -26.23
N ASP D 199 -1.28 -3.74 -26.09
CA ASP D 199 -1.47 -4.58 -24.93
C ASP D 199 -0.56 -5.81 -25.00
N ASN D 200 -0.40 -6.38 -26.19
CA ASN D 200 0.54 -7.47 -26.32
C ASN D 200 1.97 -6.95 -26.28
N LYS D 201 2.18 -5.69 -26.66
CA LYS D 201 3.50 -5.11 -26.41
C LYS D 201 3.79 -5.05 -24.91
N LEU D 202 2.78 -4.69 -24.11
CA LEU D 202 2.93 -4.76 -22.66
C LEU D 202 3.16 -6.19 -22.19
N GLN D 203 2.40 -7.14 -22.72
CA GLN D 203 2.62 -8.51 -22.27
C GLN D 203 3.99 -9.02 -22.69
N GLU D 204 4.61 -8.39 -23.69
CA GLU D 204 5.99 -8.73 -23.98
C GLU D 204 6.94 -8.09 -22.98
N LEU D 205 6.64 -6.88 -22.51
CA LEU D 205 7.40 -6.35 -21.39
C LEU D 205 7.31 -7.30 -20.19
N LEU D 206 6.11 -7.82 -19.96
CA LEU D 206 5.90 -8.87 -18.97
C LEU D 206 6.75 -10.09 -19.28
N ALA D 207 6.79 -10.50 -20.54
CA ALA D 207 7.54 -11.70 -20.92
C ALA D 207 9.01 -11.54 -20.62
N GLN D 208 9.56 -10.37 -20.92
CA GLN D 208 10.96 -10.09 -20.62
C GLN D 208 11.21 -10.13 -19.12
N VAL D 209 10.31 -9.52 -18.34
CA VAL D 209 10.60 -9.46 -16.91
C VAL D 209 10.26 -10.76 -16.19
N GLU D 210 9.49 -11.66 -16.80
CA GLU D 210 9.34 -12.99 -16.24
C GLU D 210 10.66 -13.73 -16.29
N LYS D 211 11.34 -13.69 -17.43
CA LYS D 211 12.71 -14.14 -17.50
C LYS D 211 13.59 -13.25 -16.64
N THR D 212 14.87 -13.59 -16.60
CA THR D 212 15.77 -12.94 -15.67
C THR D 212 15.86 -11.45 -15.93
N GLY D 213 15.99 -11.05 -17.18
CA GLY D 213 16.43 -9.71 -17.47
C GLY D 213 15.44 -8.61 -17.11
N ILE D 214 15.74 -7.90 -16.03
CA ILE D 214 15.16 -6.59 -15.78
C ILE D 214 16.22 -5.49 -15.77
N SER D 215 17.45 -5.81 -15.40
CA SER D 215 18.56 -5.22 -16.12
C SER D 215 18.46 -5.67 -17.57
N ASN D 216 19.29 -5.10 -18.44
CA ASN D 216 19.06 -5.22 -19.88
C ASN D 216 17.69 -4.64 -20.22
N ILE D 217 17.63 -3.31 -20.17
CA ILE D 217 16.41 -2.51 -20.17
C ILE D 217 15.47 -2.93 -21.29
N ASP D 218 16.00 -3.72 -22.23
CA ASP D 218 15.22 -4.32 -23.31
C ASP D 218 13.84 -4.75 -22.84
N LYS D 219 12.83 -4.35 -23.60
CA LYS D 219 11.44 -4.41 -23.19
C LYS D 219 10.64 -5.41 -24.02
N MET E 1 20.27 35.61 -85.67
CA MET E 1 20.23 35.15 -84.30
C MET E 1 19.49 33.83 -84.21
N SER E 2 19.22 33.40 -82.98
CA SER E 2 18.39 32.25 -82.72
C SER E 2 17.08 32.71 -82.09
N THR E 3 15.99 32.05 -82.47
CA THR E 3 14.73 32.26 -81.79
C THR E 3 14.65 31.39 -80.54
N TYR E 4 13.84 31.84 -79.59
CA TYR E 4 13.75 31.22 -78.28
C TYR E 4 12.29 30.90 -77.98
N TYR E 5 12.01 29.63 -77.66
CA TYR E 5 10.67 29.19 -77.28
C TYR E 5 10.75 27.97 -76.37
N PHE E 6 10.20 28.12 -75.17
CA PHE E 6 10.08 27.03 -74.21
C PHE E 6 8.61 26.71 -74.02
N VAL E 7 8.32 25.45 -73.71
CA VAL E 7 6.95 25.03 -73.45
C VAL E 7 6.94 24.03 -72.29
N ILE E 8 5.89 24.07 -71.50
CA ILE E 8 5.69 23.16 -70.39
C ILE E 8 4.36 22.46 -70.59
N VAL E 9 4.39 21.13 -70.55
CA VAL E 9 3.22 20.31 -70.85
C VAL E 9 2.93 19.38 -69.69
N GLY E 10 1.72 19.44 -69.17
CA GLY E 10 1.32 18.54 -68.12
C GLY E 10 1.15 17.12 -68.63
N GLN E 11 1.06 16.19 -67.69
CA GLN E 11 0.81 14.80 -68.05
C GLN E 11 -0.45 14.68 -68.90
N ASN E 12 -1.51 15.36 -68.50
CA ASN E 12 -2.76 15.36 -69.24
C ASN E 12 -2.71 16.26 -70.46
N ASP E 13 -1.50 16.47 -70.98
CA ASP E 13 -1.22 17.22 -72.19
C ASP E 13 -1.54 18.69 -72.03
N ASN E 14 -1.69 19.15 -70.81
CA ASN E 14 -2.01 20.54 -70.56
C ASN E 14 -0.78 21.40 -70.79
N PRO E 15 -0.87 22.44 -71.61
CA PRO E 15 0.28 23.35 -71.80
C PRO E 15 0.39 24.27 -70.59
N ILE E 16 1.29 23.92 -69.67
CA ILE E 16 1.37 24.59 -68.39
C ILE E 16 1.91 26.01 -68.53
N TYR E 17 2.94 26.18 -69.35
CA TYR E 17 3.60 27.47 -69.45
C TYR E 17 4.48 27.47 -70.69
N GLU E 18 4.77 28.67 -71.19
CA GLU E 18 5.64 28.86 -72.34
C GLU E 18 6.42 30.16 -72.16
N LYS E 19 7.70 30.15 -72.51
CA LYS E 19 8.57 31.28 -72.25
C LYS E 19 9.37 31.66 -73.49
N GLU E 20 9.56 32.98 -73.68
CA GLU E 20 10.14 33.58 -74.87
C GLU E 20 11.25 34.54 -74.51
N PHE E 21 12.25 34.65 -75.40
CA PHE E 21 13.35 35.57 -75.20
C PHE E 21 13.76 36.28 -76.48
N SER E 22 13.06 36.04 -77.59
CA SER E 22 13.51 36.55 -78.88
C SER E 22 13.38 38.06 -78.95
N THR E 23 14.20 38.67 -79.80
CA THR E 23 14.13 40.11 -80.01
C THR E 23 12.73 40.50 -80.46
N VAL E 24 12.12 41.43 -79.73
CA VAL E 24 10.70 41.72 -79.87
C VAL E 24 10.43 42.44 -81.18
N ASN E 25 9.48 41.91 -81.95
CA ASN E 25 9.08 42.42 -83.25
C ASN E 25 7.91 41.57 -83.74
N LYS E 26 6.99 42.18 -84.49
CA LYS E 26 5.83 41.50 -85.09
C LYS E 26 5.21 40.48 -84.14
N GLU E 27 4.70 41.03 -83.02
CA GLU E 27 4.18 40.21 -81.93
C GLU E 27 3.10 39.26 -82.39
N LEU E 28 2.31 39.65 -83.40
CA LEU E 28 1.33 38.73 -83.96
C LEU E 28 2.02 37.51 -84.55
N ARG E 29 3.12 37.70 -85.26
CA ARG E 29 3.86 36.57 -85.81
C ARG E 29 4.56 35.76 -84.73
N LYS E 30 4.91 36.39 -83.60
CA LYS E 30 5.45 35.63 -82.48
C LYS E 30 4.37 34.76 -81.83
N GLU E 31 3.14 35.27 -81.74
CA GLU E 31 2.02 34.42 -81.31
C GLU E 31 1.76 33.31 -82.32
N ASP E 32 1.92 33.60 -83.60
CA ASP E 32 1.82 32.55 -84.61
C ASP E 32 2.88 31.48 -84.35
N HIS E 33 4.09 31.91 -84.02
CA HIS E 33 5.11 30.97 -83.58
C HIS E 33 4.61 30.14 -82.42
N ARG E 34 3.98 30.81 -81.45
CA ARG E 34 3.53 30.14 -80.23
C ARG E 34 2.57 29.00 -80.55
N HIS E 35 1.51 29.30 -81.31
CA HIS E 35 0.50 28.27 -81.58
C HIS E 35 0.99 27.26 -82.61
N LEU E 36 1.68 27.74 -83.65
CA LEU E 36 2.42 26.87 -84.55
C LEU E 36 3.17 25.80 -83.79
N THR E 37 4.04 26.21 -82.87
CA THR E 37 4.86 25.27 -82.14
C THR E 37 4.11 24.52 -81.05
N GLN E 38 2.96 25.01 -80.58
CA GLN E 38 2.17 24.21 -79.65
C GLN E 38 1.50 23.04 -80.36
N PHE E 39 0.93 23.27 -81.54
CA PHE E 39 0.39 22.13 -82.28
C PHE E 39 1.52 21.24 -82.78
N ILE E 40 2.64 21.86 -83.12
CA ILE E 40 3.86 21.11 -83.38
C ILE E 40 4.21 20.28 -82.18
N ALA E 41 4.02 20.81 -80.98
CA ALA E 41 4.28 20.05 -79.78
C ALA E 41 3.30 18.91 -79.62
N HIS E 42 2.05 19.10 -80.07
CA HIS E 42 1.12 17.98 -80.05
C HIS E 42 1.61 16.84 -80.92
N ALA E 43 1.96 17.15 -82.17
CA ALA E 43 2.44 16.11 -83.07
C ALA E 43 3.76 15.53 -82.58
N ALA E 44 4.69 16.39 -82.19
CA ALA E 44 5.95 15.97 -81.62
C ALA E 44 5.76 15.17 -80.35
N LEU E 45 4.68 15.40 -79.61
CA LEU E 45 4.37 14.60 -78.43
C LEU E 45 3.91 13.22 -78.85
N ASP E 46 2.99 13.16 -79.82
CA ASP E 46 2.54 11.89 -80.32
C ASP E 46 3.71 11.07 -80.85
N LEU E 47 4.78 11.74 -81.25
CA LEU E 47 6.01 11.05 -81.65
C LEU E 47 6.89 10.72 -80.44
N VAL E 48 7.14 11.70 -79.59
CA VAL E 48 8.16 11.55 -78.56
C VAL E 48 7.67 10.61 -77.48
N ASP E 49 6.38 10.32 -77.41
CA ASP E 49 5.94 9.33 -76.44
C ASP E 49 6.52 7.96 -76.78
N GLU E 50 6.39 7.52 -78.04
CA GLU E 50 7.02 6.24 -78.36
C GLU E 50 8.54 6.39 -78.39
N HIS E 51 9.03 7.58 -78.69
CA HIS E 51 10.48 7.76 -78.64
C HIS E 51 11.01 7.58 -77.23
N LYS E 52 10.26 8.05 -76.22
CA LYS E 52 10.64 7.84 -74.84
C LYS E 52 10.36 6.41 -74.40
N TRP E 53 9.37 5.76 -75.01
CA TRP E 53 9.21 4.34 -74.77
C TRP E 53 10.36 3.55 -75.35
N LYS E 54 11.10 4.13 -76.29
CA LYS E 54 12.30 3.48 -76.81
C LYS E 54 13.48 3.70 -75.88
N THR E 55 13.88 4.96 -75.70
CA THR E 55 15.04 5.30 -74.90
C THR E 55 14.64 6.15 -73.71
N ALA E 56 15.12 5.74 -72.54
CA ALA E 56 14.94 6.47 -71.30
C ALA E 56 16.14 7.38 -71.06
N ASN E 57 16.65 7.96 -72.14
CA ASN E 57 17.81 8.82 -72.09
C ASN E 57 17.53 10.06 -71.24
N MET E 58 18.61 10.73 -70.84
CA MET E 58 18.51 11.94 -70.03
C MET E 58 17.54 12.89 -70.71
N GLN E 59 17.76 13.08 -72.00
CA GLN E 59 17.16 14.14 -72.78
C GLN E 59 17.17 13.70 -74.23
N LEU E 60 16.03 13.88 -74.90
CA LEU E 60 15.89 13.51 -76.29
C LEU E 60 16.16 14.76 -77.12
N LYS E 61 17.42 14.92 -77.55
CA LYS E 61 17.85 16.18 -78.16
C LYS E 61 17.03 16.53 -79.39
N SER E 62 16.69 15.55 -80.21
CA SER E 62 15.97 15.81 -81.44
C SER E 62 14.83 14.83 -81.56
N ILE E 63 13.64 15.36 -81.82
CA ILE E 63 12.46 14.53 -82.08
C ILE E 63 11.94 14.77 -83.49
N ASP E 64 11.82 16.02 -83.89
CA ASP E 64 11.54 16.34 -85.28
C ASP E 64 12.34 17.57 -85.65
N ARG E 65 12.66 17.67 -86.93
CA ARG E 65 13.32 18.85 -87.48
C ARG E 65 12.53 19.27 -88.70
N PHE E 66 11.66 20.26 -88.54
CA PHE E 66 10.79 20.75 -89.61
C PHE E 66 11.51 21.48 -90.66
N ASN E 67 12.85 21.45 -90.63
CA ASN E 67 13.71 22.11 -91.61
C ASN E 67 13.73 23.62 -91.40
N GLN E 68 12.82 24.12 -90.56
CA GLN E 68 12.97 25.43 -89.95
C GLN E 68 12.53 25.48 -88.49
N TRP E 69 11.79 24.48 -88.02
CA TRP E 69 11.38 24.38 -86.63
C TRP E 69 11.98 23.12 -86.03
N PHE E 70 12.64 23.25 -84.88
CA PHE E 70 13.47 22.19 -84.34
C PHE E 70 12.92 21.72 -83.00
N VAL E 71 12.81 20.40 -82.84
CA VAL E 71 12.13 19.80 -81.71
C VAL E 71 13.16 19.15 -80.79
N SER E 72 13.33 19.73 -79.61
CA SER E 72 14.25 19.20 -78.60
C SER E 72 13.47 18.83 -77.35
N ALA E 73 13.61 17.59 -76.91
CA ALA E 73 12.75 17.03 -75.87
C ALA E 73 13.55 16.65 -74.63
N PHE E 74 13.13 17.16 -73.48
CA PHE E 74 13.60 16.73 -72.18
C PHE E 74 12.38 16.32 -71.36
N ILE E 75 12.04 15.05 -71.43
CA ILE E 75 10.89 14.53 -70.70
C ILE E 75 11.30 14.12 -69.30
N THR E 76 10.39 14.31 -68.35
CA THR E 76 10.66 14.16 -66.93
C THR E 76 10.17 12.81 -66.43
N ALA E 77 10.50 12.52 -65.17
CA ALA E 77 10.02 11.31 -64.54
C ALA E 77 8.51 11.31 -64.46
N SER E 78 7.92 12.46 -64.12
CA SER E 78 6.48 12.61 -64.15
C SER E 78 5.96 12.84 -65.56
N GLN E 79 6.74 12.48 -66.56
CA GLN E 79 6.36 12.58 -67.97
C GLN E 79 6.01 14.00 -68.37
N ILE E 80 6.57 15.02 -67.71
CA ILE E 80 6.25 16.38 -68.09
C ILE E 80 6.96 16.69 -69.40
N ARG E 81 6.20 16.84 -70.47
CA ARG E 81 6.76 17.10 -71.79
C ARG E 81 7.36 18.51 -71.83
N PHE E 82 8.63 18.60 -72.19
CA PHE E 82 9.32 19.87 -72.35
C PHE E 82 9.93 19.92 -73.74
N ILE E 83 9.73 21.05 -74.43
CA ILE E 83 10.27 21.24 -75.76
C ILE E 83 10.80 22.65 -75.89
N ILE E 84 11.97 22.77 -76.48
CA ILE E 84 12.49 24.03 -77.00
C ILE E 84 12.39 23.97 -78.51
N VAL E 85 11.81 25.00 -79.11
CA VAL E 85 11.68 25.09 -80.55
C VAL E 85 12.37 26.35 -81.03
N HIS E 86 13.25 26.21 -82.01
CA HIS E 86 14.09 27.31 -82.44
C HIS E 86 14.40 27.17 -83.91
N ASP E 87 14.64 28.31 -84.55
CA ASP E 87 15.02 28.33 -85.95
C ASP E 87 16.51 28.03 -86.14
N ASN E 88 17.27 27.98 -85.05
CA ASN E 88 18.70 27.74 -85.08
C ASN E 88 19.08 26.76 -83.97
N LYS E 89 20.16 26.02 -84.19
CA LYS E 89 20.62 25.03 -83.23
C LYS E 89 21.62 25.63 -82.25
N ASN E 90 21.52 25.23 -80.97
CA ASN E 90 22.58 25.47 -79.99
C ASN E 90 22.50 24.35 -78.96
N ASP E 91 23.20 23.23 -79.23
CA ASP E 91 23.02 22.03 -78.42
C ASP E 91 23.54 22.22 -77.00
N GLU E 92 24.73 22.80 -76.85
CA GLU E 92 25.33 22.92 -75.53
C GLU E 92 24.47 23.78 -74.61
N GLY E 93 23.90 24.86 -75.15
CA GLY E 93 22.99 25.65 -74.36
C GLY E 93 21.77 24.85 -73.96
N ILE E 94 21.18 24.14 -74.91
CA ILE E 94 19.88 23.53 -74.68
C ILE E 94 19.97 22.36 -73.71
N LYS E 95 21.04 21.56 -73.79
CA LYS E 95 21.10 20.37 -72.96
C LYS E 95 21.06 20.72 -71.48
N ASN E 96 22.09 21.41 -71.00
CA ASN E 96 22.06 21.81 -69.60
C ASN E 96 21.05 22.92 -69.35
N PHE E 97 20.51 23.55 -70.39
CA PHE E 97 19.42 24.49 -70.18
C PHE E 97 18.16 23.77 -69.77
N PHE E 98 17.80 22.71 -70.49
CA PHE E 98 16.73 21.84 -70.04
C PHE E 98 17.07 21.22 -68.70
N ASN E 99 18.35 20.98 -68.45
CA ASN E 99 18.74 20.53 -67.13
C ASN E 99 18.32 21.54 -66.06
N GLU E 100 18.72 22.78 -66.21
CA GLU E 100 18.45 23.79 -65.20
C GLU E 100 16.98 24.16 -65.14
N MET E 101 16.29 24.15 -66.29
CA MET E 101 14.83 24.15 -66.29
C MET E 101 14.27 23.09 -65.37
N TYR E 102 14.74 21.85 -65.56
CA TYR E 102 14.25 20.76 -64.73
C TYR E 102 14.54 21.01 -63.26
N ASP E 103 15.70 21.61 -62.99
CA ASP E 103 16.10 21.85 -61.61
C ASP E 103 15.18 22.85 -60.93
N THR E 104 15.07 24.05 -61.51
CA THR E 104 14.19 25.03 -60.92
C THR E 104 12.75 24.56 -60.95
N TYR E 105 12.40 23.72 -61.91
CA TYR E 105 11.09 23.10 -61.91
C TYR E 105 10.90 22.21 -60.69
N ILE E 106 11.91 21.43 -60.33
CA ILE E 106 11.80 20.62 -59.12
C ILE E 106 11.57 21.53 -57.94
N LYS E 107 12.37 22.61 -57.88
CA LYS E 107 12.27 23.56 -56.78
C LYS E 107 10.85 24.10 -56.65
N ASN E 108 10.26 24.52 -57.75
CA ASN E 108 8.91 25.07 -57.67
C ASN E 108 7.82 24.02 -57.81
N SER E 109 8.20 22.75 -57.93
CA SER E 109 7.22 21.69 -57.96
C SER E 109 7.02 21.09 -56.58
N MET E 110 8.02 21.25 -55.71
CA MET E 110 7.87 20.70 -54.37
C MET E 110 6.73 21.34 -53.59
N ASN E 111 6.49 22.62 -53.80
CA ASN E 111 5.55 23.35 -52.96
C ASN E 111 4.19 22.65 -53.02
N ALA E 112 3.65 22.29 -51.85
CA ALA E 112 2.46 21.46 -51.82
C ALA E 112 1.29 22.10 -52.55
N PHE E 113 1.27 23.44 -52.64
CA PHE E 113 0.16 24.13 -53.27
C PHE E 113 0.06 23.81 -54.75
N TYR E 114 1.17 23.54 -55.41
CA TYR E 114 1.08 23.06 -56.77
C TYR E 114 0.50 21.66 -56.80
N ARG E 115 -0.35 21.42 -57.78
CA ARG E 115 -0.90 20.09 -58.02
C ARG E 115 -0.59 19.71 -59.46
N ILE E 116 -0.55 18.41 -59.71
CA ILE E 116 -0.12 17.89 -60.99
C ILE E 116 -0.83 18.60 -62.12
N ASN E 117 -0.07 18.98 -63.14
CA ASN E 117 -0.61 19.59 -64.36
C ASN E 117 -1.39 20.86 -64.02
N THR E 118 -0.63 21.87 -63.59
CA THR E 118 -1.22 23.15 -63.21
C THR E 118 -0.29 24.29 -63.59
N PRO E 119 -0.81 25.35 -64.21
CA PRO E 119 0.06 26.49 -64.55
C PRO E 119 0.61 27.12 -63.29
N ILE E 120 1.83 27.63 -63.38
CA ILE E 120 2.53 28.17 -62.23
C ILE E 120 2.94 29.60 -62.56
N LYS E 121 2.41 30.56 -61.81
CA LYS E 121 2.54 31.98 -62.15
C LYS E 121 3.69 32.65 -61.41
N SER E 122 4.48 31.91 -60.64
CA SER E 122 5.50 32.48 -59.79
C SER E 122 6.52 33.29 -60.58
N PRO E 123 6.47 34.63 -60.51
CA PRO E 123 7.43 35.44 -61.27
C PRO E 123 8.86 35.19 -60.84
N MET E 124 9.06 34.65 -59.64
CA MET E 124 10.36 34.14 -59.26
C MET E 124 10.83 33.09 -60.24
N PHE E 125 9.94 32.17 -60.60
CA PHE E 125 10.29 31.20 -61.63
C PHE E 125 10.56 31.89 -62.94
N GLU E 126 9.82 32.96 -63.23
CA GLU E 126 10.05 33.70 -64.46
C GLU E 126 11.46 34.25 -64.52
N LYS E 127 11.90 34.90 -63.45
CA LYS E 127 13.24 35.45 -63.46
C LYS E 127 14.31 34.35 -63.39
N LYS E 128 14.02 33.23 -62.71
CA LYS E 128 14.95 32.10 -62.78
C LYS E 128 15.12 31.62 -64.21
N SER E 129 14.01 31.50 -64.94
CA SER E 129 14.05 31.13 -66.35
C SER E 129 14.81 32.16 -67.17
N GLU E 130 14.56 33.44 -66.89
CA GLU E 130 15.23 34.50 -67.64
C GLU E 130 16.74 34.46 -67.43
N ILE E 131 17.17 34.30 -66.17
CA ILE E 131 18.60 34.16 -65.89
C ILE E 131 19.17 32.97 -66.61
N PHE E 132 18.45 31.84 -66.61
CA PHE E 132 18.94 30.69 -67.35
C PHE E 132 19.07 31.00 -68.84
N GLY E 133 18.09 31.68 -69.41
CA GLY E 133 18.14 32.00 -70.82
C GLY E 133 19.28 32.92 -71.16
N ARG E 134 19.55 33.89 -70.30
CA ARG E 134 20.70 34.75 -70.49
C ARG E 134 21.99 33.98 -70.29
N LYS E 135 21.93 32.90 -69.52
CA LYS E 135 23.13 32.09 -69.34
C LYS E 135 23.32 31.12 -70.50
N TYR E 136 22.34 30.30 -70.78
CA TYR E 136 22.54 29.18 -71.70
C TYR E 136 22.08 29.46 -73.12
N LEU E 137 21.20 30.44 -73.32
CA LEU E 137 20.78 30.80 -74.67
C LEU E 137 21.18 32.21 -75.08
N LEU E 138 20.74 33.22 -74.32
CA LEU E 138 20.88 34.56 -74.86
C LEU E 138 22.28 35.10 -74.55
N SER E 139 22.67 36.13 -75.29
CA SER E 139 23.95 36.79 -75.07
C SER E 139 23.76 38.30 -74.84
N SER F 31 11.83 13.15 -34.80
CA SER F 31 11.57 11.88 -34.16
C SER F 31 10.87 10.85 -35.02
N GLN F 32 10.82 9.62 -34.51
CA GLN F 32 9.85 8.64 -34.99
C GLN F 32 8.46 9.03 -34.50
N SER F 33 8.38 9.35 -33.21
CA SER F 33 7.09 9.51 -32.55
C SER F 33 6.42 10.81 -32.94
N ILE F 34 7.18 11.82 -33.35
CA ILE F 34 6.52 13.02 -33.84
C ILE F 34 5.77 12.73 -35.13
N VAL F 35 6.38 11.95 -36.02
CA VAL F 35 5.71 11.58 -37.25
C VAL F 35 4.50 10.70 -36.94
N ALA F 36 4.65 9.78 -35.98
CA ALA F 36 3.50 8.99 -35.58
C ALA F 36 2.36 9.88 -35.08
N LEU F 37 2.69 10.92 -34.32
CA LEU F 37 1.65 11.81 -33.79
C LEU F 37 1.01 12.63 -34.91
N LEU F 38 1.82 13.20 -35.79
CA LEU F 38 1.26 13.98 -36.88
C LEU F 38 0.39 13.12 -37.76
N PHE F 39 0.73 11.85 -37.88
CA PHE F 39 -0.08 10.98 -38.70
C PHE F 39 -1.35 10.55 -37.97
N SER F 40 -1.29 10.43 -36.63
CA SER F 40 -2.52 10.20 -35.90
C SER F 40 -3.48 11.37 -36.09
N GLU F 41 -2.95 12.59 -36.09
CA GLU F 41 -3.81 13.73 -36.37
C GLU F 41 -4.29 13.73 -37.82
N ILE F 42 -3.50 13.22 -38.76
CA ILE F 42 -4.00 12.95 -40.12
C ILE F 42 -5.27 12.12 -40.03
N VAL F 43 -5.14 10.93 -39.45
CA VAL F 43 -6.23 9.97 -39.43
C VAL F 43 -7.44 10.56 -38.74
N GLN F 44 -7.20 11.28 -37.64
CA GLN F 44 -8.29 11.87 -36.88
C GLN F 44 -9.00 12.96 -37.65
N TYR F 45 -8.26 13.79 -38.39
CA TYR F 45 -8.91 14.84 -39.15
C TYR F 45 -9.82 14.22 -40.19
N SER F 46 -9.34 13.17 -40.86
CA SER F 46 -10.22 12.39 -41.72
C SER F 46 -11.41 11.87 -40.94
N GLN F 47 -11.16 11.16 -39.84
CA GLN F 47 -12.22 10.51 -39.09
C GLN F 47 -13.25 11.52 -38.61
N SER F 48 -12.84 12.80 -38.53
CA SER F 48 -13.79 13.86 -38.25
C SER F 48 -14.61 14.20 -39.48
N ARG F 49 -14.02 14.87 -40.46
CA ARG F 49 -14.82 15.38 -41.56
C ARG F 49 -15.04 14.35 -42.64
N VAL F 50 -14.94 13.07 -42.31
CA VAL F 50 -15.31 11.96 -43.18
C VAL F 50 -16.28 11.08 -42.41
N PHE F 51 -17.31 10.62 -43.09
CA PHE F 51 -18.37 9.89 -42.41
C PHE F 51 -18.17 8.39 -42.37
N THR F 52 -17.73 7.76 -43.45
CA THR F 52 -17.59 6.31 -43.45
C THR F 52 -16.19 5.89 -43.86
N VAL F 53 -15.86 4.64 -43.53
CA VAL F 53 -14.48 4.18 -43.65
C VAL F 53 -13.95 4.20 -45.07
N PRO F 54 -14.64 3.68 -46.09
CA PRO F 54 -13.98 3.57 -47.40
C PRO F 54 -13.63 4.91 -48.00
N GLU F 55 -14.46 5.93 -47.77
CA GLU F 55 -14.10 7.26 -48.24
C GLU F 55 -12.98 7.85 -47.39
N LEU F 56 -12.85 7.41 -46.15
CA LEU F 56 -11.66 7.80 -45.39
C LEU F 56 -10.40 7.21 -46.02
N GLN F 57 -10.46 5.94 -46.41
CA GLN F 57 -9.34 5.36 -47.15
C GLN F 57 -9.10 6.09 -48.45
N THR F 58 -10.18 6.53 -49.10
CA THR F 58 -10.03 7.35 -50.28
C THR F 58 -9.29 8.64 -49.95
N ARG F 59 -9.56 9.21 -48.79
CA ARG F 59 -8.93 10.48 -48.47
C ARG F 59 -7.45 10.25 -48.21
N LEU F 60 -7.14 9.15 -47.55
CA LEU F 60 -5.75 8.73 -47.37
C LEU F 60 -5.07 8.56 -48.70
N HIS F 61 -5.74 7.90 -49.63
CA HIS F 61 -5.22 7.69 -50.97
C HIS F 61 -4.93 9.03 -51.65
N ASP F 62 -5.81 10.01 -51.44
CA ASP F 62 -5.56 11.34 -51.97
C ASP F 62 -4.28 11.93 -51.40
N LEU F 63 -4.12 11.82 -50.09
CA LEU F 63 -2.89 12.30 -49.47
C LEU F 63 -1.67 11.61 -50.09
N GLY F 64 -1.79 10.32 -50.36
CA GLY F 64 -0.70 9.58 -50.96
C GLY F 64 -0.36 10.08 -52.35
N GLN F 65 -1.38 10.32 -53.17
CA GLN F 65 -1.17 10.94 -54.47
C GLN F 65 -0.43 12.25 -54.32
N ASP F 66 -0.79 13.04 -53.31
CA ASP F 66 -0.12 14.31 -53.09
C ASP F 66 1.36 14.11 -52.83
N VAL F 67 1.70 13.12 -52.02
CA VAL F 67 3.11 12.84 -51.73
C VAL F 67 3.85 12.44 -53.01
N GLY F 68 3.32 11.45 -53.71
CA GLY F 68 4.03 10.93 -54.87
C GLY F 68 4.24 11.98 -55.93
N THR F 69 3.24 12.85 -56.11
CA THR F 69 3.20 13.80 -57.21
C THR F 69 4.47 14.61 -57.28
N ARG F 70 5.10 14.87 -56.15
CA ARG F 70 6.34 15.63 -56.16
C ARG F 70 7.56 14.80 -55.77
N ILE F 71 7.41 13.74 -54.97
CA ILE F 71 8.61 12.99 -54.62
C ILE F 71 9.23 12.35 -55.87
N ILE F 72 8.39 11.86 -56.79
CA ILE F 72 8.95 11.15 -57.94
C ILE F 72 9.83 12.07 -58.77
N ASP F 73 9.38 13.30 -58.97
CA ASP F 73 10.18 14.23 -59.75
C ASP F 73 11.44 14.61 -59.01
N LEU F 74 11.35 14.81 -57.68
CA LEU F 74 12.58 14.96 -56.90
C LEU F 74 13.59 13.89 -57.26
N TYR F 75 13.22 12.64 -57.06
CA TYR F 75 14.22 11.60 -57.00
C TYR F 75 14.57 11.05 -58.36
N PHE F 76 13.97 11.58 -59.43
CA PHE F 76 14.50 11.31 -60.76
C PHE F 76 16.00 11.51 -60.81
N VAL F 77 16.48 12.63 -60.24
CA VAL F 77 17.89 13.00 -60.37
C VAL F 77 18.75 12.43 -59.25
N ARG F 78 18.49 12.87 -58.01
CA ARG F 78 19.46 12.70 -56.94
C ARG F 78 19.78 11.24 -56.69
N GLU F 79 18.75 10.41 -56.61
CA GLU F 79 18.94 9.05 -56.14
C GLU F 79 18.58 7.98 -57.17
N ARG F 80 18.20 8.38 -58.38
CA ARG F 80 17.85 7.42 -59.43
C ARG F 80 18.79 7.47 -60.61
N SER F 81 20.09 7.67 -60.35
CA SER F 81 21.12 7.79 -61.37
C SER F 81 20.90 8.96 -62.30
N SER F 82 20.02 9.90 -61.95
CA SER F 82 19.80 11.12 -62.71
C SER F 82 19.25 10.83 -64.10
N LYS F 83 19.16 9.56 -64.46
CA LYS F 83 18.72 9.12 -65.77
C LYS F 83 17.36 8.45 -65.66
N ARG F 84 16.50 8.76 -66.62
CA ARG F 84 15.17 8.19 -66.67
C ARG F 84 15.23 6.69 -66.91
N GLU F 85 14.23 5.99 -66.37
CA GLU F 85 14.01 4.58 -66.68
C GLU F 85 12.55 4.38 -66.98
N THR F 86 12.25 3.71 -68.09
CA THR F 86 10.90 3.57 -68.57
C THR F 86 10.33 2.17 -68.39
N LYS F 87 11.14 1.14 -68.60
CA LYS F 87 10.64 -0.23 -68.67
C LYS F 87 10.00 -0.63 -67.35
N LEU F 88 8.99 -1.49 -67.44
CA LEU F 88 8.11 -1.73 -66.31
C LEU F 88 8.83 -2.28 -65.09
N THR F 89 9.22 -3.55 -65.11
CA THR F 89 9.63 -4.21 -63.88
C THR F 89 10.86 -3.56 -63.28
N GLN F 90 11.79 -3.13 -64.13
CA GLN F 90 12.95 -2.41 -63.61
C GLN F 90 12.53 -1.16 -62.87
N MET F 91 11.63 -0.37 -63.46
CA MET F 91 11.20 0.85 -62.79
C MET F 91 10.43 0.52 -61.54
N LEU F 92 9.57 -0.50 -61.60
CA LEU F 92 8.85 -0.94 -60.42
C LEU F 92 9.81 -1.17 -59.27
N LEU F 93 10.74 -2.11 -59.44
CA LEU F 93 11.61 -2.49 -58.34
C LEU F 93 12.50 -1.34 -57.91
N PHE F 94 13.10 -0.64 -58.88
CA PHE F 94 14.07 0.39 -58.55
C PHE F 94 13.41 1.61 -57.94
N VAL F 95 12.22 1.97 -58.40
CA VAL F 95 11.50 3.07 -57.79
C VAL F 95 11.00 2.67 -56.41
N LYS F 96 10.51 1.44 -56.28
CA LYS F 96 10.24 0.87 -54.96
C LYS F 96 11.39 1.17 -54.01
N THR F 97 12.58 0.70 -54.38
CA THR F 97 13.73 0.81 -53.50
C THR F 97 14.11 2.25 -53.24
N THR F 98 14.20 3.07 -54.29
CA THR F 98 14.66 4.44 -54.09
C THR F 98 13.68 5.24 -53.25
N VAL F 99 12.38 5.10 -53.52
CA VAL F 99 11.36 5.73 -52.71
C VAL F 99 11.46 5.26 -51.26
N TRP F 100 11.71 3.96 -51.06
CA TRP F 100 11.76 3.52 -49.68
C TRP F 100 13.01 3.99 -48.97
N LYS F 101 14.12 4.11 -49.69
CA LYS F 101 15.33 4.61 -49.06
C LYS F 101 15.18 6.06 -48.65
N ASN F 102 14.56 6.87 -49.49
CA ASN F 102 14.41 8.26 -49.11
C ASN F 102 13.13 8.53 -48.30
N LEU F 103 12.31 7.52 -48.07
CA LEU F 103 11.17 7.66 -47.15
C LEU F 103 11.48 7.14 -45.75
N PHE F 104 11.81 5.86 -45.66
CA PHE F 104 12.19 5.24 -44.40
C PHE F 104 13.57 4.63 -44.43
N GLY F 105 14.22 4.60 -45.58
CA GLY F 105 15.46 3.87 -45.67
C GLY F 105 15.28 2.38 -45.51
N LYS F 106 14.21 1.82 -46.03
CA LYS F 106 13.97 0.38 -45.91
C LYS F 106 13.14 -0.05 -47.10
N GLU F 107 13.78 -0.74 -48.05
CA GLU F 107 13.11 -1.21 -49.25
C GLU F 107 12.09 -2.30 -48.91
N ALA F 108 11.08 -2.43 -49.77
CA ALA F 108 10.07 -3.45 -49.55
C ALA F 108 10.70 -4.83 -49.60
N GLU F 109 10.21 -5.71 -48.74
CA GLU F 109 10.92 -6.95 -48.49
C GLU F 109 10.86 -7.93 -49.66
N LYS F 110 9.82 -7.86 -50.49
CA LYS F 110 9.69 -8.80 -51.58
C LYS F 110 8.82 -8.19 -52.67
N LEU F 111 8.84 -8.83 -53.84
CA LEU F 111 7.99 -8.45 -54.96
C LEU F 111 7.44 -9.70 -55.64
N GLU F 112 6.12 -9.74 -55.82
CA GLU F 112 5.47 -10.80 -56.59
C GLU F 112 4.78 -10.21 -57.80
N HIS F 113 5.03 -10.79 -58.96
CA HIS F 113 4.26 -10.51 -60.16
C HIS F 113 3.62 -11.81 -60.63
N ALA F 114 2.31 -11.80 -60.79
CA ALA F 114 1.53 -13.02 -60.86
C ALA F 114 1.16 -13.34 -62.30
N ASN F 115 1.49 -14.57 -62.73
CA ASN F 115 1.17 -15.03 -64.08
C ASN F 115 -0.33 -15.12 -64.30
N ASP F 116 -1.06 -15.66 -63.32
CA ASP F 116 -2.48 -15.95 -63.52
C ASP F 116 -3.26 -14.72 -63.94
N ASP F 117 -2.81 -13.53 -63.52
CA ASP F 117 -3.28 -12.28 -64.09
C ASP F 117 -2.05 -11.40 -64.30
N GLU F 118 -1.61 -11.29 -65.55
CA GLU F 118 -0.43 -10.50 -65.85
C GLU F 118 -0.59 -9.06 -65.39
N ARG F 119 -1.83 -8.57 -65.29
CA ARG F 119 -2.06 -7.27 -64.67
C ARG F 119 -1.82 -7.31 -63.16
N THR F 120 -1.99 -8.49 -62.56
CA THR F 120 -1.90 -8.60 -61.10
C THR F 120 -0.46 -8.76 -60.68
N TYR F 121 0.10 -7.71 -60.10
CA TYR F 121 1.37 -7.79 -59.40
C TYR F 121 1.13 -7.44 -57.94
N TYR F 122 1.93 -8.02 -57.05
CA TYR F 122 1.87 -7.67 -55.64
C TYR F 122 3.22 -7.14 -55.20
N ILE F 123 3.21 -5.99 -54.53
CA ILE F 123 4.37 -5.49 -53.82
C ILE F 123 4.06 -5.50 -52.33
N ILE F 124 4.94 -6.09 -51.54
CA ILE F 124 4.63 -6.44 -50.17
C ILE F 124 5.78 -6.03 -49.27
N GLU F 125 5.47 -5.27 -48.22
CA GLU F 125 6.43 -4.82 -47.23
C GLU F 125 5.91 -5.15 -45.84
N LYS F 126 6.71 -5.88 -45.06
CA LYS F 126 6.29 -6.28 -43.74
C LYS F 126 6.18 -5.08 -42.80
N GLU F 127 6.86 -4.00 -43.12
CA GLU F 127 6.80 -2.81 -42.28
C GLU F 127 5.62 -1.94 -42.71
N PRO F 128 4.64 -1.76 -41.89
CA PRO F 128 3.62 -0.77 -42.22
C PRO F 128 4.10 0.61 -41.83
N LEU F 129 3.94 1.59 -42.72
CA LEU F 129 4.15 2.97 -42.34
C LEU F 129 3.29 3.35 -41.15
N VAL F 130 2.13 2.71 -41.02
CA VAL F 130 1.19 3.09 -40.00
C VAL F 130 1.76 2.85 -38.60
N ASN F 131 2.41 1.72 -38.40
CA ASN F 131 2.68 1.34 -37.01
C ASN F 131 3.76 2.21 -36.33
N THR F 132 4.25 3.30 -36.92
CA THR F 132 5.01 4.28 -36.16
C THR F 132 4.24 4.65 -34.89
N PHE F 133 2.94 4.87 -35.05
CA PHE F 133 1.99 4.73 -33.96
C PHE F 133 1.32 3.37 -34.16
N ILE F 134 1.37 2.54 -33.14
CA ILE F 134 0.78 1.22 -33.29
C ILE F 134 -0.73 1.35 -33.42
N SER F 135 -1.35 0.41 -34.14
CA SER F 135 -2.46 0.71 -35.04
C SER F 135 -3.80 0.94 -34.33
N VAL F 136 -4.87 0.89 -35.14
CA VAL F 136 -6.20 1.46 -34.92
C VAL F 136 -7.06 0.42 -34.20
N PRO F 137 -8.31 0.72 -33.85
CA PRO F 137 -9.24 -0.35 -33.49
C PRO F 137 -9.33 -1.42 -34.57
N LYS F 138 -9.43 -2.67 -34.12
CA LYS F 138 -9.53 -3.78 -35.06
C LYS F 138 -10.97 -4.25 -35.24
N ASP F 139 -11.93 -3.34 -35.06
CA ASP F 139 -13.33 -3.68 -35.31
C ASP F 139 -13.93 -2.88 -36.46
N LYS F 140 -13.71 -1.56 -36.49
CA LYS F 140 -14.40 -0.72 -37.44
C LYS F 140 -13.71 -0.60 -38.78
N GLY F 141 -12.40 -0.40 -38.80
CA GLY F 141 -11.73 -0.12 -40.05
C GLY F 141 -10.79 -1.20 -40.50
N SER F 142 -11.24 -2.03 -41.44
CA SER F 142 -10.39 -3.11 -41.94
C SER F 142 -9.14 -2.57 -42.60
N LEU F 143 -9.25 -1.40 -43.23
CA LEU F 143 -8.14 -0.84 -44.00
C LEU F 143 -7.57 0.36 -43.24
N ASN F 144 -6.28 0.62 -43.48
CA ASN F 144 -5.55 1.61 -42.70
C ASN F 144 -4.61 2.41 -43.60
N CYS F 145 -3.65 3.10 -42.98
CA CYS F 145 -2.62 3.81 -43.74
C CYS F 145 -2.08 3.03 -44.92
N ALA F 146 -2.07 1.71 -44.79
CA ALA F 146 -1.67 0.84 -45.87
C ALA F 146 -2.19 1.38 -47.20
N ASN F 147 -3.42 1.87 -47.19
CA ASN F 147 -3.97 2.49 -48.39
C ASN F 147 -3.29 3.83 -48.68
N PHE F 148 -2.88 4.57 -47.66
CA PHE F 148 -2.23 5.87 -47.94
C PHE F 148 -0.86 5.68 -48.59
N THR F 149 -0.11 4.68 -48.12
CA THR F 149 1.11 4.32 -48.81
C THR F 149 0.80 3.84 -50.22
N ALA F 150 -0.24 3.04 -50.38
CA ALA F 150 -0.67 2.64 -51.71
C ALA F 150 -1.00 3.84 -52.57
N GLY F 151 -1.48 4.92 -51.96
CA GLY F 151 -1.75 6.14 -52.70
C GLY F 151 -0.46 6.78 -53.20
N ILE F 152 0.56 6.83 -52.36
CA ILE F 152 1.84 7.34 -52.84
C ILE F 152 2.35 6.48 -53.99
N VAL F 153 2.16 5.17 -53.86
CA VAL F 153 2.57 4.23 -54.90
C VAL F 153 1.85 4.55 -56.20
N GLU F 154 0.55 4.74 -56.11
CA GLU F 154 -0.24 5.02 -57.30
C GLU F 154 0.23 6.30 -57.95
N ALA F 155 0.53 7.32 -57.13
CA ALA F 155 1.03 8.57 -57.68
C ALA F 155 2.28 8.35 -58.49
N VAL F 156 3.27 7.67 -57.89
CA VAL F 156 4.53 7.54 -58.61
C VAL F 156 4.36 6.67 -59.86
N LEU F 157 3.58 5.60 -59.77
CA LEU F 157 3.40 4.76 -60.95
C LEU F 157 2.75 5.56 -62.07
N THR F 158 1.61 6.19 -61.78
CA THR F 158 0.88 6.88 -62.81
C THR F 158 1.63 8.11 -63.30
N ASN F 159 2.59 8.61 -62.53
CA ASN F 159 3.34 9.74 -63.04
C ASN F 159 4.56 9.32 -63.83
N CYS F 160 5.12 8.16 -63.52
CA CYS F 160 6.12 7.57 -64.40
C CYS F 160 5.58 7.25 -65.78
N GLY F 161 4.28 7.02 -65.89
CA GLY F 161 3.71 6.47 -67.08
C GLY F 161 3.01 5.17 -66.86
N PHE F 162 2.40 4.98 -65.71
CA PHE F 162 1.85 3.67 -65.34
C PHE F 162 0.62 3.88 -64.48
N PRO F 163 -0.48 4.31 -65.09
CA PRO F 163 -1.74 4.39 -64.33
C PRO F 163 -2.08 3.02 -63.78
N CYS F 164 -2.40 2.99 -62.49
CA CYS F 164 -2.67 1.72 -61.85
C CYS F 164 -3.56 1.96 -60.64
N LYS F 165 -4.28 0.92 -60.26
CA LYS F 165 -5.11 0.93 -59.06
C LYS F 165 -4.49 -0.05 -58.07
N VAL F 166 -4.39 0.34 -56.80
CA VAL F 166 -3.65 -0.43 -55.82
C VAL F 166 -4.54 -0.71 -54.61
N THR F 167 -4.55 -1.96 -54.17
CA THR F 167 -5.32 -2.37 -53.01
C THR F 167 -4.36 -2.82 -51.91
N ALA F 168 -4.66 -2.41 -50.69
CA ALA F 168 -3.87 -2.80 -49.52
C ALA F 168 -4.61 -3.90 -48.78
N HIS F 169 -3.93 -5.02 -48.55
CA HIS F 169 -4.55 -6.15 -47.88
C HIS F 169 -3.75 -6.55 -46.66
N TRP F 170 -4.47 -6.98 -45.63
CA TRP F 170 -3.85 -7.47 -44.40
C TRP F 170 -3.57 -8.97 -44.54
N HIS F 171 -2.89 -9.28 -45.64
CA HIS F 171 -2.48 -10.63 -45.96
C HIS F 171 -0.97 -10.68 -45.99
N LYS F 172 -0.38 -11.56 -45.19
CA LYS F 172 1.07 -11.64 -45.03
C LYS F 172 1.63 -10.27 -44.65
N GLY F 173 1.04 -9.70 -43.61
CA GLY F 173 1.39 -8.35 -43.24
C GLY F 173 0.89 -7.38 -44.28
N THR F 174 1.38 -6.15 -44.16
CA THR F 174 1.02 -5.11 -45.11
C THR F 174 1.43 -5.51 -46.51
N THR F 175 0.46 -5.84 -47.34
CA THR F 175 0.74 -6.21 -48.72
C THR F 175 -0.06 -5.30 -49.64
N TYR F 176 0.35 -5.28 -50.90
CA TYR F 176 -0.28 -4.45 -51.92
C TYR F 176 -0.50 -5.28 -53.17
N MET F 177 -1.34 -4.75 -54.04
CA MET F 177 -1.61 -5.34 -55.33
C MET F 177 -1.82 -4.20 -56.32
N VAL F 178 -1.26 -4.33 -57.51
CA VAL F 178 -1.29 -3.27 -58.50
C VAL F 178 -1.99 -3.76 -59.76
N LYS F 179 -2.91 -2.95 -60.26
CA LYS F 179 -3.65 -3.11 -61.52
C LYS F 179 -3.23 -2.01 -62.48
N PHE F 180 -2.28 -2.33 -63.36
CA PHE F 180 -1.71 -1.35 -64.26
C PHE F 180 -2.75 -0.87 -65.28
N GLU F 181 -2.29 -0.02 -66.19
CA GLU F 181 -3.15 0.51 -67.22
C GLU F 181 -3.14 -0.37 -68.46
N ASP F 182 -4.31 -0.53 -69.07
CA ASP F 182 -4.46 -1.43 -70.21
C ASP F 182 -3.60 -1.00 -71.39
N PHE F 183 -3.67 0.28 -71.76
CA PHE F 183 -2.80 0.75 -72.83
C PHE F 183 -1.36 0.53 -72.45
N VAL F 184 -1.02 0.76 -71.19
CA VAL F 184 0.32 0.47 -70.69
C VAL F 184 0.62 -1.01 -70.78
N ILE F 185 -0.32 -1.87 -70.38
CA ILE F 185 -0.03 -3.29 -70.33
C ILE F 185 0.20 -3.83 -71.74
N ALA F 186 -0.61 -3.39 -72.70
CA ALA F 186 -0.33 -3.72 -74.09
C ALA F 186 0.99 -3.13 -74.55
N ARG F 187 1.30 -1.91 -74.11
CA ARG F 187 2.48 -1.23 -74.61
C ARG F 187 3.74 -1.97 -74.21
N ASP F 188 3.85 -2.37 -72.95
CA ASP F 188 5.06 -3.08 -72.55
C ASP F 188 5.03 -4.51 -73.06
N LYS F 189 3.85 -5.13 -73.09
CA LYS F 189 3.72 -6.46 -73.66
C LYS F 189 4.26 -6.46 -75.09
N GLN F 190 4.08 -5.34 -75.79
CA GLN F 190 4.67 -5.21 -77.11
C GLN F 190 6.16 -4.96 -77.05
N MET F 191 6.60 -4.01 -76.22
CA MET F 191 8.05 -3.83 -76.14
C MET F 191 8.71 -4.81 -75.20
N GLU F 192 8.11 -5.98 -74.97
CA GLU F 192 8.84 -7.05 -74.32
C GLU F 192 10.06 -7.46 -75.17
N GLU F 193 9.99 -7.22 -76.47
CA GLU F 193 11.14 -7.36 -77.35
C GLU F 193 11.59 -5.98 -77.83
N LYS F 194 12.83 -5.92 -78.31
CA LYS F 194 13.30 -4.72 -79.00
C LYS F 194 13.64 -5.08 -80.45
N ALA G 10 16.89 8.00 -32.78
CA ALA G 10 17.47 8.02 -34.13
C ALA G 10 16.56 8.77 -35.10
N LYS G 11 15.29 8.81 -34.73
CA LYS G 11 14.18 9.40 -35.49
C LYS G 11 13.77 8.54 -36.67
N LYS G 12 14.65 7.63 -37.12
CA LYS G 12 14.35 6.69 -38.20
C LYS G 12 13.44 7.21 -39.30
N VAL G 13 13.59 8.45 -39.76
CA VAL G 13 12.70 8.98 -40.79
C VAL G 13 13.34 10.19 -41.44
N ASN G 14 12.90 10.49 -42.65
CA ASN G 14 13.47 11.51 -43.51
C ASN G 14 12.67 12.81 -43.38
N SER G 15 13.39 13.92 -43.24
CA SER G 15 12.76 15.21 -42.96
C SER G 15 11.75 15.60 -44.05
N GLU G 16 12.05 15.27 -45.29
CA GLU G 16 11.13 15.64 -46.37
C GLU G 16 9.80 14.91 -46.25
N PHE G 17 9.79 13.69 -45.72
CA PHE G 17 8.53 12.95 -45.65
C PHE G 17 7.58 13.59 -44.65
N LEU G 18 8.11 14.03 -43.52
CA LEU G 18 7.29 14.80 -42.59
C LEU G 18 6.84 16.10 -43.23
N THR G 19 7.72 16.75 -43.99
CA THR G 19 7.30 17.97 -44.66
C THR G 19 6.16 17.72 -45.64
N LEU G 20 6.23 16.62 -46.38
CA LEU G 20 5.15 16.28 -47.32
C LEU G 20 3.85 15.97 -46.60
N THR G 21 3.91 15.29 -45.46
CA THR G 21 2.66 15.07 -44.73
C THR G 21 2.07 16.38 -44.26
N TYR G 22 2.90 17.30 -43.79
CA TYR G 22 2.37 18.59 -43.34
C TYR G 22 1.80 19.38 -44.52
N GLY G 23 2.46 19.34 -45.68
CA GLY G 23 1.89 19.99 -46.84
C GLY G 23 0.58 19.35 -47.26
N ALA G 24 0.48 18.03 -47.13
CA ALA G 24 -0.78 17.36 -47.42
C ALA G 24 -1.90 17.91 -46.55
N LEU G 25 -1.62 18.01 -45.25
CA LEU G 25 -2.59 18.64 -44.36
C LEU G 25 -2.99 20.03 -44.84
N VAL G 26 -2.00 20.89 -45.08
CA VAL G 26 -2.33 22.28 -45.34
C VAL G 26 -3.14 22.41 -46.61
N THR G 27 -2.72 21.70 -47.65
CA THR G 27 -3.45 21.78 -48.91
C THR G 27 -4.85 21.22 -48.74
N GLN G 28 -4.98 20.13 -48.00
CA GLN G 28 -6.29 19.52 -47.81
C GLN G 28 -7.20 20.44 -47.03
N MET G 29 -6.66 21.21 -46.10
CA MET G 29 -7.48 22.17 -45.38
C MET G 29 -7.93 23.28 -46.31
N LEU G 30 -6.98 23.81 -47.10
CA LEU G 30 -7.34 24.87 -48.04
C LEU G 30 -8.48 24.40 -48.95
N ARG G 31 -8.48 23.12 -49.30
CA ARG G 31 -9.56 22.59 -50.12
C ARG G 31 -10.85 22.46 -49.30
N ASP G 32 -10.82 21.62 -48.27
CA ASP G 32 -12.05 21.25 -47.57
C ASP G 32 -12.75 22.48 -47.02
N PHE G 33 -11.98 23.40 -46.44
CA PHE G 33 -12.53 24.61 -45.87
C PHE G 33 -11.97 25.82 -46.62
N GLU G 34 -12.85 26.74 -46.97
CA GLU G 34 -12.49 27.80 -47.92
C GLU G 34 -11.60 28.86 -47.27
N ASN G 35 -11.78 29.10 -45.98
CA ASN G 35 -11.18 30.23 -45.31
C ASN G 35 -9.92 29.84 -44.56
N ALA G 36 -8.94 30.75 -44.59
CA ALA G 36 -7.69 30.53 -43.87
C ALA G 36 -7.89 30.54 -42.36
N GLU G 37 -8.80 31.38 -41.87
CA GLU G 37 -9.01 31.47 -40.44
C GLU G 37 -9.51 30.15 -39.88
N ASP G 38 -10.45 29.51 -40.57
CA ASP G 38 -10.94 28.22 -40.12
C ASP G 38 -9.88 27.14 -40.19
N VAL G 39 -9.18 27.05 -41.31
CA VAL G 39 -8.20 25.99 -41.43
C VAL G 39 -7.09 26.21 -40.40
N ASN G 40 -6.78 27.46 -40.10
CA ASN G 40 -5.77 27.74 -39.10
C ASN G 40 -6.24 27.38 -37.71
N LYS G 41 -7.46 27.74 -37.36
CA LYS G 41 -7.94 27.36 -36.04
C LYS G 41 -8.08 25.85 -35.93
N GLN G 42 -8.46 25.20 -37.02
CA GLN G 42 -8.56 23.75 -37.04
C GLN G 42 -7.20 23.11 -36.80
N LEU G 43 -6.17 23.59 -37.50
CA LEU G 43 -4.85 23.02 -37.30
C LEU G 43 -4.34 23.35 -35.91
N GLU G 44 -4.69 24.51 -35.38
CA GLU G 44 -4.28 24.83 -34.02
C GLU G 44 -4.92 23.89 -33.03
N ARG G 45 -6.15 23.47 -33.30
CA ARG G 45 -6.77 22.46 -32.47
C ARG G 45 -6.04 21.12 -32.57
N ILE G 46 -5.70 20.71 -33.79
CA ILE G 46 -5.01 19.44 -33.90
C ILE G 46 -3.63 19.52 -33.24
N GLY G 47 -3.01 20.70 -33.26
CA GLY G 47 -1.73 20.86 -32.59
C GLY G 47 -1.87 20.90 -31.07
N TYR G 48 -2.94 21.53 -30.59
CA TYR G 48 -3.29 21.41 -29.19
C TYR G 48 -3.38 19.95 -28.80
N ASN G 49 -3.92 19.13 -29.67
CA ASN G 49 -4.10 17.74 -29.28
C ASN G 49 -2.80 16.96 -29.50
N MET G 50 -1.96 17.45 -30.40
CA MET G 50 -0.57 16.99 -30.46
C MET G 50 0.10 17.14 -29.11
N GLY G 51 0.03 18.34 -28.54
CA GLY G 51 0.81 18.65 -27.36
C GLY G 51 0.51 17.73 -26.20
N MET G 52 -0.76 17.30 -26.10
CA MET G 52 -1.15 16.39 -25.04
C MET G 52 -0.39 15.06 -25.09
N ARG G 53 0.26 14.76 -26.20
CA ARG G 53 1.11 13.58 -26.27
C ARG G 53 2.58 13.92 -26.43
N LEU G 54 2.86 15.06 -27.08
CA LEU G 54 4.24 15.52 -27.20
C LEU G 54 4.85 15.77 -25.84
N ILE G 55 4.11 16.39 -24.93
CA ILE G 55 4.70 16.74 -23.65
C ILE G 55 4.94 15.49 -22.81
N GLU G 56 4.01 14.53 -22.84
CA GLU G 56 4.26 13.30 -22.09
C GLU G 56 5.41 12.50 -22.69
N ASP G 57 5.59 12.57 -24.02
CA ASP G 57 6.75 11.90 -24.61
C ASP G 57 8.04 12.56 -24.16
N PHE G 58 8.11 13.89 -24.26
CA PHE G 58 9.31 14.60 -23.84
C PHE G 58 9.57 14.40 -22.37
N LEU G 59 8.55 14.05 -21.60
CA LEU G 59 8.78 13.65 -20.23
C LEU G 59 9.27 12.21 -20.13
N ALA G 60 8.79 11.32 -20.99
CA ALA G 60 9.26 9.94 -20.97
C ALA G 60 10.72 9.85 -21.39
N ARG G 61 11.14 10.69 -22.33
CA ARG G 61 12.56 10.77 -22.66
C ARG G 61 13.36 11.32 -21.49
N THR G 62 12.81 12.29 -20.77
CA THR G 62 13.49 12.88 -19.63
C THR G 62 12.48 13.44 -18.65
N SER G 63 12.54 12.97 -17.39
CA SER G 63 11.72 13.55 -16.34
C SER G 63 12.35 14.88 -15.92
N ALA G 64 12.06 15.91 -16.68
CA ALA G 64 12.58 17.23 -16.35
C ALA G 64 11.93 17.73 -15.06
N PRO G 65 12.55 18.69 -14.38
CA PRO G 65 11.90 19.32 -13.22
C PRO G 65 10.65 20.06 -13.64
N ARG G 66 9.69 20.18 -12.72
CA ARG G 66 8.40 20.75 -13.09
C ARG G 66 8.55 22.22 -13.48
N CYS G 67 8.81 23.05 -12.48
CA CYS G 67 9.07 24.46 -12.72
C CYS G 67 9.54 25.12 -11.44
N LEU G 68 10.68 25.78 -11.51
CA LEU G 68 11.04 26.76 -10.50
C LEU G 68 11.05 28.16 -11.09
N GLU G 69 11.26 28.24 -12.40
CA GLU G 69 11.33 29.50 -13.11
C GLU G 69 10.89 29.27 -14.54
N MET G 70 10.65 30.37 -15.24
CA MET G 70 10.18 30.27 -16.61
C MET G 70 11.27 29.71 -17.53
N ARG G 71 12.48 30.29 -17.46
CA ARG G 71 13.50 29.90 -18.42
C ARG G 71 13.88 28.44 -18.25
N GLU G 72 13.56 27.85 -17.09
CA GLU G 72 13.73 26.41 -16.97
C GLU G 72 12.76 25.67 -17.88
N THR G 73 11.50 26.07 -17.88
CA THR G 73 10.58 25.49 -18.86
C THR G 73 11.03 25.83 -20.28
N ALA G 74 11.59 27.03 -20.47
CA ALA G 74 11.97 27.49 -21.80
C ALA G 74 13.07 26.63 -22.38
N ASP G 75 14.10 26.33 -21.60
CA ASP G 75 15.12 25.47 -22.15
C ASP G 75 14.68 24.00 -22.16
N ARG G 76 13.76 23.59 -21.27
CA ARG G 76 13.16 22.26 -21.45
C ARG G 76 12.51 22.14 -22.82
N ILE G 77 11.66 23.09 -23.17
CA ILE G 77 10.95 23.00 -24.44
C ILE G 77 11.91 23.16 -25.61
N GLN G 78 12.95 23.99 -25.48
CA GLN G 78 13.91 24.07 -26.57
C GLN G 78 14.66 22.75 -26.73
N GLN G 79 14.93 22.07 -25.61
CA GLN G 79 15.49 20.73 -25.68
C GLN G 79 14.57 19.82 -26.46
N ALA G 80 13.28 19.85 -26.13
CA ALA G 80 12.31 19.00 -26.82
C ALA G 80 12.26 19.33 -28.31
N PHE G 81 12.27 20.61 -28.65
CA PHE G 81 12.25 21.03 -30.05
C PHE G 81 13.47 20.52 -30.78
N ARG G 82 14.63 20.60 -30.14
CA ARG G 82 15.81 20.01 -30.73
C ARG G 82 15.73 18.49 -30.74
N ILE G 83 14.83 17.90 -29.96
CA ILE G 83 14.73 16.44 -29.95
C ILE G 83 14.03 15.94 -31.20
N TYR G 84 12.74 16.23 -31.33
CA TYR G 84 11.94 15.66 -32.39
C TYR G 84 12.20 16.31 -33.73
N LEU G 85 12.47 17.61 -33.73
CA LEU G 85 12.79 18.33 -34.95
C LEU G 85 14.29 18.39 -35.22
N ASN G 86 15.11 17.79 -34.36
CA ASN G 86 16.54 17.68 -34.55
C ASN G 86 17.22 19.03 -34.74
N ILE G 87 16.57 20.11 -34.30
CA ILE G 87 17.07 21.45 -34.58
C ILE G 87 17.14 22.24 -33.28
N GLN G 88 18.32 22.74 -32.98
CA GLN G 88 18.54 23.46 -31.74
C GLN G 88 17.87 24.82 -31.81
N PRO G 89 16.89 25.10 -30.97
CA PRO G 89 16.31 26.44 -30.92
C PRO G 89 17.18 27.34 -30.06
N THR G 90 16.75 28.58 -29.95
CA THR G 90 17.51 29.59 -29.21
C THR G 90 16.53 30.54 -28.54
N ILE G 91 16.43 30.43 -27.23
CA ILE G 91 15.52 31.27 -26.47
C ILE G 91 16.07 32.69 -26.45
N SER G 92 15.18 33.68 -26.41
CA SER G 92 15.60 35.07 -26.36
C SER G 92 14.42 35.91 -25.89
N ASN G 93 14.65 37.22 -25.86
CA ASN G 93 13.60 38.23 -25.69
C ASN G 93 12.73 37.94 -24.47
N TRP G 94 13.32 38.08 -23.28
CA TRP G 94 12.53 37.92 -22.07
C TRP G 94 11.72 39.15 -21.73
N SER G 95 10.70 38.92 -20.92
CA SER G 95 9.99 39.99 -20.25
C SER G 95 10.92 40.69 -19.27
N PRO G 96 10.66 41.96 -18.97
CA PRO G 96 11.24 42.54 -17.76
C PRO G 96 10.88 41.70 -16.55
N ALA G 97 9.69 41.11 -16.59
CA ALA G 97 9.23 40.22 -15.54
C ALA G 97 9.66 38.78 -15.74
N SER G 98 10.46 38.50 -16.76
CA SER G 98 10.99 37.16 -17.01
C SER G 98 9.89 36.14 -17.25
N ASP G 99 8.64 36.58 -17.31
CA ASP G 99 7.56 35.64 -17.46
C ASP G 99 7.44 35.08 -18.86
N GLU G 100 7.68 35.91 -19.87
CA GLU G 100 7.46 35.51 -21.24
C GLU G 100 8.74 35.68 -22.05
N PHE G 101 8.98 34.75 -22.96
CA PHE G 101 10.17 34.74 -23.80
C PHE G 101 9.77 34.49 -25.24
N SER G 102 10.77 34.52 -26.11
CA SER G 102 10.60 34.26 -27.52
C SER G 102 11.45 33.05 -27.92
N LEU G 103 10.99 32.32 -28.93
CA LEU G 103 11.61 31.08 -29.37
C LEU G 103 11.96 31.16 -30.83
N VAL G 104 13.11 30.62 -31.20
CA VAL G 104 13.70 30.83 -32.51
C VAL G 104 13.92 29.48 -33.18
N PHE G 105 13.36 29.32 -34.38
CA PHE G 105 13.64 28.20 -35.25
C PHE G 105 14.19 28.75 -36.56
N ASP G 106 15.40 28.30 -36.92
CA ASP G 106 15.99 28.78 -38.16
C ASP G 106 15.24 28.26 -39.36
N SER G 107 14.82 27.00 -39.31
CA SER G 107 14.19 26.38 -40.47
C SER G 107 13.45 25.14 -39.98
N ASN G 108 12.13 25.18 -40.07
CA ASN G 108 11.33 24.06 -39.63
C ASN G 108 11.15 23.10 -40.78
N PRO G 109 11.48 21.81 -40.61
CA PRO G 109 11.14 20.84 -41.67
C PRO G 109 9.70 20.95 -42.10
N LEU G 110 8.82 21.21 -41.15
CA LEU G 110 7.43 21.51 -41.48
C LEU G 110 7.33 22.81 -42.26
N THR G 111 7.90 23.88 -41.73
CA THR G 111 7.76 25.18 -42.39
C THR G 111 8.50 25.20 -43.71
N GLU G 112 9.69 24.63 -43.75
CA GLU G 112 10.51 24.71 -44.94
C GLU G 112 10.13 23.59 -45.91
N PHE G 113 10.72 23.66 -47.11
CA PHE G 113 10.31 22.96 -48.31
C PHE G 113 8.91 23.36 -48.76
N VAL G 114 8.41 24.50 -48.29
CA VAL G 114 7.12 25.02 -48.69
C VAL G 114 7.19 26.54 -48.64
N GLU G 115 6.80 27.20 -49.72
CA GLU G 115 6.49 28.62 -49.69
C GLU G 115 5.00 28.77 -49.91
N LEU G 116 4.52 30.01 -49.90
CA LEU G 116 3.08 30.26 -49.81
C LEU G 116 2.57 31.06 -51.00
N PRO G 117 1.49 30.62 -51.62
CA PRO G 117 0.82 31.42 -52.64
C PRO G 117 0.32 32.72 -52.04
N PRO G 118 0.43 33.82 -52.77
CA PRO G 118 0.20 35.15 -52.17
C PRO G 118 -1.21 35.37 -51.67
N ASP G 119 -2.17 34.58 -52.11
CA ASP G 119 -3.53 34.74 -51.62
C ASP G 119 -3.65 34.44 -50.14
N LEU G 120 -2.75 33.61 -49.59
CA LEU G 120 -2.90 33.12 -48.23
C LEU G 120 -2.10 33.92 -47.20
N THR G 121 -2.00 35.23 -47.37
CA THR G 121 -1.22 36.03 -46.44
C THR G 121 -1.82 35.99 -45.04
N ASN G 122 -3.15 36.07 -44.93
CA ASN G 122 -3.78 36.02 -43.62
C ASN G 122 -3.64 34.63 -42.98
N LEU G 123 -3.25 33.61 -43.73
CA LEU G 123 -2.94 32.34 -43.12
C LEU G 123 -1.67 32.47 -42.27
N ARG G 124 -1.69 31.85 -41.10
CA ARG G 124 -0.49 31.61 -40.31
C ARG G 124 -0.18 30.12 -40.44
N TYR G 125 0.89 29.81 -41.17
CA TYR G 125 1.09 28.46 -41.69
C TYR G 125 1.49 27.48 -40.60
N SER G 126 2.65 27.69 -39.99
CA SER G 126 3.23 26.71 -39.08
C SER G 126 2.59 26.74 -37.70
N ALA G 127 1.41 27.34 -37.58
CA ALA G 127 0.73 27.49 -36.29
C ALA G 127 0.47 26.15 -35.60
N ILE G 128 0.67 25.04 -36.29
CA ILE G 128 0.57 23.74 -35.63
C ILE G 128 1.52 23.67 -34.46
N LEU G 129 2.66 24.34 -34.55
CA LEU G 129 3.60 24.32 -33.42
C LEU G 129 3.06 25.10 -32.24
N SER G 130 2.44 26.25 -32.48
CA SER G 130 1.85 26.98 -31.37
C SER G 130 0.78 26.12 -30.70
N GLY G 131 -0.04 25.46 -31.50
CA GLY G 131 -0.99 24.51 -30.92
C GLY G 131 -0.30 23.43 -30.12
N CYS G 132 0.82 22.92 -30.64
CA CYS G 132 1.58 21.89 -29.94
C CYS G 132 2.00 22.38 -28.58
N ILE G 133 2.54 23.59 -28.53
CA ILE G 133 2.97 24.18 -27.27
C ILE G 133 1.80 24.31 -26.33
N ARG G 134 0.67 24.80 -26.84
CA ARG G 134 -0.49 25.01 -26.00
C ARG G 134 -0.93 23.71 -25.33
N GLY G 135 -1.26 22.71 -26.14
CA GLY G 135 -1.73 21.45 -25.58
C GLY G 135 -0.69 20.77 -24.72
N ALA G 136 0.57 20.91 -25.09
CA ALA G 136 1.66 20.37 -24.28
C ALA G 136 1.69 21.03 -22.91
N LEU G 137 1.44 22.33 -22.85
CA LEU G 137 1.45 23.00 -21.56
C LEU G 137 0.16 22.74 -20.78
N GLU G 138 -0.91 22.38 -21.47
CA GLU G 138 -2.15 22.20 -20.74
C GLU G 138 -2.28 20.79 -20.17
N MET G 139 -1.74 19.79 -20.85
CA MET G 139 -1.70 18.48 -20.21
C MET G 139 -0.73 18.48 -19.03
N VAL G 140 0.21 19.41 -19.02
CA VAL G 140 1.17 19.51 -17.93
C VAL G 140 0.60 20.52 -16.95
N GLN G 141 -0.69 20.82 -17.11
CA GLN G 141 -1.42 21.74 -16.24
C GLN G 141 -0.65 23.05 -16.04
N LEU G 142 -0.34 23.71 -17.15
CA LEU G 142 0.43 24.94 -17.12
C LEU G 142 -0.11 25.90 -18.16
N GLU G 143 -0.48 27.09 -17.72
CA GLU G 143 -1.26 27.99 -18.55
C GLU G 143 -0.33 28.99 -19.24
N VAL G 144 -0.27 28.92 -20.56
CA VAL G 144 0.62 29.76 -21.35
C VAL G 144 -0.08 30.18 -22.65
N GLN G 145 0.35 31.32 -23.19
CA GLN G 145 -0.10 31.80 -24.48
C GLN G 145 1.09 31.86 -25.43
N CYS G 146 0.93 31.28 -26.62
CA CYS G 146 2.01 31.19 -27.59
C CYS G 146 1.47 31.47 -28.97
N TRP G 147 2.11 32.43 -29.65
CA TRP G 147 1.82 32.75 -31.03
C TRP G 147 3.12 33.15 -31.69
N PHE G 148 3.21 32.89 -32.99
CA PHE G 148 4.45 33.12 -33.72
C PHE G 148 4.49 34.61 -34.03
N VAL G 149 5.27 35.35 -33.25
CA VAL G 149 5.39 36.79 -33.52
C VAL G 149 6.07 37.03 -34.85
N GLN G 150 7.00 36.17 -35.24
CA GLN G 150 7.57 36.20 -36.59
C GLN G 150 7.63 34.78 -37.15
N ASP G 151 7.32 34.64 -38.43
CA ASP G 151 7.32 33.35 -39.11
C ASP G 151 8.24 33.41 -40.32
N GLN G 152 8.97 32.31 -40.53
CA GLN G 152 9.95 32.27 -41.61
C GLN G 152 9.32 32.65 -42.95
N LEU G 153 8.05 32.27 -43.15
CA LEU G 153 7.42 32.47 -44.45
C LEU G 153 7.05 33.92 -44.69
N LYS G 154 6.65 34.65 -43.65
CA LYS G 154 6.13 36.00 -43.82
C LYS G 154 7.18 37.02 -44.20
N GLY G 155 8.42 36.61 -44.47
CA GLY G 155 9.50 37.54 -44.67
C GLY G 155 10.35 37.75 -43.44
N ASP G 156 9.96 37.17 -42.31
CA ASP G 156 10.79 37.18 -41.13
C ASP G 156 12.04 36.33 -41.35
N ASN G 157 13.13 36.75 -40.72
CA ASN G 157 14.38 36.00 -40.86
C ASN G 157 14.21 34.55 -40.46
N VAL G 158 13.66 34.32 -39.26
CA VAL G 158 13.40 32.97 -38.76
C VAL G 158 12.16 33.01 -37.90
N THR G 159 11.50 31.86 -37.80
CA THR G 159 10.24 31.79 -37.07
C THR G 159 10.45 32.21 -35.62
N GLU G 160 9.72 33.24 -35.20
CA GLU G 160 9.77 33.71 -33.83
C GLU G 160 8.40 33.58 -33.18
N LEU G 161 8.39 33.06 -31.96
CA LEU G 161 7.20 32.81 -31.20
C LEU G 161 7.14 33.79 -30.04
N ARG G 162 5.99 33.81 -29.36
CA ARG G 162 5.88 34.35 -28.01
C ARG G 162 5.39 33.24 -27.10
N VAL G 163 5.75 33.32 -25.82
CA VAL G 163 5.40 32.29 -24.85
C VAL G 163 4.96 33.02 -23.58
N LYS G 164 3.65 33.28 -23.46
CA LYS G 164 3.08 34.14 -22.41
C LYS G 164 2.48 33.26 -21.32
N PHE G 165 3.22 33.05 -20.24
CA PHE G 165 2.82 32.10 -19.20
C PHE G 165 1.99 32.86 -18.18
N VAL G 166 0.68 32.97 -18.46
CA VAL G 166 -0.15 33.91 -17.72
C VAL G 166 -0.28 33.49 -16.27
N ARG G 167 -0.37 32.19 -16.01
CA ARG G 167 -0.58 31.74 -14.63
C ARG G 167 -0.29 30.24 -14.54
N ARG G 168 -0.59 29.67 -13.38
CA ARG G 168 -0.23 28.32 -13.02
C ARG G 168 -1.47 27.47 -12.79
N LEU G 169 -1.34 26.17 -13.08
CA LEU G 169 -2.38 25.19 -12.78
C LEU G 169 -1.84 23.92 -12.12
N GLU G 170 -0.53 23.71 -12.08
CA GLU G 170 0.09 22.56 -11.41
C GLU G 170 0.85 23.04 -10.19
N GLU G 171 0.53 22.45 -9.03
CA GLU G 171 1.03 22.93 -7.76
C GLU G 171 2.35 22.24 -7.41
N VAL G 172 2.88 22.58 -6.22
CA VAL G 172 4.17 22.03 -5.79
C VAL G 172 4.05 20.56 -5.39
N ILE G 173 2.92 20.18 -4.80
CA ILE G 173 2.65 18.77 -4.51
C ILE G 173 1.95 18.15 -5.72
N PRO G 174 2.30 16.93 -6.13
CA PRO G 174 1.67 16.35 -7.33
C PRO G 174 0.21 15.98 -7.15
N ALA G 175 -0.42 16.39 -6.04
CA ALA G 175 -1.87 16.27 -5.94
C ALA G 175 -2.57 17.20 -6.94
N GLY G 176 -2.19 18.47 -6.94
CA GLY G 176 -2.70 19.45 -7.90
C GLY G 176 -4.20 19.69 -7.88
N GLU G 177 -4.64 20.66 -8.67
CA GLU G 177 -6.06 20.99 -8.80
C GLU G 177 -6.61 20.37 -10.08
N ASP G 178 -7.68 19.58 -9.94
CA ASP G 178 -8.25 18.86 -11.07
C ASP G 178 -9.72 18.49 -10.84
N MET H 1 1.16 -42.46 72.63
CA MET H 1 1.81 -41.33 71.97
C MET H 1 0.74 -40.29 71.68
N ALA H 2 0.09 -39.78 72.72
CA ALA H 2 -1.05 -38.90 72.57
C ALA H 2 -0.53 -37.49 72.29
N PHE H 3 -0.83 -36.99 71.11
CA PHE H 3 -0.53 -35.62 70.79
C PHE H 3 -1.76 -34.79 71.04
N CYS H 4 -1.89 -34.28 72.25
CA CYS H 4 -2.91 -33.28 72.51
C CYS H 4 -2.49 -32.05 71.73
N ILE H 5 -2.99 -31.94 70.51
CA ILE H 5 -2.77 -30.74 69.73
C ILE H 5 -3.44 -29.59 70.45
N ALA H 6 -2.80 -28.43 70.43
CA ALA H 6 -3.40 -27.23 70.99
C ALA H 6 -2.72 -26.03 70.34
N VAL H 7 -3.42 -25.39 69.44
CA VAL H 7 -3.08 -24.04 69.08
C VAL H 7 -3.71 -23.11 70.09
N ILE H 8 -3.03 -22.03 70.42
CA ILE H 8 -3.54 -21.05 71.35
C ILE H 8 -3.56 -19.71 70.63
N GLY H 9 -4.51 -18.86 70.96
CA GLY H 9 -4.60 -17.58 70.31
C GLY H 9 -3.59 -16.63 70.91
N LYS H 10 -4.02 -15.42 71.22
CA LYS H 10 -3.24 -14.59 72.12
C LYS H 10 -3.25 -15.19 73.51
N ASP H 11 -4.43 -15.53 74.01
CA ASP H 11 -4.62 -16.16 75.30
C ASP H 11 -5.38 -17.47 75.22
N ASN H 12 -6.49 -17.48 74.50
CA ASN H 12 -7.36 -18.65 74.47
C ASN H 12 -6.96 -19.58 73.34
N ALA H 13 -7.59 -20.74 73.33
CA ALA H 13 -7.19 -21.83 72.45
C ALA H 13 -8.17 -21.97 71.30
N PRO H 14 -7.77 -21.65 70.05
CA PRO H 14 -8.69 -21.82 68.91
C PRO H 14 -9.01 -23.28 68.63
N LEU H 15 -8.00 -24.11 68.39
CA LEU H 15 -8.23 -25.54 68.21
C LEU H 15 -7.32 -26.32 69.12
N TYR H 16 -7.91 -27.25 69.85
CA TYR H 16 -7.17 -28.25 70.60
C TYR H 16 -7.96 -29.55 70.58
N LEU H 17 -7.74 -30.32 69.53
CA LEU H 17 -8.33 -31.63 69.35
C LEU H 17 -7.61 -32.62 70.26
N THR H 18 -8.20 -33.79 70.44
CA THR H 18 -7.63 -34.83 71.29
C THR H 18 -7.48 -36.10 70.47
N THR H 19 -6.42 -36.17 69.66
CA THR H 19 -6.24 -37.28 68.75
C THR H 19 -4.78 -37.73 68.74
N SER H 20 -4.56 -38.91 68.18
CA SER H 20 -3.23 -39.54 68.15
C SER H 20 -3.12 -40.32 66.84
N ASP H 21 -2.19 -41.28 66.81
CA ASP H 21 -2.10 -42.17 65.65
C ASP H 21 -3.27 -43.14 65.56
N MET H 22 -3.60 -43.82 66.66
CA MET H 22 -4.55 -44.93 66.58
C MET H 22 -6.00 -44.48 66.62
N GLU H 23 -6.46 -43.96 67.77
CA GLU H 23 -7.82 -43.43 67.87
C GLU H 23 -7.85 -42.37 68.97
N GLN H 24 -9.06 -41.95 69.34
CA GLN H 24 -9.22 -40.74 70.14
C GLN H 24 -8.53 -40.85 71.49
N GLU H 25 -8.32 -39.70 72.10
CA GLU H 25 -7.68 -39.65 73.41
C GLU H 25 -8.75 -39.86 74.47
N LEU H 26 -8.76 -41.06 75.06
CA LEU H 26 -9.73 -41.35 76.11
C LEU H 26 -9.47 -40.53 77.37
N GLU H 27 -8.20 -40.36 77.73
CA GLU H 27 -7.84 -39.87 79.05
C GLU H 27 -8.48 -38.50 79.30
N LEU H 28 -9.07 -38.34 80.49
CA LEU H 28 -9.97 -37.22 80.74
C LEU H 28 -9.22 -36.05 81.39
N GLN H 29 -8.14 -35.61 80.73
CA GLN H 29 -7.35 -34.48 81.21
C GLN H 29 -7.54 -33.26 80.33
N TYR H 30 -8.43 -33.36 79.34
CA TYR H 30 -8.45 -32.41 78.22
C TYR H 30 -8.55 -30.98 78.70
N HIS H 31 -9.68 -30.61 79.31
CA HIS H 31 -9.85 -29.26 79.81
C HIS H 31 -8.76 -28.92 80.82
N VAL H 32 -8.33 -29.91 81.61
CA VAL H 32 -7.23 -29.69 82.54
C VAL H 32 -5.87 -29.86 81.85
N ASN H 33 -5.83 -30.42 80.64
CA ASN H 33 -4.63 -30.28 79.81
C ASN H 33 -4.43 -28.84 79.38
N ALA H 34 -5.51 -28.22 78.89
CA ALA H 34 -5.49 -26.80 78.67
C ALA H 34 -5.11 -26.08 79.95
N ALA H 35 -5.54 -26.61 81.09
CA ALA H 35 -5.07 -26.05 82.35
C ALA H 35 -3.58 -26.32 82.57
N LEU H 36 -3.04 -27.40 82.02
CA LEU H 36 -1.58 -27.57 82.04
C LEU H 36 -0.93 -26.42 81.30
N ASP H 37 -1.53 -26.04 80.19
CA ASP H 37 -1.06 -24.89 79.43
C ASP H 37 -1.22 -23.59 80.21
N VAL H 38 -2.29 -23.49 80.98
CA VAL H 38 -2.51 -22.28 81.77
C VAL H 38 -1.52 -22.19 82.92
N VAL H 39 -1.22 -23.31 83.57
CA VAL H 39 -0.19 -23.31 84.60
C VAL H 39 1.18 -23.08 83.96
N GLU H 40 1.36 -23.49 82.70
CA GLU H 40 2.47 -22.98 81.91
C GLU H 40 2.52 -21.46 81.95
N GLU H 41 1.47 -20.82 81.45
CA GLU H 41 1.51 -19.36 81.39
C GLU H 41 1.42 -18.70 82.77
N LYS H 42 1.22 -19.48 83.85
CA LYS H 42 1.24 -18.95 85.21
C LYS H 42 2.63 -19.03 85.85
N CYS H 43 3.36 -20.12 85.65
CA CYS H 43 4.69 -20.27 86.23
C CYS H 43 5.80 -20.54 85.21
N LEU H 44 5.54 -21.39 84.22
CA LEU H 44 6.51 -21.76 83.20
C LEU H 44 6.71 -20.69 82.14
N ILE H 45 5.75 -19.79 81.95
CA ILE H 45 5.90 -18.76 80.92
C ILE H 45 7.21 -18.01 81.12
N GLY H 46 7.54 -17.70 82.37
CA GLY H 46 8.68 -16.86 82.65
C GLY H 46 8.56 -15.57 81.89
N LYS H 47 9.70 -15.06 81.45
CA LYS H 47 9.74 -14.04 80.40
C LYS H 47 9.95 -14.67 79.04
N GLY H 48 9.65 -15.95 78.91
CA GLY H 48 10.14 -16.66 77.76
C GLY H 48 9.10 -17.26 76.84
N ALA H 49 7.97 -17.71 77.39
CA ALA H 49 7.00 -18.44 76.57
C ALA H 49 6.63 -17.66 75.31
N PRO H 50 6.45 -16.35 75.34
CA PRO H 50 6.43 -15.61 74.07
C PRO H 50 7.82 -15.19 73.64
N GLU H 51 8.18 -15.41 72.37
CA GLU H 51 9.42 -14.91 71.83
C GLU H 51 9.21 -14.38 70.41
N SER H 52 10.27 -13.79 69.85
CA SER H 52 10.27 -13.40 68.46
C SER H 52 11.02 -14.38 67.57
N LYS H 53 11.06 -15.65 67.95
CA LYS H 53 11.71 -16.67 67.13
C LYS H 53 10.76 -17.83 66.87
N GLU H 54 10.98 -18.48 65.73
CA GLU H 54 10.36 -19.78 65.49
C GLU H 54 10.81 -20.72 66.59
N LEU H 55 9.89 -21.07 67.48
CA LEU H 55 10.29 -21.50 68.81
C LEU H 55 10.46 -23.00 68.93
N TYR H 56 11.71 -23.40 69.02
CA TYR H 56 12.10 -24.71 69.53
C TYR H 56 11.90 -24.73 71.04
N LEU H 57 10.91 -25.49 71.51
CA LEU H 57 10.84 -25.82 72.93
C LEU H 57 10.95 -27.32 73.10
N GLY H 58 12.18 -27.80 73.09
CA GLY H 58 12.40 -29.16 73.52
C GLY H 58 12.07 -29.24 74.98
N LEU H 59 10.88 -29.76 75.28
CA LEU H 59 10.44 -29.99 76.65
C LEU H 59 10.54 -28.74 77.50
N LEU H 60 9.79 -27.72 77.10
CA LEU H 60 9.53 -26.61 78.00
C LEU H 60 8.80 -27.09 79.24
N TYR H 61 8.02 -28.16 79.12
CA TYR H 61 7.28 -28.72 80.24
C TYR H 61 7.28 -30.23 80.12
N SER H 62 7.51 -30.92 81.23
CA SER H 62 7.59 -32.36 81.24
C SER H 62 6.87 -32.91 82.47
N THR H 63 6.39 -34.14 82.34
CA THR H 63 5.83 -34.91 83.44
C THR H 63 5.61 -36.34 82.95
N GLU H 64 5.13 -37.21 83.83
CA GLU H 64 5.04 -38.63 83.50
C GLU H 64 4.11 -38.86 82.32
N ASN H 65 4.59 -39.62 81.35
CA ASN H 65 3.81 -40.01 80.17
C ASN H 65 3.20 -38.79 79.46
N HIS H 66 3.79 -37.62 79.67
CA HIS H 66 3.19 -36.39 79.19
C HIS H 66 4.30 -35.37 79.06
N LYS H 67 4.72 -35.07 77.84
CA LYS H 67 5.85 -34.19 77.62
C LYS H 67 5.49 -33.11 76.61
N ILE H 68 5.57 -31.85 77.04
CA ILE H 68 5.14 -30.72 76.22
C ILE H 68 6.33 -30.20 75.43
N TYR H 69 6.12 -30.01 74.14
CA TYR H 69 7.12 -29.42 73.25
C TYR H 69 6.48 -28.22 72.58
N GLY H 70 7.09 -27.05 72.72
CA GLY H 70 6.40 -25.84 72.37
C GLY H 70 6.91 -25.09 71.16
N PHE H 71 6.10 -24.14 70.68
CA PHE H 71 6.46 -23.30 69.55
C PHE H 71 5.63 -22.03 69.60
N VAL H 72 6.23 -20.92 69.19
CA VAL H 72 5.59 -19.61 69.20
C VAL H 72 6.04 -18.82 67.97
N THR H 73 5.13 -18.08 67.38
CA THR H 73 5.37 -17.27 66.20
C THR H 73 5.34 -15.79 66.57
N ASN H 74 5.80 -14.95 65.65
CA ASN H 74 5.77 -13.51 65.89
C ASN H 74 4.36 -13.01 66.13
N THR H 75 3.35 -13.70 65.62
CA THR H 75 1.96 -13.34 65.85
C THR H 75 1.44 -13.84 67.20
N ARG H 76 2.35 -14.27 68.08
CA ARG H 76 2.03 -14.61 69.47
C ARG H 76 1.19 -15.88 69.59
N VAL H 77 1.15 -16.68 68.53
CA VAL H 77 0.39 -17.92 68.56
C VAL H 77 1.22 -18.97 69.27
N LYS H 78 0.58 -19.73 70.15
CA LYS H 78 1.23 -20.80 70.87
C LYS H 78 0.93 -22.12 70.17
N PHE H 79 1.98 -22.80 69.73
CA PHE H 79 1.88 -24.09 69.07
C PHE H 79 2.47 -25.13 70.01
N ILE H 80 1.65 -26.07 70.45
CA ILE H 80 2.13 -27.07 71.40
C ILE H 80 1.55 -28.42 71.07
N VAL H 81 2.41 -29.41 70.87
CA VAL H 81 2.02 -30.81 70.95
C VAL H 81 2.59 -31.31 72.25
N VAL H 82 2.03 -32.41 72.72
CA VAL H 82 2.55 -33.07 73.90
C VAL H 82 3.08 -34.42 73.47
N ILE H 83 4.29 -34.75 73.93
CA ILE H 83 4.83 -36.09 73.81
C ILE H 83 4.22 -36.89 74.97
N ASP H 84 3.13 -37.57 74.68
CA ASP H 84 2.58 -38.51 75.64
C ASP H 84 3.18 -39.89 75.38
N SER H 85 4.48 -39.96 75.63
CA SER H 85 5.18 -41.23 75.71
C SER H 85 6.31 -41.04 76.69
N SER H 86 6.22 -41.73 77.84
CA SER H 86 7.33 -41.76 78.78
C SER H 86 8.64 -41.83 78.04
N ASN H 87 8.71 -42.74 77.06
CA ASN H 87 9.72 -42.66 76.02
C ASN H 87 9.31 -43.59 74.90
N VAL H 88 9.49 -43.13 73.67
CA VAL H 88 9.47 -43.98 72.48
C VAL H 88 10.65 -43.57 71.62
N ALA H 89 11.10 -44.49 70.77
CA ALA H 89 12.27 -44.22 69.96
C ALA H 89 11.89 -43.27 68.84
N LEU H 90 11.63 -42.02 69.21
CA LEU H 90 11.52 -40.93 68.27
C LEU H 90 12.32 -39.77 68.83
N ARG H 91 13.16 -39.18 68.01
CA ARG H 91 14.08 -38.17 68.52
C ARG H 91 13.68 -36.81 67.96
N GLU H 92 14.03 -35.77 68.71
CA GLU H 92 13.45 -34.45 68.51
C GLU H 92 13.49 -33.96 67.07
N ASN H 93 14.30 -34.57 66.22
CA ASN H 93 14.40 -34.10 64.84
C ASN H 93 13.05 -34.17 64.14
N GLU H 94 12.39 -35.31 64.24
CA GLU H 94 11.08 -35.44 63.63
C GLU H 94 10.07 -34.59 64.37
N VAL H 95 10.35 -34.24 65.62
CA VAL H 95 9.49 -33.29 66.32
C VAL H 95 9.62 -31.90 65.71
N ARG H 96 10.84 -31.50 65.37
CA ARG H 96 11.03 -30.24 64.66
C ARG H 96 10.31 -30.27 63.34
N ALA H 97 10.45 -31.37 62.61
CA ALA H 97 9.73 -31.50 61.35
C ALA H 97 8.23 -31.41 61.58
N ILE H 98 7.76 -31.96 62.69
CA ILE H 98 6.33 -31.94 62.97
C ILE H 98 5.87 -30.53 63.27
N PHE H 99 6.68 -29.74 63.96
CA PHE H 99 6.26 -28.37 64.16
C PHE H 99 6.37 -27.56 62.88
N ARG H 100 7.27 -27.95 61.98
CA ARG H 100 7.23 -27.37 60.64
C ARG H 100 5.89 -27.68 59.97
N ASN H 101 5.50 -28.95 60.01
CA ASN H 101 4.26 -29.37 59.36
C ASN H 101 3.07 -28.68 59.99
N LEU H 102 3.05 -28.59 61.32
CA LEU H 102 1.93 -28.00 62.02
C LEU H 102 1.86 -26.52 61.76
N HIS H 103 3.00 -25.85 61.82
CA HIS H 103 3.09 -24.48 61.34
C HIS H 103 2.41 -24.33 60.00
N LEU H 104 2.82 -25.14 59.02
CA LEU H 104 2.32 -24.96 57.67
C LEU H 104 0.82 -25.26 57.58
N LEU H 105 0.37 -26.35 58.22
CA LEU H 105 -1.05 -26.68 58.15
C LEU H 105 -1.90 -25.62 58.83
N TYR H 106 -1.47 -25.14 60.00
CA TYR H 106 -2.20 -24.09 60.67
C TYR H 106 -2.28 -22.84 59.81
N THR H 107 -1.14 -22.45 59.24
CA THR H 107 -1.16 -21.22 58.47
C THR H 107 -1.88 -21.39 57.14
N ASP H 108 -2.04 -22.62 56.67
CA ASP H 108 -2.85 -22.83 55.49
C ASP H 108 -4.34 -22.92 55.80
N ALA H 109 -4.68 -23.30 57.03
CA ALA H 109 -6.04 -23.05 57.49
C ALA H 109 -6.28 -21.56 57.63
N ILE H 110 -5.27 -20.84 58.13
CA ILE H 110 -5.24 -19.39 58.11
C ILE H 110 -5.46 -18.85 56.70
N CYS H 111 -5.01 -19.58 55.69
CA CYS H 111 -5.16 -19.12 54.31
C CYS H 111 -6.61 -18.91 53.91
N ASN H 112 -7.56 -19.52 54.62
CA ASN H 112 -8.98 -19.24 54.38
C ASN H 112 -9.26 -17.75 54.58
N PRO H 113 -9.99 -17.12 53.66
CA PRO H 113 -10.50 -15.78 53.96
C PRO H 113 -11.74 -15.80 54.83
N PHE H 114 -12.58 -16.83 54.67
CA PHE H 114 -13.83 -16.87 55.42
C PHE H 114 -13.58 -17.01 56.92
N TYR H 115 -12.69 -17.90 57.32
CA TYR H 115 -12.48 -18.14 58.75
C TYR H 115 -11.79 -16.96 59.39
N ILE H 116 -12.51 -16.31 60.30
CA ILE H 116 -11.97 -15.19 61.07
C ILE H 116 -10.90 -15.74 62.02
N PRO H 117 -9.74 -15.11 62.09
CA PRO H 117 -8.68 -15.64 62.97
C PRO H 117 -9.04 -15.49 64.44
N GLY H 118 -8.61 -16.46 65.22
CA GLY H 118 -8.92 -16.50 66.63
C GLY H 118 -10.17 -17.25 66.97
N GLU H 119 -10.75 -17.98 66.03
CA GLU H 119 -11.96 -18.73 66.30
C GLU H 119 -11.66 -20.20 66.17
N SER H 120 -12.59 -21.01 66.66
CA SER H 120 -12.43 -22.44 66.62
C SER H 120 -12.19 -22.89 65.19
N LEU H 121 -11.20 -23.75 65.00
CA LEU H 121 -10.85 -24.19 63.65
C LEU H 121 -12.01 -25.00 63.10
N THR H 122 -12.72 -24.39 62.16
CA THR H 122 -13.86 -25.02 61.52
C THR H 122 -13.42 -26.04 60.48
N SER H 123 -12.31 -25.77 59.81
CA SER H 123 -11.88 -26.56 58.66
C SER H 123 -11.75 -28.04 59.01
N LYS H 124 -12.67 -28.85 58.51
CA LYS H 124 -12.45 -30.28 58.45
C LYS H 124 -11.24 -30.61 57.60
N LYS H 125 -10.83 -29.70 56.72
CA LYS H 125 -9.59 -29.89 55.98
C LYS H 125 -8.37 -29.72 56.88
N PHE H 126 -8.34 -28.63 57.65
CA PHE H 126 -7.26 -28.50 58.60
C PHE H 126 -7.35 -29.57 59.66
N ASP H 127 -8.57 -29.99 59.96
CA ASP H 127 -8.73 -31.23 60.70
C ASP H 127 -7.91 -32.32 60.07
N ARG H 128 -8.29 -32.79 58.87
CA ARG H 128 -7.59 -33.94 58.31
C ARG H 128 -6.10 -33.68 58.20
N ALA H 129 -5.70 -32.43 58.12
CA ALA H 129 -4.29 -32.10 58.17
C ALA H 129 -3.69 -32.52 59.51
N VAL H 130 -4.31 -32.08 60.61
CA VAL H 130 -3.86 -32.47 61.94
C VAL H 130 -3.98 -33.97 62.11
N GLN H 131 -5.04 -34.56 61.56
CA GLN H 131 -5.29 -35.98 61.70
C GLN H 131 -4.22 -36.80 61.02
N LYS H 132 -3.78 -36.38 59.84
CA LYS H 132 -2.70 -37.09 59.20
C LYS H 132 -1.43 -36.90 60.00
N LEU H 133 -1.21 -35.69 60.55
CA LEU H 133 -0.05 -35.48 61.40
C LEU H 133 -0.04 -36.49 62.54
N MET H 134 -1.16 -36.63 63.23
CA MET H 134 -1.22 -37.52 64.37
C MET H 134 -1.03 -38.97 63.94
N SER H 135 -1.74 -39.39 62.90
CA SER H 135 -1.67 -40.78 62.44
C SER H 135 -0.28 -41.11 61.94
N GLY H 136 0.48 -40.10 61.50
CA GLY H 136 1.81 -40.35 61.02
C GLY H 136 2.84 -40.37 62.13
N THR H 137 2.95 -39.28 62.88
CA THR H 137 4.05 -39.08 63.81
C THR H 137 3.75 -39.51 65.24
N ALA H 138 2.57 -40.05 65.52
CA ALA H 138 2.33 -40.68 66.81
C ALA H 138 2.59 -42.18 66.71
#